data_8WJ5
# 
_entry.id   8WJ5 
# 
_audit_conform.dict_name       mmcif_pdbx.dic 
_audit_conform.dict_version    5.397 
_audit_conform.dict_location   http://mmcif.pdb.org/dictionaries/ascii/mmcif_pdbx.dic 
# 
loop_
_database_2.database_id 
_database_2.database_code 
_database_2.pdbx_database_accession 
_database_2.pdbx_DOI 
PDB   8WJ5         pdb_00008wj5 10.2210/pdb8wj5/pdb 
WWPDB D_1300041372 ?            ?                   
# 
loop_
_pdbx_audit_revision_history.ordinal 
_pdbx_audit_revision_history.data_content_type 
_pdbx_audit_revision_history.major_revision 
_pdbx_audit_revision_history.minor_revision 
_pdbx_audit_revision_history.revision_date 
1 'Structure model' 1 0 2024-10-02 
2 'Structure model' 1 1 2024-10-16 
# 
_pdbx_audit_revision_details.ordinal             1 
_pdbx_audit_revision_details.revision_ordinal    1 
_pdbx_audit_revision_details.data_content_type   'Structure model' 
_pdbx_audit_revision_details.provider            repository 
_pdbx_audit_revision_details.type                'Initial release' 
_pdbx_audit_revision_details.description         ? 
_pdbx_audit_revision_details.details             ? 
# 
_pdbx_audit_revision_group.ordinal             1 
_pdbx_audit_revision_group.revision_ordinal    2 
_pdbx_audit_revision_group.data_content_type   'Structure model' 
_pdbx_audit_revision_group.group               'Structure summary' 
# 
loop_
_pdbx_audit_revision_category.ordinal 
_pdbx_audit_revision_category.revision_ordinal 
_pdbx_audit_revision_category.data_content_type 
_pdbx_audit_revision_category.category 
1 2 'Structure model' pdbx_entry_details        
2 2 'Structure model' pdbx_modification_feature 
# 
_pdbx_audit_revision_item.ordinal             1 
_pdbx_audit_revision_item.revision_ordinal    2 
_pdbx_audit_revision_item.data_content_type   'Structure model' 
_pdbx_audit_revision_item.item                '_pdbx_entry_details.has_protein_modification' 
# 
_pdbx_database_status.status_code                     REL 
_pdbx_database_status.status_code_sf                  REL 
_pdbx_database_status.status_code_mr                  ? 
_pdbx_database_status.entry_id                        8WJ5 
_pdbx_database_status.recvd_initial_deposition_date   2023-09-25 
_pdbx_database_status.SG_entry                        N 
_pdbx_database_status.deposit_site                    PDBJ 
_pdbx_database_status.process_site                    PDBJ 
_pdbx_database_status.status_code_cs                  ? 
_pdbx_database_status.status_code_nmr_data            ? 
_pdbx_database_status.methods_development_category    ? 
_pdbx_database_status.pdb_format_compatible           Y 
# 
_pdbx_contact_author.id                 3 
_pdbx_contact_author.email              jtame@yokohama-cu.ac.jp 
_pdbx_contact_author.name_first         Jeremy 
_pdbx_contact_author.name_last          Tame 
_pdbx_contact_author.name_mi            R.H. 
_pdbx_contact_author.role               'principal investigator/group leader' 
_pdbx_contact_author.identifier_ORCID   0000-0002-9341-7280 
# 
loop_
_audit_author.name 
_audit_author.pdbx_ordinal 
_audit_author.identifier_ORCID 
'Kamata, K.'   1 0000-0003-4344-8473 
'Tame, J.R.H.' 2 0000-0002-9341-7280 
# 
_citation.abstract                  ? 
_citation.abstract_id_CAS           ? 
_citation.book_id_ISBN              ? 
_citation.book_publisher            ? 
_citation.book_publisher_city       ? 
_citation.book_title                ? 
_citation.coordinate_linkage        ? 
_citation.country                   ? 
_citation.database_id_Medline       ? 
_citation.details                   ? 
_citation.id                        primary 
_citation.journal_abbrev            'To Be Published' 
_citation.journal_id_ASTM           ? 
_citation.journal_id_CSD            0353 
_citation.journal_id_ISSN           ? 
_citation.journal_full              ? 
_citation.journal_issue             ? 
_citation.journal_volume            ? 
_citation.language                  ? 
_citation.page_first                ? 
_citation.page_last                 ? 
_citation.title                     'Making the unphasable feasible' 
_citation.year                      ? 
_citation.database_id_CSD           ? 
_citation.pdbx_database_id_DOI      ? 
_citation.pdbx_database_id_PubMed   ? 
_citation.pdbx_database_id_patent   ? 
_citation.unpublished_flag          ? 
# 
loop_
_citation_author.citation_id 
_citation_author.name 
_citation_author.ordinal 
_citation_author.identifier_ORCID 
primary 'Kamata, K.'   1 0000-0003-4344-8473 
primary 'Tame, J.R.H.' 2 0000-0002-9341-7280 
# 
loop_
_entity.id 
_entity.type 
_entity.src_method 
_entity.pdbx_description 
_entity.formula_weight 
_entity.pdbx_number_of_molecules 
_entity.pdbx_ec 
_entity.pdbx_mutation 
_entity.pdbx_fragment 
_entity.details 
1 polymer     man 'Uncharacterized protein YdcD'                        16516.586 1   ? ? ? ? 
2 non-polymer syn 'CHLORIDE ION'                                        35.453    1   ? ? ? ? 
3 non-polymer syn '4-(2-HYDROXYETHYL)-1-PIPERAZINE ETHANESULFONIC ACID' 238.305   1   ? ? ? ? 
4 water       nat water                                                 18.015    120 ? ? ? ? 
# 
_entity_poly.entity_id                      1 
_entity_poly.type                           'polypeptide(L)' 
_entity_poly.nstd_linkage                   no 
_entity_poly.nstd_monomer                   no 
_entity_poly.pdbx_seq_one_letter_code       
;GSHMADNNSNSDIVFYGHKTPKSVEIYLSEKNIIYKIINDQKISRGNGHFISIMVNNYRTHCGVVDINLNFFNDILYSVR
LKNISKLENMEFCATKQRVYFSDKNKKASYKIINYGDYYDVDYYDNNLKNEVFDWIGKWS
;
_entity_poly.pdbx_seq_one_letter_code_can   
;GSHMADNNSNSDIVFYGHKTPKSVEIYLSEKNIIYKIINDQKISRGNGHFISIMVNNYRTHCGVVDINLNFFNDILYSVR
LKNISKLENMEFCATKQRVYFSDKNKKASYKIINYGDYYDVDYYDNNLKNEVFDWIGKWS
;
_entity_poly.pdbx_strand_id                 A 
_entity_poly.pdbx_target_identifier         ? 
# 
loop_
_pdbx_entity_nonpoly.entity_id 
_pdbx_entity_nonpoly.name 
_pdbx_entity_nonpoly.comp_id 
2 'CHLORIDE ION'                                        CL  
3 '4-(2-HYDROXYETHYL)-1-PIPERAZINE ETHANESULFONIC ACID' EPE 
4 water                                                 HOH 
# 
loop_
_entity_poly_seq.entity_id 
_entity_poly_seq.num 
_entity_poly_seq.mon_id 
_entity_poly_seq.hetero 
1 1   GLY n 
1 2   SER n 
1 3   HIS n 
1 4   MET n 
1 5   ALA n 
1 6   ASP n 
1 7   ASN n 
1 8   ASN n 
1 9   SER n 
1 10  ASN n 
1 11  SER n 
1 12  ASP n 
1 13  ILE n 
1 14  VAL n 
1 15  PHE n 
1 16  TYR n 
1 17  GLY n 
1 18  HIS n 
1 19  LYS n 
1 20  THR n 
1 21  PRO n 
1 22  LYS n 
1 23  SER n 
1 24  VAL n 
1 25  GLU n 
1 26  ILE n 
1 27  TYR n 
1 28  LEU n 
1 29  SER n 
1 30  GLU n 
1 31  LYS n 
1 32  ASN n 
1 33  ILE n 
1 34  ILE n 
1 35  TYR n 
1 36  LYS n 
1 37  ILE n 
1 38  ILE n 
1 39  ASN n 
1 40  ASP n 
1 41  GLN n 
1 42  LYS n 
1 43  ILE n 
1 44  SER n 
1 45  ARG n 
1 46  GLY n 
1 47  ASN n 
1 48  GLY n 
1 49  HIS n 
1 50  PHE n 
1 51  ILE n 
1 52  SER n 
1 53  ILE n 
1 54  MET n 
1 55  VAL n 
1 56  ASN n 
1 57  ASN n 
1 58  TYR n 
1 59  ARG n 
1 60  THR n 
1 61  HIS n 
1 62  CYS n 
1 63  GLY n 
1 64  VAL n 
1 65  VAL n 
1 66  ASP n 
1 67  ILE n 
1 68  ASN n 
1 69  LEU n 
1 70  ASN n 
1 71  PHE n 
1 72  PHE n 
1 73  ASN n 
1 74  ASP n 
1 75  ILE n 
1 76  LEU n 
1 77  TYR n 
1 78  SER n 
1 79  VAL n 
1 80  ARG n 
1 81  LEU n 
1 82  LYS n 
1 83  ASN n 
1 84  ILE n 
1 85  SER n 
1 86  LYS n 
1 87  LEU n 
1 88  GLU n 
1 89  ASN n 
1 90  MET n 
1 91  GLU n 
1 92  PHE n 
1 93  CYS n 
1 94  ALA n 
1 95  THR n 
1 96  LYS n 
1 97  GLN n 
1 98  ARG n 
1 99  VAL n 
1 100 TYR n 
1 101 PHE n 
1 102 SER n 
1 103 ASP n 
1 104 LYS n 
1 105 ASN n 
1 106 LYS n 
1 107 LYS n 
1 108 ALA n 
1 109 SER n 
1 110 TYR n 
1 111 LYS n 
1 112 ILE n 
1 113 ILE n 
1 114 ASN n 
1 115 TYR n 
1 116 GLY n 
1 117 ASP n 
1 118 TYR n 
1 119 TYR n 
1 120 ASP n 
1 121 VAL n 
1 122 ASP n 
1 123 TYR n 
1 124 TYR n 
1 125 ASP n 
1 126 ASN n 
1 127 ASN n 
1 128 LEU n 
1 129 LYS n 
1 130 ASN n 
1 131 GLU n 
1 132 VAL n 
1 133 PHE n 
1 134 ASP n 
1 135 TRP n 
1 136 ILE n 
1 137 GLY n 
1 138 LYS n 
1 139 TRP n 
1 140 SER n 
# 
_entity_src_gen.entity_id                          1 
_entity_src_gen.pdbx_src_id                        1 
_entity_src_gen.pdbx_alt_source_flag               sample 
_entity_src_gen.pdbx_seq_type                      'Biological sequence' 
_entity_src_gen.pdbx_beg_seq_num                   1 
_entity_src_gen.pdbx_end_seq_num                   140 
_entity_src_gen.gene_src_common_name               ? 
_entity_src_gen.gene_src_genus                     ? 
_entity_src_gen.pdbx_gene_src_gene                 ydcD 
_entity_src_gen.gene_src_species                   ? 
_entity_src_gen.gene_src_strain                    K-12 
_entity_src_gen.gene_src_tissue                    ? 
_entity_src_gen.gene_src_tissue_fraction           ? 
_entity_src_gen.gene_src_details                   ? 
_entity_src_gen.pdbx_gene_src_fragment             ? 
_entity_src_gen.pdbx_gene_src_scientific_name      'Escherichia coli K-12' 
_entity_src_gen.pdbx_gene_src_ncbi_taxonomy_id     83333 
_entity_src_gen.pdbx_gene_src_variant              ? 
_entity_src_gen.pdbx_gene_src_cell_line            ? 
_entity_src_gen.pdbx_gene_src_atcc                 ? 
_entity_src_gen.pdbx_gene_src_organ                ? 
_entity_src_gen.pdbx_gene_src_organelle            ? 
_entity_src_gen.pdbx_gene_src_cell                 ? 
_entity_src_gen.pdbx_gene_src_cellular_location    ? 
_entity_src_gen.host_org_common_name               ? 
_entity_src_gen.pdbx_host_org_scientific_name      'Escherichia coli' 
_entity_src_gen.pdbx_host_org_ncbi_taxonomy_id     562 
_entity_src_gen.host_org_genus                     ? 
_entity_src_gen.pdbx_host_org_gene                 ? 
_entity_src_gen.pdbx_host_org_organ                ? 
_entity_src_gen.host_org_species                   ? 
_entity_src_gen.pdbx_host_org_tissue               ? 
_entity_src_gen.pdbx_host_org_tissue_fraction      ? 
_entity_src_gen.pdbx_host_org_strain               ? 
_entity_src_gen.pdbx_host_org_variant              ? 
_entity_src_gen.pdbx_host_org_cell_line            ? 
_entity_src_gen.pdbx_host_org_atcc                 ? 
_entity_src_gen.pdbx_host_org_culture_collection   ? 
_entity_src_gen.pdbx_host_org_cell                 ? 
_entity_src_gen.pdbx_host_org_organelle            ? 
_entity_src_gen.pdbx_host_org_cellular_location    ? 
_entity_src_gen.pdbx_host_org_vector_type          ? 
_entity_src_gen.pdbx_host_org_vector               ? 
_entity_src_gen.host_org_details                   ? 
_entity_src_gen.expression_system_id               ? 
_entity_src_gen.plasmid_name                       ? 
_entity_src_gen.plasmid_details                    ? 
_entity_src_gen.pdbx_description                   ? 
# 
loop_
_chem_comp.id 
_chem_comp.type 
_chem_comp.mon_nstd_flag 
_chem_comp.name 
_chem_comp.pdbx_synonyms 
_chem_comp.formula 
_chem_comp.formula_weight 
ALA 'L-peptide linking' y ALANINE                                               ?     'C3 H7 N O2'     89.093  
ARG 'L-peptide linking' y ARGININE                                              ?     'C6 H15 N4 O2 1' 175.209 
ASN 'L-peptide linking' y ASPARAGINE                                            ?     'C4 H8 N2 O3'    132.118 
ASP 'L-peptide linking' y 'ASPARTIC ACID'                                       ?     'C4 H7 N O4'     133.103 
CL  non-polymer         . 'CHLORIDE ION'                                        ?     'Cl -1'          35.453  
CYS 'L-peptide linking' y CYSTEINE                                              ?     'C3 H7 N O2 S'   121.158 
EPE non-polymer         . '4-(2-HYDROXYETHYL)-1-PIPERAZINE ETHANESULFONIC ACID' HEPES 'C8 H18 N2 O4 S' 238.305 
GLN 'L-peptide linking' y GLUTAMINE                                             ?     'C5 H10 N2 O3'   146.144 
GLU 'L-peptide linking' y 'GLUTAMIC ACID'                                       ?     'C5 H9 N O4'     147.129 
GLY 'peptide linking'   y GLYCINE                                               ?     'C2 H5 N O2'     75.067  
HIS 'L-peptide linking' y HISTIDINE                                             ?     'C6 H10 N3 O2 1' 156.162 
HOH non-polymer         . WATER                                                 ?     'H2 O'           18.015  
ILE 'L-peptide linking' y ISOLEUCINE                                            ?     'C6 H13 N O2'    131.173 
LEU 'L-peptide linking' y LEUCINE                                               ?     'C6 H13 N O2'    131.173 
LYS 'L-peptide linking' y LYSINE                                                ?     'C6 H15 N2 O2 1' 147.195 
MET 'L-peptide linking' y METHIONINE                                            ?     'C5 H11 N O2 S'  149.211 
PHE 'L-peptide linking' y PHENYLALANINE                                         ?     'C9 H11 N O2'    165.189 
PRO 'L-peptide linking' y PROLINE                                               ?     'C5 H9 N O2'     115.130 
SER 'L-peptide linking' y SERINE                                                ?     'C3 H7 N O3'     105.093 
THR 'L-peptide linking' y THREONINE                                             ?     'C4 H9 N O3'     119.119 
TRP 'L-peptide linking' y TRYPTOPHAN                                            ?     'C11 H12 N2 O2'  204.225 
TYR 'L-peptide linking' y TYROSINE                                              ?     'C9 H11 N O3'    181.189 
VAL 'L-peptide linking' y VALINE                                                ?     'C5 H11 N O2'    117.146 
# 
loop_
_pdbx_poly_seq_scheme.asym_id 
_pdbx_poly_seq_scheme.entity_id 
_pdbx_poly_seq_scheme.seq_id 
_pdbx_poly_seq_scheme.mon_id 
_pdbx_poly_seq_scheme.ndb_seq_num 
_pdbx_poly_seq_scheme.pdb_seq_num 
_pdbx_poly_seq_scheme.auth_seq_num 
_pdbx_poly_seq_scheme.pdb_mon_id 
_pdbx_poly_seq_scheme.auth_mon_id 
_pdbx_poly_seq_scheme.pdb_strand_id 
_pdbx_poly_seq_scheme.pdb_ins_code 
_pdbx_poly_seq_scheme.hetero 
A 1 1   GLY 1   21  ?   ?   ?   A . n 
A 1 2   SER 2   22  ?   ?   ?   A . n 
A 1 3   HIS 3   23  ?   ?   ?   A . n 
A 1 4   MET 4   24  ?   ?   ?   A . n 
A 1 5   ALA 5   25  ?   ?   ?   A . n 
A 1 6   ASP 6   26  ?   ?   ?   A . n 
A 1 7   ASN 7   27  ?   ?   ?   A . n 
A 1 8   ASN 8   28  ?   ?   ?   A . n 
A 1 9   SER 9   29  ?   ?   ?   A . n 
A 1 10  ASN 10  30  ?   ?   ?   A . n 
A 1 11  SER 11  31  31  SER SER A . n 
A 1 12  ASP 12  32  32  ASP ASP A . n 
A 1 13  ILE 13  33  33  ILE ILE A . n 
A 1 14  VAL 14  34  34  VAL VAL A . n 
A 1 15  PHE 15  35  35  PHE PHE A . n 
A 1 16  TYR 16  36  36  TYR TYR A . n 
A 1 17  GLY 17  37  37  GLY GLY A . n 
A 1 18  HIS 18  38  38  HIS HIS A . n 
A 1 19  LYS 19  39  39  LYS LYS A . n 
A 1 20  THR 20  40  40  THR THR A . n 
A 1 21  PRO 21  41  41  PRO PRO A . n 
A 1 22  LYS 22  42  42  LYS LYS A . n 
A 1 23  SER 23  43  43  SER SER A . n 
A 1 24  VAL 24  44  44  VAL VAL A . n 
A 1 25  GLU 25  45  45  GLU GLU A . n 
A 1 26  ILE 26  46  46  ILE ILE A . n 
A 1 27  TYR 27  47  47  TYR TYR A . n 
A 1 28  LEU 28  48  48  LEU LEU A . n 
A 1 29  SER 29  49  49  SER SER A . n 
A 1 30  GLU 30  50  50  GLU GLU A . n 
A 1 31  LYS 31  51  51  LYS LYS A . n 
A 1 32  ASN 32  52  52  ASN ASN A . n 
A 1 33  ILE 33  53  53  ILE ILE A . n 
A 1 34  ILE 34  54  54  ILE ILE A . n 
A 1 35  TYR 35  55  55  TYR TYR A . n 
A 1 36  LYS 36  56  56  LYS LYS A . n 
A 1 37  ILE 37  57  57  ILE ILE A . n 
A 1 38  ILE 38  58  58  ILE ILE A . n 
A 1 39  ASN 39  59  59  ASN ASN A . n 
A 1 40  ASP 40  60  60  ASP ASP A . n 
A 1 41  GLN 41  61  61  GLN GLN A . n 
A 1 42  LYS 42  62  62  LYS LYS A . n 
A 1 43  ILE 43  63  63  ILE ILE A . n 
A 1 44  SER 44  64  64  SER SER A . n 
A 1 45  ARG 45  65  65  ARG ARG A . n 
A 1 46  GLY 46  66  66  GLY GLY A . n 
A 1 47  ASN 47  67  67  ASN ASN A . n 
A 1 48  GLY 48  68  68  GLY GLY A . n 
A 1 49  HIS 49  69  69  HIS HIS A . n 
A 1 50  PHE 50  70  70  PHE PHE A . n 
A 1 51  ILE 51  71  71  ILE ILE A . n 
A 1 52  SER 52  72  72  SER SER A . n 
A 1 53  ILE 53  73  73  ILE ILE A . n 
A 1 54  MET 54  74  74  MET MET A . n 
A 1 55  VAL 55  75  75  VAL VAL A . n 
A 1 56  ASN 56  76  76  ASN ASN A . n 
A 1 57  ASN 57  77  77  ASN ASN A . n 
A 1 58  TYR 58  78  78  TYR TYR A . n 
A 1 59  ARG 59  79  79  ARG ARG A . n 
A 1 60  THR 60  80  80  THR THR A . n 
A 1 61  HIS 61  81  81  HIS HIS A . n 
A 1 62  CYS 62  82  82  CYS CYS A . n 
A 1 63  GLY 63  83  83  GLY GLY A . n 
A 1 64  VAL 64  84  84  VAL VAL A . n 
A 1 65  VAL 65  85  85  VAL VAL A . n 
A 1 66  ASP 66  86  86  ASP ASP A . n 
A 1 67  ILE 67  87  87  ILE ILE A . n 
A 1 68  ASN 68  88  88  ASN ASN A . n 
A 1 69  LEU 69  89  89  LEU LEU A . n 
A 1 70  ASN 70  90  90  ASN ASN A . n 
A 1 71  PHE 71  91  91  PHE PHE A . n 
A 1 72  PHE 72  92  92  PHE PHE A . n 
A 1 73  ASN 73  93  93  ASN ASN A . n 
A 1 74  ASP 74  94  94  ASP ASP A . n 
A 1 75  ILE 75  95  95  ILE ILE A . n 
A 1 76  LEU 76  96  96  LEU LEU A . n 
A 1 77  TYR 77  97  97  TYR TYR A . n 
A 1 78  SER 78  98  98  SER SER A . n 
A 1 79  VAL 79  99  99  VAL VAL A . n 
A 1 80  ARG 80  100 100 ARG ARG A . n 
A 1 81  LEU 81  101 101 LEU LEU A . n 
A 1 82  LYS 82  102 102 LYS LYS A . n 
A 1 83  ASN 83  103 103 ASN ASN A . n 
A 1 84  ILE 84  104 104 ILE ILE A . n 
A 1 85  SER 85  105 105 SER SER A . n 
A 1 86  LYS 86  106 106 LYS LYS A . n 
A 1 87  LEU 87  107 107 LEU LEU A . n 
A 1 88  GLU 88  108 108 GLU GLU A . n 
A 1 89  ASN 89  109 109 ASN ASN A . n 
A 1 90  MET 90  110 110 MET MET A . n 
A 1 91  GLU 91  111 111 GLU GLU A . n 
A 1 92  PHE 92  112 112 PHE PHE A . n 
A 1 93  CYS 93  113 113 CYS CYS A . n 
A 1 94  ALA 94  114 114 ALA ALA A . n 
A 1 95  THR 95  115 115 THR THR A . n 
A 1 96  LYS 96  116 116 LYS LYS A . n 
A 1 97  GLN 97  117 117 GLN GLN A . n 
A 1 98  ARG 98  118 118 ARG ARG A . n 
A 1 99  VAL 99  119 119 VAL VAL A . n 
A 1 100 TYR 100 120 120 TYR TYR A . n 
A 1 101 PHE 101 121 121 PHE PHE A . n 
A 1 102 SER 102 122 122 SER SER A . n 
A 1 103 ASP 103 123 123 ASP ASP A . n 
A 1 104 LYS 104 124 124 LYS LYS A . n 
A 1 105 ASN 105 125 125 ASN ASN A . n 
A 1 106 LYS 106 126 126 LYS LYS A . n 
A 1 107 LYS 107 127 127 LYS LYS A . n 
A 1 108 ALA 108 128 128 ALA ALA A . n 
A 1 109 SER 109 129 129 SER SER A . n 
A 1 110 TYR 110 130 130 TYR TYR A . n 
A 1 111 LYS 111 131 131 LYS LYS A . n 
A 1 112 ILE 112 132 132 ILE ILE A . n 
A 1 113 ILE 113 133 133 ILE ILE A . n 
A 1 114 ASN 114 134 134 ASN ASN A . n 
A 1 115 TYR 115 135 135 TYR TYR A . n 
A 1 116 GLY 116 136 136 GLY GLY A . n 
A 1 117 ASP 117 137 137 ASP ASP A . n 
A 1 118 TYR 118 138 138 TYR TYR A . n 
A 1 119 TYR 119 139 139 TYR TYR A . n 
A 1 120 ASP 120 140 140 ASP ASP A . n 
A 1 121 VAL 121 141 141 VAL VAL A . n 
A 1 122 ASP 122 142 142 ASP ASP A . n 
A 1 123 TYR 123 143 143 TYR TYR A . n 
A 1 124 TYR 124 144 144 TYR TYR A . n 
A 1 125 ASP 125 145 145 ASP ASP A . n 
A 1 126 ASN 126 146 146 ASN ASN A . n 
A 1 127 ASN 127 147 147 ASN ASN A . n 
A 1 128 LEU 128 148 148 LEU LEU A . n 
A 1 129 LYS 129 149 149 LYS LYS A . n 
A 1 130 ASN 130 150 150 ASN ASN A . n 
A 1 131 GLU 131 151 151 GLU GLU A . n 
A 1 132 VAL 132 152 152 VAL VAL A . n 
A 1 133 PHE 133 153 153 PHE PHE A . n 
A 1 134 ASP 134 154 154 ASP ASP A . n 
A 1 135 TRP 135 155 155 TRP TRP A . n 
A 1 136 ILE 136 156 156 ILE ILE A . n 
A 1 137 GLY 137 157 157 GLY GLY A . n 
A 1 138 LYS 138 158 158 LYS LYS A . n 
A 1 139 TRP 139 159 159 TRP TRP A . n 
A 1 140 SER 140 160 160 SER SER A . n 
# 
loop_
_pdbx_nonpoly_scheme.asym_id 
_pdbx_nonpoly_scheme.entity_id 
_pdbx_nonpoly_scheme.mon_id 
_pdbx_nonpoly_scheme.ndb_seq_num 
_pdbx_nonpoly_scheme.pdb_seq_num 
_pdbx_nonpoly_scheme.auth_seq_num 
_pdbx_nonpoly_scheme.pdb_mon_id 
_pdbx_nonpoly_scheme.auth_mon_id 
_pdbx_nonpoly_scheme.pdb_strand_id 
_pdbx_nonpoly_scheme.pdb_ins_code 
B 2 CL  1   201 1   CL  CL  A . 
C 3 EPE 1   202 1   EPE EPE A . 
D 4 HOH 1   301 122 HOH HOH A . 
D 4 HOH 2   302 62  HOH HOH A . 
D 4 HOH 3   303 119 HOH HOH A . 
D 4 HOH 4   304 35  HOH HOH A . 
D 4 HOH 5   305 98  HOH HOH A . 
D 4 HOH 6   306 107 HOH HOH A . 
D 4 HOH 7   307 66  HOH HOH A . 
D 4 HOH 8   308 78  HOH HOH A . 
D 4 HOH 9   309 34  HOH HOH A . 
D 4 HOH 10  310 20  HOH HOH A . 
D 4 HOH 11  311 75  HOH HOH A . 
D 4 HOH 12  312 42  HOH HOH A . 
D 4 HOH 13  313 10  HOH HOH A . 
D 4 HOH 14  314 11  HOH HOH A . 
D 4 HOH 15  315 18  HOH HOH A . 
D 4 HOH 16  316 2   HOH HOH A . 
D 4 HOH 17  317 71  HOH HOH A . 
D 4 HOH 18  318 13  HOH HOH A . 
D 4 HOH 19  319 68  HOH HOH A . 
D 4 HOH 20  320 120 HOH HOH A . 
D 4 HOH 21  321 29  HOH HOH A . 
D 4 HOH 22  322 96  HOH HOH A . 
D 4 HOH 23  323 9   HOH HOH A . 
D 4 HOH 24  324 37  HOH HOH A . 
D 4 HOH 25  325 32  HOH HOH A . 
D 4 HOH 26  326 51  HOH HOH A . 
D 4 HOH 27  327 74  HOH HOH A . 
D 4 HOH 28  328 90  HOH HOH A . 
D 4 HOH 29  329 76  HOH HOH A . 
D 4 HOH 30  330 63  HOH HOH A . 
D 4 HOH 31  331 116 HOH HOH A . 
D 4 HOH 32  332 38  HOH HOH A . 
D 4 HOH 33  333 25  HOH HOH A . 
D 4 HOH 34  334 99  HOH HOH A . 
D 4 HOH 35  335 22  HOH HOH A . 
D 4 HOH 36  336 110 HOH HOH A . 
D 4 HOH 37  337 57  HOH HOH A . 
D 4 HOH 38  338 89  HOH HOH A . 
D 4 HOH 39  339 108 HOH HOH A . 
D 4 HOH 40  340 67  HOH HOH A . 
D 4 HOH 41  341 33  HOH HOH A . 
D 4 HOH 42  342 43  HOH HOH A . 
D 4 HOH 43  343 83  HOH HOH A . 
D 4 HOH 44  344 6   HOH HOH A . 
D 4 HOH 45  345 26  HOH HOH A . 
D 4 HOH 46  346 101 HOH HOH A . 
D 4 HOH 47  347 3   HOH HOH A . 
D 4 HOH 48  348 61  HOH HOH A . 
D 4 HOH 49  349 12  HOH HOH A . 
D 4 HOH 50  350 39  HOH HOH A . 
D 4 HOH 51  351 102 HOH HOH A . 
D 4 HOH 52  352 45  HOH HOH A . 
D 4 HOH 53  353 69  HOH HOH A . 
D 4 HOH 54  354 31  HOH HOH A . 
D 4 HOH 55  355 93  HOH HOH A . 
D 4 HOH 56  356 55  HOH HOH A . 
D 4 HOH 57  357 52  HOH HOH A . 
D 4 HOH 58  358 23  HOH HOH A . 
D 4 HOH 59  359 28  HOH HOH A . 
D 4 HOH 60  360 65  HOH HOH A . 
D 4 HOH 61  361 14  HOH HOH A . 
D 4 HOH 62  362 64  HOH HOH A . 
D 4 HOH 63  363 41  HOH HOH A . 
D 4 HOH 64  364 88  HOH HOH A . 
D 4 HOH 65  365 49  HOH HOH A . 
D 4 HOH 66  366 58  HOH HOH A . 
D 4 HOH 67  367 5   HOH HOH A . 
D 4 HOH 68  368 19  HOH HOH A . 
D 4 HOH 69  369 94  HOH HOH A . 
D 4 HOH 70  370 54  HOH HOH A . 
D 4 HOH 71  371 27  HOH HOH A . 
D 4 HOH 72  372 95  HOH HOH A . 
D 4 HOH 73  373 24  HOH HOH A . 
D 4 HOH 74  374 59  HOH HOH A . 
D 4 HOH 75  375 92  HOH HOH A . 
D 4 HOH 76  376 112 HOH HOH A . 
D 4 HOH 77  377 21  HOH HOH A . 
D 4 HOH 78  378 40  HOH HOH A . 
D 4 HOH 79  379 17  HOH HOH A . 
D 4 HOH 80  380 30  HOH HOH A . 
D 4 HOH 81  381 80  HOH HOH A . 
D 4 HOH 82  382 1   HOH HOH A . 
D 4 HOH 83  383 91  HOH HOH A . 
D 4 HOH 84  384 105 HOH HOH A . 
D 4 HOH 85  385 118 HOH HOH A . 
D 4 HOH 86  386 56  HOH HOH A . 
D 4 HOH 87  387 100 HOH HOH A . 
D 4 HOH 88  388 97  HOH HOH A . 
D 4 HOH 89  389 79  HOH HOH A . 
D 4 HOH 90  390 44  HOH HOH A . 
D 4 HOH 91  391 50  HOH HOH A . 
D 4 HOH 92  392 48  HOH HOH A . 
D 4 HOH 93  393 86  HOH HOH A . 
D 4 HOH 94  394 81  HOH HOH A . 
D 4 HOH 95  395 46  HOH HOH A . 
D 4 HOH 96  396 113 HOH HOH A . 
D 4 HOH 97  397 16  HOH HOH A . 
D 4 HOH 98  398 60  HOH HOH A . 
D 4 HOH 99  399 85  HOH HOH A . 
D 4 HOH 100 400 117 HOH HOH A . 
D 4 HOH 101 401 121 HOH HOH A . 
D 4 HOH 102 402 106 HOH HOH A . 
D 4 HOH 103 403 53  HOH HOH A . 
D 4 HOH 104 404 72  HOH HOH A . 
D 4 HOH 105 405 82  HOH HOH A . 
D 4 HOH 106 406 36  HOH HOH A . 
D 4 HOH 107 407 8   HOH HOH A . 
D 4 HOH 108 408 77  HOH HOH A . 
D 4 HOH 109 409 7   HOH HOH A . 
D 4 HOH 110 410 109 HOH HOH A . 
D 4 HOH 111 411 84  HOH HOH A . 
D 4 HOH 112 412 15  HOH HOH A . 
D 4 HOH 113 413 103 HOH HOH A . 
D 4 HOH 114 414 4   HOH HOH A . 
D 4 HOH 115 415 73  HOH HOH A . 
D 4 HOH 116 416 70  HOH HOH A . 
D 4 HOH 117 417 111 HOH HOH A . 
D 4 HOH 118 418 87  HOH HOH A . 
D 4 HOH 119 419 114 HOH HOH A . 
D 4 HOH 120 420 47  HOH HOH A . 
# 
loop_
_software.citation_id 
_software.classification 
_software.compiler_name 
_software.compiler_version 
_software.contact_author 
_software.contact_author_email 
_software.date 
_software.description 
_software.dependencies 
_software.hardware 
_software.language 
_software.location 
_software.mods 
_software.name 
_software.os 
_software.os_version 
_software.type 
_software.version 
_software.pdbx_ordinal 
? refinement       ? ? ? ? ? ? ? ? ? ? ? REFMAC      ? ? ? 5.8.0415    1 
? refinement       ? ? ? ? ? ? ? ? ? ? ? PHENIX      ? ? ? 1.20.1_4487 2 
? 'data reduction' ? ? ? ? ? ? ? ? ? ? ? CrysalisPro ? ? ? .           3 
? 'data scaling'   ? ? ? ? ? ? ? ? ? ? ? Aimless     ? ? ? .           4 
? phasing          ? ? ? ? ? ? ? ? ? ? ? MOLREP      ? ? ? .           5 
# 
_cell.angle_alpha                  90.000 
_cell.angle_alpha_esd              ? 
_cell.angle_beta                   90.000 
_cell.angle_beta_esd               ? 
_cell.angle_gamma                  90.000 
_cell.angle_gamma_esd              ? 
_cell.entry_id                     8WJ5 
_cell.details                      ? 
_cell.formula_units_Z              ? 
_cell.length_a                     75.545 
_cell.length_a_esd                 ? 
_cell.length_b                     75.545 
_cell.length_b_esd                 ? 
_cell.length_c                     62.043 
_cell.length_c_esd                 ? 
_cell.volume                       354082.319 
_cell.volume_esd                   ? 
_cell.Z_PDB                        8 
_cell.reciprocal_angle_alpha       ? 
_cell.reciprocal_angle_beta        ? 
_cell.reciprocal_angle_gamma       ? 
_cell.reciprocal_angle_alpha_esd   ? 
_cell.reciprocal_angle_beta_esd    ? 
_cell.reciprocal_angle_gamma_esd   ? 
_cell.reciprocal_length_a          ? 
_cell.reciprocal_length_b          ? 
_cell.reciprocal_length_c          ? 
_cell.reciprocal_length_a_esd      ? 
_cell.reciprocal_length_b_esd      ? 
_cell.reciprocal_length_c_esd      ? 
_cell.pdbx_unique_axis             ? 
_cell.pdbx_esd_method              ? 
# 
_symmetry.entry_id                         8WJ5 
_symmetry.cell_setting                     ? 
_symmetry.Int_Tables_number                96 
_symmetry.space_group_name_Hall            'P 4nw 2abw' 
_symmetry.space_group_name_H-M             'P 43 21 2' 
_symmetry.pdbx_full_space_group_name_H-M   ? 
# 
_exptl.absorpt_coefficient_mu     ? 
_exptl.absorpt_correction_T_max   ? 
_exptl.absorpt_correction_T_min   ? 
_exptl.absorpt_correction_type    ? 
_exptl.absorpt_process_details    ? 
_exptl.entry_id                   8WJ5 
_exptl.crystals_number            1 
_exptl.details                    ? 
_exptl.method                     'X-RAY DIFFRACTION' 
_exptl.method_details             ? 
# 
_exptl_crystal.colour                       ? 
_exptl_crystal.density_diffrn               ? 
_exptl_crystal.density_Matthews             2.8 
_exptl_crystal.density_method               ? 
_exptl_crystal.density_percent_sol          56 
_exptl_crystal.description                  ? 
_exptl_crystal.F_000                        ? 
_exptl_crystal.id                           1 
_exptl_crystal.preparation                  ? 
_exptl_crystal.size_max                     ? 
_exptl_crystal.size_mid                     ? 
_exptl_crystal.size_min                     ? 
_exptl_crystal.size_rad                     ? 
_exptl_crystal.colour_lustre                ? 
_exptl_crystal.colour_modifier              ? 
_exptl_crystal.colour_primary               ? 
_exptl_crystal.density_meas                 ? 
_exptl_crystal.density_meas_esd             ? 
_exptl_crystal.density_meas_gt              ? 
_exptl_crystal.density_meas_lt              ? 
_exptl_crystal.density_meas_temp            ? 
_exptl_crystal.density_meas_temp_esd        ? 
_exptl_crystal.density_meas_temp_gt         ? 
_exptl_crystal.density_meas_temp_lt         ? 
_exptl_crystal.pdbx_crystal_image_url       ? 
_exptl_crystal.pdbx_crystal_image_format    ? 
_exptl_crystal.pdbx_mosaicity               ? 
_exptl_crystal.pdbx_mosaicity_esd           ? 
_exptl_crystal.pdbx_mosaic_method           ? 
_exptl_crystal.pdbx_mosaic_block_size       ? 
_exptl_crystal.pdbx_mosaic_block_size_esd   ? 
# 
_exptl_crystal_grow.apparatus       ? 
_exptl_crystal_grow.atmosphere      ? 
_exptl_crystal_grow.crystal_id      1 
_exptl_crystal_grow.details         ? 
_exptl_crystal_grow.method          'VAPOR DIFFUSION, HANGING DROP' 
_exptl_crystal_grow.method_ref      ? 
_exptl_crystal_grow.pH              5.0 
_exptl_crystal_grow.pressure        ? 
_exptl_crystal_grow.pressure_esd    ? 
_exptl_crystal_grow.seeding         ? 
_exptl_crystal_grow.seeding_ref     ? 
_exptl_crystal_grow.temp_details    ? 
_exptl_crystal_grow.temp_esd        ? 
_exptl_crystal_grow.time            ? 
_exptl_crystal_grow.pdbx_details    '20% PEG 6000, 0.2 M magnesium chloride, 0.1M sodium acetate' 
_exptl_crystal_grow.pdbx_pH_range   ? 
_exptl_crystal_grow.temp            298 
# 
_diffrn.ambient_environment              ? 
_diffrn.ambient_temp                     100 
_diffrn.ambient_temp_details             ? 
_diffrn.ambient_temp_esd                 ? 
_diffrn.crystal_id                       1 
_diffrn.crystal_support                  ? 
_diffrn.crystal_treatment                ? 
_diffrn.details                          ? 
_diffrn.id                               1 
_diffrn.ambient_pressure                 ? 
_diffrn.ambient_pressure_esd             ? 
_diffrn.ambient_pressure_gt              ? 
_diffrn.ambient_pressure_lt              ? 
_diffrn.ambient_temp_gt                  ? 
_diffrn.ambient_temp_lt                  ? 
_diffrn.pdbx_serial_crystal_experiment   N 
# 
_diffrn_detector.details                      ? 
_diffrn_detector.detector                     PIXEL 
_diffrn_detector.diffrn_id                    1 
_diffrn_detector.type                         'DECTRIS PILATUS 200K' 
_diffrn_detector.area_resol_mean              ? 
_diffrn_detector.dtime                        ? 
_diffrn_detector.pdbx_frames_total            ? 
_diffrn_detector.pdbx_collection_time_total   ? 
_diffrn_detector.pdbx_collection_date         2020-04-01 
_diffrn_detector.pdbx_frequency               ? 
_diffrn_detector.id                           ? 
_diffrn_detector.number_of_axes               ? 
# 
_diffrn_radiation.collimation                      ? 
_diffrn_radiation.diffrn_id                        1 
_diffrn_radiation.filter_edge                      ? 
_diffrn_radiation.inhomogeneity                    ? 
_diffrn_radiation.monochromator                    ? 
_diffrn_radiation.polarisn_norm                    ? 
_diffrn_radiation.polarisn_ratio                   ? 
_diffrn_radiation.probe                            ? 
_diffrn_radiation.type                             ? 
_diffrn_radiation.xray_symbol                      ? 
_diffrn_radiation.wavelength_id                    1 
_diffrn_radiation.pdbx_monochromatic_or_laue_m_l   M 
_diffrn_radiation.pdbx_wavelength_list             ? 
_diffrn_radiation.pdbx_wavelength                  ? 
_diffrn_radiation.pdbx_diffrn_protocol             'SINGLE WAVELENGTH' 
_diffrn_radiation.pdbx_analyzer                    ? 
_diffrn_radiation.pdbx_scattering_type             x-ray 
# 
_diffrn_radiation_wavelength.id           1 
_diffrn_radiation_wavelength.wavelength   1.5406 
_diffrn_radiation_wavelength.wt           1.0 
# 
_diffrn_source.current                     ? 
_diffrn_source.details                     ? 
_diffrn_source.diffrn_id                   1 
_diffrn_source.power                       ? 
_diffrn_source.size                        ? 
_diffrn_source.source                      'ROTATING ANODE' 
_diffrn_source.target                      ? 
_diffrn_source.type                        'RIGAKU MICROMAX-007' 
_diffrn_source.voltage                     ? 
_diffrn_source.take-off_angle              ? 
_diffrn_source.pdbx_wavelength_list        1.5406 
_diffrn_source.pdbx_wavelength             ? 
_diffrn_source.pdbx_synchrotron_beamline   ? 
_diffrn_source.pdbx_synchrotron_site       ? 
# 
_reflns.B_iso_Wilson_estimate                          16.52 
_reflns.entry_id                                       8WJ5 
_reflns.data_reduction_details                         ? 
_reflns.data_reduction_method                          ? 
_reflns.d_resolution_high                              2.0 
_reflns.d_resolution_low                               13.01 
_reflns.details                                        ? 
_reflns.limit_h_max                                    ? 
_reflns.limit_h_min                                    ? 
_reflns.limit_k_max                                    ? 
_reflns.limit_k_min                                    ? 
_reflns.limit_l_max                                    ? 
_reflns.limit_l_min                                    ? 
_reflns.number_all                                     ? 
_reflns.number_obs                                     12559 
_reflns.observed_criterion                             ? 
_reflns.observed_criterion_F_max                       ? 
_reflns.observed_criterion_F_min                       ? 
_reflns.observed_criterion_I_max                       ? 
_reflns.observed_criterion_I_min                       ? 
_reflns.observed_criterion_sigma_F                     ? 
_reflns.observed_criterion_sigma_I                     ? 
_reflns.percent_possible_obs                           99.9 
_reflns.R_free_details                                 ? 
_reflns.Rmerge_F_all                                   ? 
_reflns.Rmerge_F_obs                                   ? 
_reflns.Friedel_coverage                               ? 
_reflns.number_gt                                      ? 
_reflns.threshold_expression                           ? 
_reflns.pdbx_redundancy                                8.9 
_reflns.pdbx_netI_over_av_sigmaI                       ? 
_reflns.pdbx_netI_over_sigmaI                          16.2 
_reflns.pdbx_res_netI_over_av_sigmaI_2                 ? 
_reflns.pdbx_res_netI_over_sigmaI_2                    ? 
_reflns.pdbx_chi_squared                               ? 
_reflns.pdbx_scaling_rejects                           ? 
_reflns.pdbx_d_res_high_opt                            ? 
_reflns.pdbx_d_res_low_opt                             ? 
_reflns.pdbx_d_res_opt_method                          ? 
_reflns.phase_calculation_details                      ? 
_reflns.pdbx_Rrim_I_all                                ? 
_reflns.pdbx_Rpim_I_all                                ? 
_reflns.pdbx_d_opt                                     ? 
_reflns.pdbx_number_measured_all                       ? 
_reflns.pdbx_diffrn_id                                 1 
_reflns.pdbx_ordinal                                   1 
_reflns.pdbx_CC_half                                   0.998 
_reflns.pdbx_CC_star                                   ? 
_reflns.pdbx_R_split                                   ? 
_reflns.pdbx_Rmerge_I_obs                              0.096 
_reflns.pdbx_Rmerge_I_all                              ? 
_reflns.pdbx_Rsym_value                                ? 
_reflns.pdbx_CC_split_method                           ? 
_reflns.pdbx_aniso_diffraction_limit_axis_1_ortho[1]   ? 
_reflns.pdbx_aniso_diffraction_limit_axis_1_ortho[2]   ? 
_reflns.pdbx_aniso_diffraction_limit_axis_1_ortho[3]   ? 
_reflns.pdbx_aniso_diffraction_limit_axis_2_ortho[1]   ? 
_reflns.pdbx_aniso_diffraction_limit_axis_2_ortho[2]   ? 
_reflns.pdbx_aniso_diffraction_limit_axis_2_ortho[3]   ? 
_reflns.pdbx_aniso_diffraction_limit_axis_3_ortho[1]   ? 
_reflns.pdbx_aniso_diffraction_limit_axis_3_ortho[2]   ? 
_reflns.pdbx_aniso_diffraction_limit_axis_3_ortho[3]   ? 
_reflns.pdbx_aniso_diffraction_limit_1                 ? 
_reflns.pdbx_aniso_diffraction_limit_2                 ? 
_reflns.pdbx_aniso_diffraction_limit_3                 ? 
_reflns.pdbx_aniso_B_tensor_eigenvector_1_ortho[1]     ? 
_reflns.pdbx_aniso_B_tensor_eigenvector_1_ortho[2]     ? 
_reflns.pdbx_aniso_B_tensor_eigenvector_1_ortho[3]     ? 
_reflns.pdbx_aniso_B_tensor_eigenvector_2_ortho[1]     ? 
_reflns.pdbx_aniso_B_tensor_eigenvector_2_ortho[2]     ? 
_reflns.pdbx_aniso_B_tensor_eigenvector_2_ortho[3]     ? 
_reflns.pdbx_aniso_B_tensor_eigenvector_3_ortho[1]     ? 
_reflns.pdbx_aniso_B_tensor_eigenvector_3_ortho[2]     ? 
_reflns.pdbx_aniso_B_tensor_eigenvector_3_ortho[3]     ? 
_reflns.pdbx_aniso_B_tensor_eigenvalue_1               ? 
_reflns.pdbx_aniso_B_tensor_eigenvalue_2               ? 
_reflns.pdbx_aniso_B_tensor_eigenvalue_3               ? 
_reflns.pdbx_orthogonalization_convention              ? 
_reflns.pdbx_percent_possible_ellipsoidal              ? 
_reflns.pdbx_percent_possible_spherical                ? 
_reflns.pdbx_percent_possible_ellipsoidal_anomalous    ? 
_reflns.pdbx_percent_possible_spherical_anomalous      ? 
_reflns.pdbx_redundancy_anomalous                      ? 
_reflns.pdbx_CC_half_anomalous                         ? 
_reflns.pdbx_absDiff_over_sigma_anomalous              ? 
_reflns.pdbx_percent_possible_anomalous                ? 
_reflns.pdbx_observed_signal_threshold                 ? 
_reflns.pdbx_signal_type                               ? 
_reflns.pdbx_signal_details                            ? 
_reflns.pdbx_signal_software_id                        ? 
# 
_reflns_shell.d_res_high                                    2.0 
_reflns_shell.d_res_low                                     2.05 
_reflns_shell.meanI_over_sigI_all                           ? 
_reflns_shell.meanI_over_sigI_obs                           5.0 
_reflns_shell.number_measured_all                           ? 
_reflns_shell.number_measured_obs                           ? 
_reflns_shell.number_possible                               ? 
_reflns_shell.number_unique_all                             ? 
_reflns_shell.number_unique_obs                             910 
_reflns_shell.percent_possible_obs                          ? 
_reflns_shell.Rmerge_F_all                                  ? 
_reflns_shell.Rmerge_F_obs                                  ? 
_reflns_shell.meanI_over_sigI_gt                            ? 
_reflns_shell.meanI_over_uI_all                             ? 
_reflns_shell.meanI_over_uI_gt                              ? 
_reflns_shell.number_measured_gt                            ? 
_reflns_shell.number_unique_gt                              ? 
_reflns_shell.percent_possible_gt                           ? 
_reflns_shell.Rmerge_F_gt                                   ? 
_reflns_shell.Rmerge_I_gt                                   ? 
_reflns_shell.pdbx_redundancy                               8.2 
_reflns_shell.pdbx_chi_squared                              ? 
_reflns_shell.pdbx_netI_over_sigmaI_all                     ? 
_reflns_shell.pdbx_netI_over_sigmaI_obs                     ? 
_reflns_shell.pdbx_Rrim_I_all                               ? 
_reflns_shell.pdbx_Rpim_I_all                               ? 
_reflns_shell.pdbx_rejects                                  ? 
_reflns_shell.pdbx_ordinal                                  1 
_reflns_shell.pdbx_diffrn_id                                1 
_reflns_shell.pdbx_CC_half                                  0.968 
_reflns_shell.pdbx_CC_star                                  ? 
_reflns_shell.pdbx_R_split                                  ? 
_reflns_shell.percent_possible_all                          100.0 
_reflns_shell.Rmerge_I_all                                  ? 
_reflns_shell.Rmerge_I_obs                                  .333 
_reflns_shell.pdbx_Rsym_value                               ? 
_reflns_shell.pdbx_percent_possible_ellipsoidal             ? 
_reflns_shell.pdbx_percent_possible_spherical               ? 
_reflns_shell.pdbx_percent_possible_ellipsoidal_anomalous   ? 
_reflns_shell.pdbx_percent_possible_spherical_anomalous     ? 
_reflns_shell.pdbx_redundancy_anomalous                     ? 
_reflns_shell.pdbx_CC_half_anomalous                        ? 
_reflns_shell.pdbx_absDiff_over_sigma_anomalous             ? 
_reflns_shell.pdbx_percent_possible_anomalous               ? 
# 
_refine.aniso_B[1][1]                            ? 
_refine.aniso_B[1][2]                            ? 
_refine.aniso_B[1][3]                            ? 
_refine.aniso_B[2][2]                            ? 
_refine.aniso_B[2][3]                            ? 
_refine.aniso_B[3][3]                            ? 
_refine.B_iso_max                                ? 
_refine.B_iso_mean                               16.44 
_refine.B_iso_min                                ? 
_refine.correlation_coeff_Fo_to_Fc               ? 
_refine.correlation_coeff_Fo_to_Fc_free          ? 
_refine.details                                  ? 
_refine.diff_density_max                         ? 
_refine.diff_density_max_esd                     ? 
_refine.diff_density_min                         ? 
_refine.diff_density_min_esd                     ? 
_refine.diff_density_rms                         ? 
_refine.diff_density_rms_esd                     ? 
_refine.entry_id                                 8WJ5 
_refine.pdbx_refine_id                           'X-RAY DIFFRACTION' 
_refine.ls_abs_structure_details                 ? 
_refine.ls_abs_structure_Flack                   ? 
_refine.ls_abs_structure_Flack_esd               ? 
_refine.ls_abs_structure_Rogers                  ? 
_refine.ls_abs_structure_Rogers_esd              ? 
_refine.ls_d_res_high                            2.00 
_refine.ls_d_res_low                             13.01 
_refine.ls_extinction_coef                       ? 
_refine.ls_extinction_coef_esd                   ? 
_refine.ls_extinction_expression                 ? 
_refine.ls_extinction_method                     ? 
_refine.ls_goodness_of_fit_all                   ? 
_refine.ls_goodness_of_fit_all_esd               ? 
_refine.ls_goodness_of_fit_obs                   ? 
_refine.ls_goodness_of_fit_obs_esd               ? 
_refine.ls_hydrogen_treatment                    ? 
_refine.ls_matrix_type                           ? 
_refine.ls_number_constraints                    ? 
_refine.ls_number_parameters                     ? 
_refine.ls_number_reflns_all                     ? 
_refine.ls_number_reflns_obs                     12559 
_refine.ls_number_reflns_R_free                  626 
_refine.ls_number_reflns_R_work                  11933 
_refine.ls_number_restraints                     ? 
_refine.ls_percent_reflns_obs                    99.91 
_refine.ls_percent_reflns_R_free                 4.98 
_refine.ls_R_factor_all                          ? 
_refine.ls_R_factor_obs                          0.1807 
_refine.ls_R_factor_R_free                       0.2243 
_refine.ls_R_factor_R_free_error                 ? 
_refine.ls_R_factor_R_free_error_details         ? 
_refine.ls_R_factor_R_work                       0.1783 
_refine.ls_R_Fsqd_factor_obs                     ? 
_refine.ls_R_I_factor_obs                        ? 
_refine.ls_redundancy_reflns_all                 ? 
_refine.ls_redundancy_reflns_obs                 ? 
_refine.ls_restrained_S_all                      ? 
_refine.ls_restrained_S_obs                      ? 
_refine.ls_shift_over_esd_max                    ? 
_refine.ls_shift_over_esd_mean                   ? 
_refine.ls_structure_factor_coef                 ? 
_refine.ls_weighting_details                     ? 
_refine.ls_weighting_scheme                      ? 
_refine.ls_wR_factor_all                         ? 
_refine.ls_wR_factor_obs                         ? 
_refine.ls_wR_factor_R_free                      ? 
_refine.ls_wR_factor_R_work                      ? 
_refine.occupancy_max                            ? 
_refine.occupancy_min                            ? 
_refine.solvent_model_details                    'FLAT BULK SOLVENT MODEL' 
_refine.solvent_model_param_bsol                 ? 
_refine.solvent_model_param_ksol                 ? 
_refine.pdbx_R_complete                          ? 
_refine.ls_R_factor_gt                           ? 
_refine.ls_goodness_of_fit_gt                    ? 
_refine.ls_goodness_of_fit_ref                   ? 
_refine.ls_shift_over_su_max                     ? 
_refine.ls_shift_over_su_max_lt                  ? 
_refine.ls_shift_over_su_mean                    ? 
_refine.ls_shift_over_su_mean_lt                 ? 
_refine.pdbx_ls_sigma_I                          ? 
_refine.pdbx_ls_sigma_F                          1.34 
_refine.pdbx_ls_sigma_Fsqd                       ? 
_refine.pdbx_data_cutoff_high_absF               ? 
_refine.pdbx_data_cutoff_high_rms_absF           ? 
_refine.pdbx_data_cutoff_low_absF                ? 
_refine.pdbx_isotropic_thermal_model             ? 
_refine.pdbx_ls_cross_valid_method               'FREE R-VALUE' 
_refine.pdbx_method_to_determine_struct          'MOLECULAR REPLACEMENT' 
_refine.pdbx_starting_model                      ? 
_refine.pdbx_stereochemistry_target_values       'GeoStd + Monomer Library + CDL v1.2' 
_refine.pdbx_R_Free_selection_details            ? 
_refine.pdbx_stereochem_target_val_spec_case     ? 
_refine.pdbx_overall_ESU_R                       ? 
_refine.pdbx_overall_ESU_R_Free                  ? 
_refine.pdbx_solvent_vdw_probe_radii             1.1000 
_refine.pdbx_solvent_ion_probe_radii             ? 
_refine.pdbx_solvent_shrinkage_radii             0.9000 
_refine.pdbx_real_space_R                        ? 
_refine.pdbx_density_correlation                 ? 
_refine.pdbx_pd_number_of_powder_patterns        ? 
_refine.pdbx_pd_number_of_points                 ? 
_refine.pdbx_pd_meas_number_of_points            ? 
_refine.pdbx_pd_proc_ls_prof_R_factor            ? 
_refine.pdbx_pd_proc_ls_prof_wR_factor           ? 
_refine.pdbx_pd_Marquardt_correlation_coeff      ? 
_refine.pdbx_pd_Fsqrd_R_factor                   ? 
_refine.pdbx_pd_ls_matrix_band_width             ? 
_refine.pdbx_overall_phase_error                 21.7383 
_refine.pdbx_overall_SU_R_free_Cruickshank_DPI   ? 
_refine.pdbx_overall_SU_R_free_Blow_DPI          ? 
_refine.pdbx_overall_SU_R_Blow_DPI               ? 
_refine.pdbx_TLS_residual_ADP_flag               ? 
_refine.pdbx_diffrn_id                           1 
_refine.overall_SU_B                             ? 
_refine.overall_SU_ML                            0.2242 
_refine.overall_SU_R_Cruickshank_DPI             ? 
_refine.overall_SU_R_free                        ? 
_refine.overall_FOM_free_R_set                   ? 
_refine.overall_FOM_work_R_set                   ? 
_refine.pdbx_average_fsc_overall                 ? 
_refine.pdbx_average_fsc_work                    ? 
_refine.pdbx_average_fsc_free                    ? 
# 
_refine_hist.pdbx_refine_id                   'X-RAY DIFFRACTION' 
_refine_hist.cycle_id                         LAST 
_refine_hist.details                          ? 
_refine_hist.d_res_high                       2.00 
_refine_hist.d_res_low                        13.01 
_refine_hist.number_atoms_solvent             120 
_refine_hist.number_atoms_total               1230 
_refine_hist.number_reflns_all                ? 
_refine_hist.number_reflns_obs                ? 
_refine_hist.number_reflns_R_free             ? 
_refine_hist.number_reflns_R_work             ? 
_refine_hist.R_factor_all                     ? 
_refine_hist.R_factor_obs                     ? 
_refine_hist.R_factor_R_free                  ? 
_refine_hist.R_factor_R_work                  ? 
_refine_hist.pdbx_number_residues_total       ? 
_refine_hist.pdbx_B_iso_mean_ligand           ? 
_refine_hist.pdbx_B_iso_mean_solvent          ? 
_refine_hist.pdbx_number_atoms_protein        1094 
_refine_hist.pdbx_number_atoms_nucleic_acid   0 
_refine_hist.pdbx_number_atoms_ligand         16 
_refine_hist.pdbx_number_atoms_lipid          ? 
_refine_hist.pdbx_number_atoms_carb           ? 
_refine_hist.pdbx_pseudo_atom_details         ? 
# 
loop_
_refine_ls_restr.pdbx_refine_id 
_refine_ls_restr.criterion 
_refine_ls_restr.dev_ideal 
_refine_ls_restr.dev_ideal_target 
_refine_ls_restr.number 
_refine_ls_restr.rejects 
_refine_ls_restr.type 
_refine_ls_restr.weight 
_refine_ls_restr.pdbx_restraint_function 
'X-RAY DIFFRACTION' ? 0.0065  ? 1139 ? f_bond_d           ? ? 
'X-RAY DIFFRACTION' ? 0.7883  ? 1537 ? f_angle_d          ? ? 
'X-RAY DIFFRACTION' ? 0.0609  ? 158  ? f_chiral_restr     ? ? 
'X-RAY DIFFRACTION' ? 0.0052  ? 192  ? f_plane_restr      ? ? 
'X-RAY DIFFRACTION' ? 12.3548 ? 426  ? f_dihedral_angle_d ? ? 
# 
loop_
_refine_ls_shell.pdbx_refine_id 
_refine_ls_shell.d_res_high 
_refine_ls_shell.d_res_low 
_refine_ls_shell.number_reflns_all 
_refine_ls_shell.number_reflns_obs 
_refine_ls_shell.number_reflns_R_free 
_refine_ls_shell.number_reflns_R_work 
_refine_ls_shell.percent_reflns_obs 
_refine_ls_shell.percent_reflns_R_free 
_refine_ls_shell.R_factor_all 
_refine_ls_shell.R_factor_obs 
_refine_ls_shell.R_factor_R_free_error 
_refine_ls_shell.R_factor_R_work 
_refine_ls_shell.redundancy_reflns_all 
_refine_ls_shell.redundancy_reflns_obs 
_refine_ls_shell.wR_factor_all 
_refine_ls_shell.wR_factor_obs 
_refine_ls_shell.wR_factor_R_free 
_refine_ls_shell.wR_factor_R_work 
_refine_ls_shell.pdbx_R_complete 
_refine_ls_shell.pdbx_total_number_of_bins_used 
_refine_ls_shell.pdbx_phase_error 
_refine_ls_shell.pdbx_fsc_work 
_refine_ls_shell.pdbx_fsc_free 
_refine_ls_shell.R_factor_R_free 
'X-RAY DIFFRACTION' 2.00 2.20  . . 139 2918 99.97 . . . . 0.1778 . . . . . . . . . . . 0.2236 
'X-RAY DIFFRACTION' 2.20 2.52  . . 166 2942 99.94 . . . . 0.1772 . . . . . . . . . . . 0.2237 
'X-RAY DIFFRACTION' 2.52 3.16  . . 152 2975 99.94 . . . . 0.1828 . . . . . . . . . . . 0.2345 
'X-RAY DIFFRACTION' 3.16 13.01 . . 169 3098 99.82 . . . . 0.1765 . . . . . . . . . . . 0.2195 
# 
_struct.entry_id                     8WJ5 
_struct.title                        'Double-wing domain of E. coli YdcD' 
_struct.pdbx_model_details           ? 
_struct.pdbx_formula_weight          ? 
_struct.pdbx_formula_weight_method   ? 
_struct.pdbx_model_type_details      ? 
_struct.pdbx_CASP_flag               N 
# 
_struct_keywords.entry_id        8WJ5 
_struct_keywords.text            'periplasmic, UNKNOWN FUNCTION' 
_struct_keywords.pdbx_keywords   'UNKNOWN FUNCTION' 
# 
loop_
_struct_asym.id 
_struct_asym.pdbx_blank_PDB_chainid_flag 
_struct_asym.pdbx_modified 
_struct_asym.entity_id 
_struct_asym.details 
A N N 1 ? 
B N N 2 ? 
C N N 3 ? 
D N N 4 ? 
# 
_struct_ref.id                         1 
_struct_ref.db_name                    UNP 
_struct_ref.db_code                    YDCD_ECOLI 
_struct_ref.pdbx_db_accession          P31991 
_struct_ref.pdbx_db_isoform            ? 
_struct_ref.entity_id                  1 
_struct_ref.pdbx_seq_one_letter_code   
;DNNSNSDIVFYGHKTPKSVEIYLSEKNIIYKIINDQKISRGNGHFISIMVNNYRTHCGVVDINLNFFNDILYSVRLKNIS
KLENMEFCATKQRVYFSDKNKKASYKIINYGDYYDVDYYDNNLKNEVFDWIGKWS
;
_struct_ref.pdbx_align_begin           26 
# 
_struct_ref_seq.align_id                      1 
_struct_ref_seq.ref_id                        1 
_struct_ref_seq.pdbx_PDB_id_code              8WJ5 
_struct_ref_seq.pdbx_strand_id                A 
_struct_ref_seq.seq_align_beg                 6 
_struct_ref_seq.pdbx_seq_align_beg_ins_code   ? 
_struct_ref_seq.seq_align_end                 140 
_struct_ref_seq.pdbx_seq_align_end_ins_code   ? 
_struct_ref_seq.pdbx_db_accession             P31991 
_struct_ref_seq.db_align_beg                  26 
_struct_ref_seq.pdbx_db_align_beg_ins_code    ? 
_struct_ref_seq.db_align_end                  160 
_struct_ref_seq.pdbx_db_align_end_ins_code    ? 
_struct_ref_seq.pdbx_auth_seq_align_beg       26 
_struct_ref_seq.pdbx_auth_seq_align_end       160 
# 
loop_
_struct_ref_seq_dif.align_id 
_struct_ref_seq_dif.pdbx_pdb_id_code 
_struct_ref_seq_dif.mon_id 
_struct_ref_seq_dif.pdbx_pdb_strand_id 
_struct_ref_seq_dif.seq_num 
_struct_ref_seq_dif.pdbx_pdb_ins_code 
_struct_ref_seq_dif.pdbx_seq_db_name 
_struct_ref_seq_dif.pdbx_seq_db_accession_code 
_struct_ref_seq_dif.db_mon_id 
_struct_ref_seq_dif.pdbx_seq_db_seq_num 
_struct_ref_seq_dif.details 
_struct_ref_seq_dif.pdbx_auth_seq_num 
_struct_ref_seq_dif.pdbx_ordinal 
1 8WJ5 GLY A 1 ? UNP P31991 ? ? 'expression tag' 21 1 
1 8WJ5 SER A 2 ? UNP P31991 ? ? 'expression tag' 22 2 
1 8WJ5 HIS A 3 ? UNP P31991 ? ? 'expression tag' 23 3 
1 8WJ5 MET A 4 ? UNP P31991 ? ? 'expression tag' 24 4 
1 8WJ5 ALA A 5 ? UNP P31991 ? ? 'expression tag' 25 5 
# 
_pdbx_struct_assembly.id                   1 
_pdbx_struct_assembly.details              author_and_software_defined_assembly 
_pdbx_struct_assembly.method_details       ? 
_pdbx_struct_assembly.oligomeric_details   monomeric 
_pdbx_struct_assembly.oligomeric_count     1 
# 
_pdbx_struct_assembly_gen.assembly_id       1 
_pdbx_struct_assembly_gen.oper_expression   1 
_pdbx_struct_assembly_gen.asym_id_list      A,B,C,D 
# 
_pdbx_struct_assembly_auth_evidence.id                     1 
_pdbx_struct_assembly_auth_evidence.assembly_id            1 
_pdbx_struct_assembly_auth_evidence.experimental_support   'equilibrium centrifugation' 
_pdbx_struct_assembly_auth_evidence.details                ? 
# 
_pdbx_struct_oper_list.id                   1 
_pdbx_struct_oper_list.type                 'identity operation' 
_pdbx_struct_oper_list.name                 1_555 
_pdbx_struct_oper_list.symmetry_operation   x,y,z 
_pdbx_struct_oper_list.matrix[1][1]         1.0 
_pdbx_struct_oper_list.matrix[1][2]         0.0 
_pdbx_struct_oper_list.matrix[1][3]         0.0 
_pdbx_struct_oper_list.vector[1]            0.0 
_pdbx_struct_oper_list.matrix[2][1]         0.0 
_pdbx_struct_oper_list.matrix[2][2]         1.0 
_pdbx_struct_oper_list.matrix[2][3]         0.0 
_pdbx_struct_oper_list.vector[2]            0.0 
_pdbx_struct_oper_list.matrix[3][1]         0.0 
_pdbx_struct_oper_list.matrix[3][2]         0.0 
_pdbx_struct_oper_list.matrix[3][3]         1.0 
_pdbx_struct_oper_list.vector[3]            0.0 
# 
loop_
_struct_conf.conf_type_id 
_struct_conf.id 
_struct_conf.pdbx_PDB_helix_id 
_struct_conf.beg_label_comp_id 
_struct_conf.beg_label_asym_id 
_struct_conf.beg_label_seq_id 
_struct_conf.pdbx_beg_PDB_ins_code 
_struct_conf.end_label_comp_id 
_struct_conf.end_label_asym_id 
_struct_conf.end_label_seq_id 
_struct_conf.pdbx_end_PDB_ins_code 
_struct_conf.beg_auth_comp_id 
_struct_conf.beg_auth_asym_id 
_struct_conf.beg_auth_seq_id 
_struct_conf.end_auth_comp_id 
_struct_conf.end_auth_asym_id 
_struct_conf.end_auth_seq_id 
_struct_conf.pdbx_PDB_helix_class 
_struct_conf.details 
_struct_conf.pdbx_PDB_helix_length 
HELX_P HELX_P1 AA1 THR A 20  ? LYS A 31  ? THR A 40  LYS A 51  1 ? 12 
HELX_P HELX_P2 AA2 ASN A 89  ? VAL A 99  ? ASN A 109 VAL A 119 1 ? 11 
HELX_P HELX_P3 AA3 TYR A 100 ? SER A 102 ? TYR A 120 SER A 122 5 ? 3  
HELX_P HELX_P4 AA4 ASP A 125 ? SER A 140 ? ASP A 145 SER A 160 1 ? 16 
# 
_struct_conf_type.id          HELX_P 
_struct_conf_type.criteria    ? 
_struct_conf_type.reference   ? 
# 
_struct_conn.id                            disulf1 
_struct_conn.conn_type_id                  disulf 
_struct_conn.pdbx_leaving_atom_flag        ? 
_struct_conn.pdbx_PDB_id                   ? 
_struct_conn.ptnr1_label_asym_id           A 
_struct_conn.ptnr1_label_comp_id           CYS 
_struct_conn.ptnr1_label_seq_id            62 
_struct_conn.ptnr1_label_atom_id           SG 
_struct_conn.pdbx_ptnr1_label_alt_id       ? 
_struct_conn.pdbx_ptnr1_PDB_ins_code       ? 
_struct_conn.pdbx_ptnr1_standard_comp_id   ? 
_struct_conn.ptnr1_symmetry                1_555 
_struct_conn.ptnr2_label_asym_id           A 
_struct_conn.ptnr2_label_comp_id           CYS 
_struct_conn.ptnr2_label_seq_id            93 
_struct_conn.ptnr2_label_atom_id           SG 
_struct_conn.pdbx_ptnr2_label_alt_id       ? 
_struct_conn.pdbx_ptnr2_PDB_ins_code       ? 
_struct_conn.ptnr1_auth_asym_id            A 
_struct_conn.ptnr1_auth_comp_id            CYS 
_struct_conn.ptnr1_auth_seq_id             82 
_struct_conn.ptnr2_auth_asym_id            A 
_struct_conn.ptnr2_auth_comp_id            CYS 
_struct_conn.ptnr2_auth_seq_id             113 
_struct_conn.ptnr2_symmetry                1_555 
_struct_conn.pdbx_ptnr3_label_atom_id      ? 
_struct_conn.pdbx_ptnr3_label_seq_id       ? 
_struct_conn.pdbx_ptnr3_label_comp_id      ? 
_struct_conn.pdbx_ptnr3_label_asym_id      ? 
_struct_conn.pdbx_ptnr3_label_alt_id       ? 
_struct_conn.pdbx_ptnr3_PDB_ins_code       ? 
_struct_conn.details                       ? 
_struct_conn.pdbx_dist_value               2.050 
_struct_conn.pdbx_value_order              ? 
_struct_conn.pdbx_role                     ? 
# 
_struct_conn_type.id          disulf 
_struct_conn_type.criteria    ? 
_struct_conn_type.reference   ? 
# 
_pdbx_modification_feature.ordinal                            1 
_pdbx_modification_feature.label_comp_id                      CYS 
_pdbx_modification_feature.label_asym_id                      A 
_pdbx_modification_feature.label_seq_id                       62 
_pdbx_modification_feature.label_alt_id                       ? 
_pdbx_modification_feature.modified_residue_label_comp_id     CYS 
_pdbx_modification_feature.modified_residue_label_asym_id     A 
_pdbx_modification_feature.modified_residue_label_seq_id      93 
_pdbx_modification_feature.modified_residue_label_alt_id      ? 
_pdbx_modification_feature.auth_comp_id                       CYS 
_pdbx_modification_feature.auth_asym_id                       A 
_pdbx_modification_feature.auth_seq_id                        82 
_pdbx_modification_feature.PDB_ins_code                       ? 
_pdbx_modification_feature.symmetry                           1_555 
_pdbx_modification_feature.modified_residue_auth_comp_id      CYS 
_pdbx_modification_feature.modified_residue_auth_asym_id      A 
_pdbx_modification_feature.modified_residue_auth_seq_id       113 
_pdbx_modification_feature.modified_residue_PDB_ins_code      ? 
_pdbx_modification_feature.modified_residue_symmetry          1_555 
_pdbx_modification_feature.comp_id_linking_atom               SG 
_pdbx_modification_feature.modified_residue_id_linking_atom   SG 
_pdbx_modification_feature.modified_residue_id                . 
_pdbx_modification_feature.ref_pcm_id                         . 
_pdbx_modification_feature.ref_comp_id                        . 
_pdbx_modification_feature.type                               None 
_pdbx_modification_feature.category                           'Disulfide bridge' 
# 
_struct_sheet.id               AA1 
_struct_sheet.type             ? 
_struct_sheet.number_strands   6 
_struct_sheet.details          ? 
# 
loop_
_struct_sheet_order.sheet_id 
_struct_sheet_order.range_id_1 
_struct_sheet_order.range_id_2 
_struct_sheet_order.offset 
_struct_sheet_order.sense 
AA1 1 2 ? anti-parallel 
AA1 2 3 ? anti-parallel 
AA1 3 4 ? anti-parallel 
AA1 4 5 ? anti-parallel 
AA1 5 6 ? anti-parallel 
# 
loop_
_struct_sheet_range.sheet_id 
_struct_sheet_range.id 
_struct_sheet_range.beg_label_comp_id 
_struct_sheet_range.beg_label_asym_id 
_struct_sheet_range.beg_label_seq_id 
_struct_sheet_range.pdbx_beg_PDB_ins_code 
_struct_sheet_range.end_label_comp_id 
_struct_sheet_range.end_label_asym_id 
_struct_sheet_range.end_label_seq_id 
_struct_sheet_range.pdbx_end_PDB_ins_code 
_struct_sheet_range.beg_auth_comp_id 
_struct_sheet_range.beg_auth_asym_id 
_struct_sheet_range.beg_auth_seq_id 
_struct_sheet_range.end_auth_comp_id 
_struct_sheet_range.end_auth_asym_id 
_struct_sheet_range.end_auth_seq_id 
AA1 1 LYS A 36  ? ASN A 39  ? LYS A 56  ASN A 59  
AA1 2 PHE A 50  ? THR A 60  ? PHE A 70  THR A 80  
AA1 3 GLY A 63  ? PHE A 72  ? GLY A 83  PHE A 92  
AA1 4 ILE A 75  ? SER A 85  ? ILE A 95  SER A 105 
AA1 5 TYR A 118 ? TYR A 124 ? TYR A 138 TYR A 144 
AA1 6 SER A 109 ? ASN A 114 ? SER A 129 ASN A 134 
# 
loop_
_pdbx_struct_sheet_hbond.sheet_id 
_pdbx_struct_sheet_hbond.range_id_1 
_pdbx_struct_sheet_hbond.range_id_2 
_pdbx_struct_sheet_hbond.range_1_label_atom_id 
_pdbx_struct_sheet_hbond.range_1_label_comp_id 
_pdbx_struct_sheet_hbond.range_1_label_asym_id 
_pdbx_struct_sheet_hbond.range_1_label_seq_id 
_pdbx_struct_sheet_hbond.range_1_PDB_ins_code 
_pdbx_struct_sheet_hbond.range_1_auth_atom_id 
_pdbx_struct_sheet_hbond.range_1_auth_comp_id 
_pdbx_struct_sheet_hbond.range_1_auth_asym_id 
_pdbx_struct_sheet_hbond.range_1_auth_seq_id 
_pdbx_struct_sheet_hbond.range_2_label_atom_id 
_pdbx_struct_sheet_hbond.range_2_label_comp_id 
_pdbx_struct_sheet_hbond.range_2_label_asym_id 
_pdbx_struct_sheet_hbond.range_2_label_seq_id 
_pdbx_struct_sheet_hbond.range_2_PDB_ins_code 
_pdbx_struct_sheet_hbond.range_2_auth_atom_id 
_pdbx_struct_sheet_hbond.range_2_auth_comp_id 
_pdbx_struct_sheet_hbond.range_2_auth_asym_id 
_pdbx_struct_sheet_hbond.range_2_auth_seq_id 
AA1 1 2 N ILE A 38  ? N ILE A 58  O SER A 52  ? O SER A 72  
AA1 2 3 N TYR A 58  ? N TYR A 78  O VAL A 65  ? O VAL A 85  
AA1 3 4 N ASP A 66  ? N ASP A 86  O LYS A 82  ? O LYS A 102 
AA1 4 5 N LEU A 81  ? N LEU A 101 O VAL A 121 ? O VAL A 141 
AA1 5 6 O ASP A 120 ? O ASP A 140 N ILE A 113 ? N ILE A 133 
# 
_pdbx_entry_details.entry_id                   8WJ5 
_pdbx_entry_details.nonpolymer_details         ? 
_pdbx_entry_details.sequence_details           ? 
_pdbx_entry_details.compound_details           ? 
_pdbx_entry_details.source_details             ? 
_pdbx_entry_details.has_ligand_of_interest     N 
_pdbx_entry_details.has_protein_modification   Y 
# 
loop_
_pdbx_validate_torsion.id 
_pdbx_validate_torsion.PDB_model_num 
_pdbx_validate_torsion.auth_comp_id 
_pdbx_validate_torsion.auth_asym_id 
_pdbx_validate_torsion.auth_seq_id 
_pdbx_validate_torsion.PDB_ins_code 
_pdbx_validate_torsion.label_alt_id 
_pdbx_validate_torsion.phi 
_pdbx_validate_torsion.psi 
1 1 ASN A 67  ? ? -104.69 77.44 
2 1 ASN A 103 ? ? 71.96   53.96 
# 
_pdbx_struct_special_symmetry.id              1 
_pdbx_struct_special_symmetry.PDB_model_num   1 
_pdbx_struct_special_symmetry.auth_asym_id    A 
_pdbx_struct_special_symmetry.auth_comp_id    HOH 
_pdbx_struct_special_symmetry.auth_seq_id     392 
_pdbx_struct_special_symmetry.PDB_ins_code    ? 
_pdbx_struct_special_symmetry.label_asym_id   D 
_pdbx_struct_special_symmetry.label_comp_id   HOH 
_pdbx_struct_special_symmetry.label_seq_id    . 
# 
loop_
_space_group_symop.id 
_space_group_symop.operation_xyz 
1 x,y,z               
2 -y+1/2,x+1/2,z+3/4  
3 y+1/2,-x+1/2,z+1/4  
4 x+1/2,-y+1/2,-z+1/4 
5 -x+1/2,y+1/2,-z+3/4 
6 -x,-y,z+1/2         
7 y,x,-z              
8 -y,-x,-z+1/2        
# 
loop_
_pdbx_unobs_or_zero_occ_residues.id 
_pdbx_unobs_or_zero_occ_residues.PDB_model_num 
_pdbx_unobs_or_zero_occ_residues.polymer_flag 
_pdbx_unobs_or_zero_occ_residues.occupancy_flag 
_pdbx_unobs_or_zero_occ_residues.auth_asym_id 
_pdbx_unobs_or_zero_occ_residues.auth_comp_id 
_pdbx_unobs_or_zero_occ_residues.auth_seq_id 
_pdbx_unobs_or_zero_occ_residues.PDB_ins_code 
_pdbx_unobs_or_zero_occ_residues.label_asym_id 
_pdbx_unobs_or_zero_occ_residues.label_comp_id 
_pdbx_unobs_or_zero_occ_residues.label_seq_id 
1  1 Y 1 A GLY 21 ? A GLY 1  
2  1 Y 1 A SER 22 ? A SER 2  
3  1 Y 1 A HIS 23 ? A HIS 3  
4  1 Y 1 A MET 24 ? A MET 4  
5  1 Y 1 A ALA 25 ? A ALA 5  
6  1 Y 1 A ASP 26 ? A ASP 6  
7  1 Y 1 A ASN 27 ? A ASN 7  
8  1 Y 1 A ASN 28 ? A ASN 8  
9  1 Y 1 A SER 29 ? A SER 9  
10 1 Y 1 A ASN 30 ? A ASN 10 
# 
loop_
_chem_comp_atom.comp_id 
_chem_comp_atom.atom_id 
_chem_comp_atom.type_symbol 
_chem_comp_atom.pdbx_aromatic_flag 
_chem_comp_atom.pdbx_stereo_config 
_chem_comp_atom.pdbx_ordinal 
ALA N    N  N N 1   
ALA CA   C  N S 2   
ALA C    C  N N 3   
ALA O    O  N N 4   
ALA CB   C  N N 5   
ALA OXT  O  N N 6   
ALA H    H  N N 7   
ALA H2   H  N N 8   
ALA HA   H  N N 9   
ALA HB1  H  N N 10  
ALA HB2  H  N N 11  
ALA HB3  H  N N 12  
ALA HXT  H  N N 13  
ARG N    N  N N 14  
ARG CA   C  N S 15  
ARG C    C  N N 16  
ARG O    O  N N 17  
ARG CB   C  N N 18  
ARG CG   C  N N 19  
ARG CD   C  N N 20  
ARG NE   N  N N 21  
ARG CZ   C  N N 22  
ARG NH1  N  N N 23  
ARG NH2  N  N N 24  
ARG OXT  O  N N 25  
ARG H    H  N N 26  
ARG H2   H  N N 27  
ARG HA   H  N N 28  
ARG HB2  H  N N 29  
ARG HB3  H  N N 30  
ARG HG2  H  N N 31  
ARG HG3  H  N N 32  
ARG HD2  H  N N 33  
ARG HD3  H  N N 34  
ARG HE   H  N N 35  
ARG HH11 H  N N 36  
ARG HH12 H  N N 37  
ARG HH21 H  N N 38  
ARG HH22 H  N N 39  
ARG HXT  H  N N 40  
ASN N    N  N N 41  
ASN CA   C  N S 42  
ASN C    C  N N 43  
ASN O    O  N N 44  
ASN CB   C  N N 45  
ASN CG   C  N N 46  
ASN OD1  O  N N 47  
ASN ND2  N  N N 48  
ASN OXT  O  N N 49  
ASN H    H  N N 50  
ASN H2   H  N N 51  
ASN HA   H  N N 52  
ASN HB2  H  N N 53  
ASN HB3  H  N N 54  
ASN HD21 H  N N 55  
ASN HD22 H  N N 56  
ASN HXT  H  N N 57  
ASP N    N  N N 58  
ASP CA   C  N S 59  
ASP C    C  N N 60  
ASP O    O  N N 61  
ASP CB   C  N N 62  
ASP CG   C  N N 63  
ASP OD1  O  N N 64  
ASP OD2  O  N N 65  
ASP OXT  O  N N 66  
ASP H    H  N N 67  
ASP H2   H  N N 68  
ASP HA   H  N N 69  
ASP HB2  H  N N 70  
ASP HB3  H  N N 71  
ASP HD2  H  N N 72  
ASP HXT  H  N N 73  
CL  CL   CL N N 74  
CYS N    N  N N 75  
CYS CA   C  N R 76  
CYS C    C  N N 77  
CYS O    O  N N 78  
CYS CB   C  N N 79  
CYS SG   S  N N 80  
CYS OXT  O  N N 81  
CYS H    H  N N 82  
CYS H2   H  N N 83  
CYS HA   H  N N 84  
CYS HB2  H  N N 85  
CYS HB3  H  N N 86  
CYS HG   H  N N 87  
CYS HXT  H  N N 88  
EPE N1   N  N N 89  
EPE C2   C  N N 90  
EPE C3   C  N N 91  
EPE N4   N  N N 92  
EPE C5   C  N N 93  
EPE C6   C  N N 94  
EPE C7   C  N N 95  
EPE C8   C  N N 96  
EPE O8   O  N N 97  
EPE C9   C  N N 98  
EPE C10  C  N N 99  
EPE S    S  N N 100 
EPE O1S  O  N N 101 
EPE O2S  O  N N 102 
EPE O3S  O  N N 103 
EPE H21  H  N N 104 
EPE H22  H  N N 105 
EPE H31  H  N N 106 
EPE H32  H  N N 107 
EPE H51  H  N N 108 
EPE H52  H  N N 109 
EPE H61  H  N N 110 
EPE H62  H  N N 111 
EPE H71  H  N N 112 
EPE H72  H  N N 113 
EPE H81  H  N N 114 
EPE H82  H  N N 115 
EPE HO8  H  N N 116 
EPE H91  H  N N 117 
EPE H92  H  N N 118 
EPE H101 H  N N 119 
EPE H102 H  N N 120 
EPE HOS3 H  N N 121 
GLN N    N  N N 122 
GLN CA   C  N S 123 
GLN C    C  N N 124 
GLN O    O  N N 125 
GLN CB   C  N N 126 
GLN CG   C  N N 127 
GLN CD   C  N N 128 
GLN OE1  O  N N 129 
GLN NE2  N  N N 130 
GLN OXT  O  N N 131 
GLN H    H  N N 132 
GLN H2   H  N N 133 
GLN HA   H  N N 134 
GLN HB2  H  N N 135 
GLN HB3  H  N N 136 
GLN HG2  H  N N 137 
GLN HG3  H  N N 138 
GLN HE21 H  N N 139 
GLN HE22 H  N N 140 
GLN HXT  H  N N 141 
GLU N    N  N N 142 
GLU CA   C  N S 143 
GLU C    C  N N 144 
GLU O    O  N N 145 
GLU CB   C  N N 146 
GLU CG   C  N N 147 
GLU CD   C  N N 148 
GLU OE1  O  N N 149 
GLU OE2  O  N N 150 
GLU OXT  O  N N 151 
GLU H    H  N N 152 
GLU H2   H  N N 153 
GLU HA   H  N N 154 
GLU HB2  H  N N 155 
GLU HB3  H  N N 156 
GLU HG2  H  N N 157 
GLU HG3  H  N N 158 
GLU HE2  H  N N 159 
GLU HXT  H  N N 160 
GLY N    N  N N 161 
GLY CA   C  N N 162 
GLY C    C  N N 163 
GLY O    O  N N 164 
GLY OXT  O  N N 165 
GLY H    H  N N 166 
GLY H2   H  N N 167 
GLY HA2  H  N N 168 
GLY HA3  H  N N 169 
GLY HXT  H  N N 170 
HIS N    N  N N 171 
HIS CA   C  N S 172 
HIS C    C  N N 173 
HIS O    O  N N 174 
HIS CB   C  N N 175 
HIS CG   C  Y N 176 
HIS ND1  N  Y N 177 
HIS CD2  C  Y N 178 
HIS CE1  C  Y N 179 
HIS NE2  N  Y N 180 
HIS OXT  O  N N 181 
HIS H    H  N N 182 
HIS H2   H  N N 183 
HIS HA   H  N N 184 
HIS HB2  H  N N 185 
HIS HB3  H  N N 186 
HIS HD1  H  N N 187 
HIS HD2  H  N N 188 
HIS HE1  H  N N 189 
HIS HE2  H  N N 190 
HIS HXT  H  N N 191 
HOH O    O  N N 192 
HOH H1   H  N N 193 
HOH H2   H  N N 194 
ILE N    N  N N 195 
ILE CA   C  N S 196 
ILE C    C  N N 197 
ILE O    O  N N 198 
ILE CB   C  N S 199 
ILE CG1  C  N N 200 
ILE CG2  C  N N 201 
ILE CD1  C  N N 202 
ILE OXT  O  N N 203 
ILE H    H  N N 204 
ILE H2   H  N N 205 
ILE HA   H  N N 206 
ILE HB   H  N N 207 
ILE HG12 H  N N 208 
ILE HG13 H  N N 209 
ILE HG21 H  N N 210 
ILE HG22 H  N N 211 
ILE HG23 H  N N 212 
ILE HD11 H  N N 213 
ILE HD12 H  N N 214 
ILE HD13 H  N N 215 
ILE HXT  H  N N 216 
LEU N    N  N N 217 
LEU CA   C  N S 218 
LEU C    C  N N 219 
LEU O    O  N N 220 
LEU CB   C  N N 221 
LEU CG   C  N N 222 
LEU CD1  C  N N 223 
LEU CD2  C  N N 224 
LEU OXT  O  N N 225 
LEU H    H  N N 226 
LEU H2   H  N N 227 
LEU HA   H  N N 228 
LEU HB2  H  N N 229 
LEU HB3  H  N N 230 
LEU HG   H  N N 231 
LEU HD11 H  N N 232 
LEU HD12 H  N N 233 
LEU HD13 H  N N 234 
LEU HD21 H  N N 235 
LEU HD22 H  N N 236 
LEU HD23 H  N N 237 
LEU HXT  H  N N 238 
LYS N    N  N N 239 
LYS CA   C  N S 240 
LYS C    C  N N 241 
LYS O    O  N N 242 
LYS CB   C  N N 243 
LYS CG   C  N N 244 
LYS CD   C  N N 245 
LYS CE   C  N N 246 
LYS NZ   N  N N 247 
LYS OXT  O  N N 248 
LYS H    H  N N 249 
LYS H2   H  N N 250 
LYS HA   H  N N 251 
LYS HB2  H  N N 252 
LYS HB3  H  N N 253 
LYS HG2  H  N N 254 
LYS HG3  H  N N 255 
LYS HD2  H  N N 256 
LYS HD3  H  N N 257 
LYS HE2  H  N N 258 
LYS HE3  H  N N 259 
LYS HZ1  H  N N 260 
LYS HZ2  H  N N 261 
LYS HZ3  H  N N 262 
LYS HXT  H  N N 263 
MET N    N  N N 264 
MET CA   C  N S 265 
MET C    C  N N 266 
MET O    O  N N 267 
MET CB   C  N N 268 
MET CG   C  N N 269 
MET SD   S  N N 270 
MET CE   C  N N 271 
MET OXT  O  N N 272 
MET H    H  N N 273 
MET H2   H  N N 274 
MET HA   H  N N 275 
MET HB2  H  N N 276 
MET HB3  H  N N 277 
MET HG2  H  N N 278 
MET HG3  H  N N 279 
MET HE1  H  N N 280 
MET HE2  H  N N 281 
MET HE3  H  N N 282 
MET HXT  H  N N 283 
PHE N    N  N N 284 
PHE CA   C  N S 285 
PHE C    C  N N 286 
PHE O    O  N N 287 
PHE CB   C  N N 288 
PHE CG   C  Y N 289 
PHE CD1  C  Y N 290 
PHE CD2  C  Y N 291 
PHE CE1  C  Y N 292 
PHE CE2  C  Y N 293 
PHE CZ   C  Y N 294 
PHE OXT  O  N N 295 
PHE H    H  N N 296 
PHE H2   H  N N 297 
PHE HA   H  N N 298 
PHE HB2  H  N N 299 
PHE HB3  H  N N 300 
PHE HD1  H  N N 301 
PHE HD2  H  N N 302 
PHE HE1  H  N N 303 
PHE HE2  H  N N 304 
PHE HZ   H  N N 305 
PHE HXT  H  N N 306 
PRO N    N  N N 307 
PRO CA   C  N S 308 
PRO C    C  N N 309 
PRO O    O  N N 310 
PRO CB   C  N N 311 
PRO CG   C  N N 312 
PRO CD   C  N N 313 
PRO OXT  O  N N 314 
PRO H    H  N N 315 
PRO HA   H  N N 316 
PRO HB2  H  N N 317 
PRO HB3  H  N N 318 
PRO HG2  H  N N 319 
PRO HG3  H  N N 320 
PRO HD2  H  N N 321 
PRO HD3  H  N N 322 
PRO HXT  H  N N 323 
SER N    N  N N 324 
SER CA   C  N S 325 
SER C    C  N N 326 
SER O    O  N N 327 
SER CB   C  N N 328 
SER OG   O  N N 329 
SER OXT  O  N N 330 
SER H    H  N N 331 
SER H2   H  N N 332 
SER HA   H  N N 333 
SER HB2  H  N N 334 
SER HB3  H  N N 335 
SER HG   H  N N 336 
SER HXT  H  N N 337 
THR N    N  N N 338 
THR CA   C  N S 339 
THR C    C  N N 340 
THR O    O  N N 341 
THR CB   C  N R 342 
THR OG1  O  N N 343 
THR CG2  C  N N 344 
THR OXT  O  N N 345 
THR H    H  N N 346 
THR H2   H  N N 347 
THR HA   H  N N 348 
THR HB   H  N N 349 
THR HG1  H  N N 350 
THR HG21 H  N N 351 
THR HG22 H  N N 352 
THR HG23 H  N N 353 
THR HXT  H  N N 354 
TRP N    N  N N 355 
TRP CA   C  N S 356 
TRP C    C  N N 357 
TRP O    O  N N 358 
TRP CB   C  N N 359 
TRP CG   C  Y N 360 
TRP CD1  C  Y N 361 
TRP CD2  C  Y N 362 
TRP NE1  N  Y N 363 
TRP CE2  C  Y N 364 
TRP CE3  C  Y N 365 
TRP CZ2  C  Y N 366 
TRP CZ3  C  Y N 367 
TRP CH2  C  Y N 368 
TRP OXT  O  N N 369 
TRP H    H  N N 370 
TRP H2   H  N N 371 
TRP HA   H  N N 372 
TRP HB2  H  N N 373 
TRP HB3  H  N N 374 
TRP HD1  H  N N 375 
TRP HE1  H  N N 376 
TRP HE3  H  N N 377 
TRP HZ2  H  N N 378 
TRP HZ3  H  N N 379 
TRP HH2  H  N N 380 
TRP HXT  H  N N 381 
TYR N    N  N N 382 
TYR CA   C  N S 383 
TYR C    C  N N 384 
TYR O    O  N N 385 
TYR CB   C  N N 386 
TYR CG   C  Y N 387 
TYR CD1  C  Y N 388 
TYR CD2  C  Y N 389 
TYR CE1  C  Y N 390 
TYR CE2  C  Y N 391 
TYR CZ   C  Y N 392 
TYR OH   O  N N 393 
TYR OXT  O  N N 394 
TYR H    H  N N 395 
TYR H2   H  N N 396 
TYR HA   H  N N 397 
TYR HB2  H  N N 398 
TYR HB3  H  N N 399 
TYR HD1  H  N N 400 
TYR HD2  H  N N 401 
TYR HE1  H  N N 402 
TYR HE2  H  N N 403 
TYR HH   H  N N 404 
TYR HXT  H  N N 405 
VAL N    N  N N 406 
VAL CA   C  N S 407 
VAL C    C  N N 408 
VAL O    O  N N 409 
VAL CB   C  N N 410 
VAL CG1  C  N N 411 
VAL CG2  C  N N 412 
VAL OXT  O  N N 413 
VAL H    H  N N 414 
VAL H2   H  N N 415 
VAL HA   H  N N 416 
VAL HB   H  N N 417 
VAL HG11 H  N N 418 
VAL HG12 H  N N 419 
VAL HG13 H  N N 420 
VAL HG21 H  N N 421 
VAL HG22 H  N N 422 
VAL HG23 H  N N 423 
VAL HXT  H  N N 424 
# 
loop_
_chem_comp_bond.comp_id 
_chem_comp_bond.atom_id_1 
_chem_comp_bond.atom_id_2 
_chem_comp_bond.value_order 
_chem_comp_bond.pdbx_aromatic_flag 
_chem_comp_bond.pdbx_stereo_config 
_chem_comp_bond.pdbx_ordinal 
ALA N   CA   sing N N 1   
ALA N   H    sing N N 2   
ALA N   H2   sing N N 3   
ALA CA  C    sing N N 4   
ALA CA  CB   sing N N 5   
ALA CA  HA   sing N N 6   
ALA C   O    doub N N 7   
ALA C   OXT  sing N N 8   
ALA CB  HB1  sing N N 9   
ALA CB  HB2  sing N N 10  
ALA CB  HB3  sing N N 11  
ALA OXT HXT  sing N N 12  
ARG N   CA   sing N N 13  
ARG N   H    sing N N 14  
ARG N   H2   sing N N 15  
ARG CA  C    sing N N 16  
ARG CA  CB   sing N N 17  
ARG CA  HA   sing N N 18  
ARG C   O    doub N N 19  
ARG C   OXT  sing N N 20  
ARG CB  CG   sing N N 21  
ARG CB  HB2  sing N N 22  
ARG CB  HB3  sing N N 23  
ARG CG  CD   sing N N 24  
ARG CG  HG2  sing N N 25  
ARG CG  HG3  sing N N 26  
ARG CD  NE   sing N N 27  
ARG CD  HD2  sing N N 28  
ARG CD  HD3  sing N N 29  
ARG NE  CZ   sing N N 30  
ARG NE  HE   sing N N 31  
ARG CZ  NH1  sing N N 32  
ARG CZ  NH2  doub N N 33  
ARG NH1 HH11 sing N N 34  
ARG NH1 HH12 sing N N 35  
ARG NH2 HH21 sing N N 36  
ARG NH2 HH22 sing N N 37  
ARG OXT HXT  sing N N 38  
ASN N   CA   sing N N 39  
ASN N   H    sing N N 40  
ASN N   H2   sing N N 41  
ASN CA  C    sing N N 42  
ASN CA  CB   sing N N 43  
ASN CA  HA   sing N N 44  
ASN C   O    doub N N 45  
ASN C   OXT  sing N N 46  
ASN CB  CG   sing N N 47  
ASN CB  HB2  sing N N 48  
ASN CB  HB3  sing N N 49  
ASN CG  OD1  doub N N 50  
ASN CG  ND2  sing N N 51  
ASN ND2 HD21 sing N N 52  
ASN ND2 HD22 sing N N 53  
ASN OXT HXT  sing N N 54  
ASP N   CA   sing N N 55  
ASP N   H    sing N N 56  
ASP N   H2   sing N N 57  
ASP CA  C    sing N N 58  
ASP CA  CB   sing N N 59  
ASP CA  HA   sing N N 60  
ASP C   O    doub N N 61  
ASP C   OXT  sing N N 62  
ASP CB  CG   sing N N 63  
ASP CB  HB2  sing N N 64  
ASP CB  HB3  sing N N 65  
ASP CG  OD1  doub N N 66  
ASP CG  OD2  sing N N 67  
ASP OD2 HD2  sing N N 68  
ASP OXT HXT  sing N N 69  
CYS N   CA   sing N N 70  
CYS N   H    sing N N 71  
CYS N   H2   sing N N 72  
CYS CA  C    sing N N 73  
CYS CA  CB   sing N N 74  
CYS CA  HA   sing N N 75  
CYS C   O    doub N N 76  
CYS C   OXT  sing N N 77  
CYS CB  SG   sing N N 78  
CYS CB  HB2  sing N N 79  
CYS CB  HB3  sing N N 80  
CYS SG  HG   sing N N 81  
CYS OXT HXT  sing N N 82  
EPE N1  C2   sing N N 83  
EPE N1  C6   sing N N 84  
EPE N1  C9   sing N N 85  
EPE C2  C3   sing N N 86  
EPE C2  H21  sing N N 87  
EPE C2  H22  sing N N 88  
EPE C3  N4   sing N N 89  
EPE C3  H31  sing N N 90  
EPE C3  H32  sing N N 91  
EPE N4  C5   sing N N 92  
EPE N4  C7   sing N N 93  
EPE C5  C6   sing N N 94  
EPE C5  H51  sing N N 95  
EPE C5  H52  sing N N 96  
EPE C6  H61  sing N N 97  
EPE C6  H62  sing N N 98  
EPE C7  C8   sing N N 99  
EPE C7  H71  sing N N 100 
EPE C7  H72  sing N N 101 
EPE C8  O8   sing N N 102 
EPE C8  H81  sing N N 103 
EPE C8  H82  sing N N 104 
EPE O8  HO8  sing N N 105 
EPE C9  C10  sing N N 106 
EPE C9  H91  sing N N 107 
EPE C9  H92  sing N N 108 
EPE C10 S    sing N N 109 
EPE C10 H101 sing N N 110 
EPE C10 H102 sing N N 111 
EPE S   O1S  doub N N 112 
EPE S   O2S  doub N N 113 
EPE S   O3S  sing N N 114 
EPE O3S HOS3 sing N N 115 
GLN N   CA   sing N N 116 
GLN N   H    sing N N 117 
GLN N   H2   sing N N 118 
GLN CA  C    sing N N 119 
GLN CA  CB   sing N N 120 
GLN CA  HA   sing N N 121 
GLN C   O    doub N N 122 
GLN C   OXT  sing N N 123 
GLN CB  CG   sing N N 124 
GLN CB  HB2  sing N N 125 
GLN CB  HB3  sing N N 126 
GLN CG  CD   sing N N 127 
GLN CG  HG2  sing N N 128 
GLN CG  HG3  sing N N 129 
GLN CD  OE1  doub N N 130 
GLN CD  NE2  sing N N 131 
GLN NE2 HE21 sing N N 132 
GLN NE2 HE22 sing N N 133 
GLN OXT HXT  sing N N 134 
GLU N   CA   sing N N 135 
GLU N   H    sing N N 136 
GLU N   H2   sing N N 137 
GLU CA  C    sing N N 138 
GLU CA  CB   sing N N 139 
GLU CA  HA   sing N N 140 
GLU C   O    doub N N 141 
GLU C   OXT  sing N N 142 
GLU CB  CG   sing N N 143 
GLU CB  HB2  sing N N 144 
GLU CB  HB3  sing N N 145 
GLU CG  CD   sing N N 146 
GLU CG  HG2  sing N N 147 
GLU CG  HG3  sing N N 148 
GLU CD  OE1  doub N N 149 
GLU CD  OE2  sing N N 150 
GLU OE2 HE2  sing N N 151 
GLU OXT HXT  sing N N 152 
GLY N   CA   sing N N 153 
GLY N   H    sing N N 154 
GLY N   H2   sing N N 155 
GLY CA  C    sing N N 156 
GLY CA  HA2  sing N N 157 
GLY CA  HA3  sing N N 158 
GLY C   O    doub N N 159 
GLY C   OXT  sing N N 160 
GLY OXT HXT  sing N N 161 
HIS N   CA   sing N N 162 
HIS N   H    sing N N 163 
HIS N   H2   sing N N 164 
HIS CA  C    sing N N 165 
HIS CA  CB   sing N N 166 
HIS CA  HA   sing N N 167 
HIS C   O    doub N N 168 
HIS C   OXT  sing N N 169 
HIS CB  CG   sing N N 170 
HIS CB  HB2  sing N N 171 
HIS CB  HB3  sing N N 172 
HIS CG  ND1  sing Y N 173 
HIS CG  CD2  doub Y N 174 
HIS ND1 CE1  doub Y N 175 
HIS ND1 HD1  sing N N 176 
HIS CD2 NE2  sing Y N 177 
HIS CD2 HD2  sing N N 178 
HIS CE1 NE2  sing Y N 179 
HIS CE1 HE1  sing N N 180 
HIS NE2 HE2  sing N N 181 
HIS OXT HXT  sing N N 182 
HOH O   H1   sing N N 183 
HOH O   H2   sing N N 184 
ILE N   CA   sing N N 185 
ILE N   H    sing N N 186 
ILE N   H2   sing N N 187 
ILE CA  C    sing N N 188 
ILE CA  CB   sing N N 189 
ILE CA  HA   sing N N 190 
ILE C   O    doub N N 191 
ILE C   OXT  sing N N 192 
ILE CB  CG1  sing N N 193 
ILE CB  CG2  sing N N 194 
ILE CB  HB   sing N N 195 
ILE CG1 CD1  sing N N 196 
ILE CG1 HG12 sing N N 197 
ILE CG1 HG13 sing N N 198 
ILE CG2 HG21 sing N N 199 
ILE CG2 HG22 sing N N 200 
ILE CG2 HG23 sing N N 201 
ILE CD1 HD11 sing N N 202 
ILE CD1 HD12 sing N N 203 
ILE CD1 HD13 sing N N 204 
ILE OXT HXT  sing N N 205 
LEU N   CA   sing N N 206 
LEU N   H    sing N N 207 
LEU N   H2   sing N N 208 
LEU CA  C    sing N N 209 
LEU CA  CB   sing N N 210 
LEU CA  HA   sing N N 211 
LEU C   O    doub N N 212 
LEU C   OXT  sing N N 213 
LEU CB  CG   sing N N 214 
LEU CB  HB2  sing N N 215 
LEU CB  HB3  sing N N 216 
LEU CG  CD1  sing N N 217 
LEU CG  CD2  sing N N 218 
LEU CG  HG   sing N N 219 
LEU CD1 HD11 sing N N 220 
LEU CD1 HD12 sing N N 221 
LEU CD1 HD13 sing N N 222 
LEU CD2 HD21 sing N N 223 
LEU CD2 HD22 sing N N 224 
LEU CD2 HD23 sing N N 225 
LEU OXT HXT  sing N N 226 
LYS N   CA   sing N N 227 
LYS N   H    sing N N 228 
LYS N   H2   sing N N 229 
LYS CA  C    sing N N 230 
LYS CA  CB   sing N N 231 
LYS CA  HA   sing N N 232 
LYS C   O    doub N N 233 
LYS C   OXT  sing N N 234 
LYS CB  CG   sing N N 235 
LYS CB  HB2  sing N N 236 
LYS CB  HB3  sing N N 237 
LYS CG  CD   sing N N 238 
LYS CG  HG2  sing N N 239 
LYS CG  HG3  sing N N 240 
LYS CD  CE   sing N N 241 
LYS CD  HD2  sing N N 242 
LYS CD  HD3  sing N N 243 
LYS CE  NZ   sing N N 244 
LYS CE  HE2  sing N N 245 
LYS CE  HE3  sing N N 246 
LYS NZ  HZ1  sing N N 247 
LYS NZ  HZ2  sing N N 248 
LYS NZ  HZ3  sing N N 249 
LYS OXT HXT  sing N N 250 
MET N   CA   sing N N 251 
MET N   H    sing N N 252 
MET N   H2   sing N N 253 
MET CA  C    sing N N 254 
MET CA  CB   sing N N 255 
MET CA  HA   sing N N 256 
MET C   O    doub N N 257 
MET C   OXT  sing N N 258 
MET CB  CG   sing N N 259 
MET CB  HB2  sing N N 260 
MET CB  HB3  sing N N 261 
MET CG  SD   sing N N 262 
MET CG  HG2  sing N N 263 
MET CG  HG3  sing N N 264 
MET SD  CE   sing N N 265 
MET CE  HE1  sing N N 266 
MET CE  HE2  sing N N 267 
MET CE  HE3  sing N N 268 
MET OXT HXT  sing N N 269 
PHE N   CA   sing N N 270 
PHE N   H    sing N N 271 
PHE N   H2   sing N N 272 
PHE CA  C    sing N N 273 
PHE CA  CB   sing N N 274 
PHE CA  HA   sing N N 275 
PHE C   O    doub N N 276 
PHE C   OXT  sing N N 277 
PHE CB  CG   sing N N 278 
PHE CB  HB2  sing N N 279 
PHE CB  HB3  sing N N 280 
PHE CG  CD1  doub Y N 281 
PHE CG  CD2  sing Y N 282 
PHE CD1 CE1  sing Y N 283 
PHE CD1 HD1  sing N N 284 
PHE CD2 CE2  doub Y N 285 
PHE CD2 HD2  sing N N 286 
PHE CE1 CZ   doub Y N 287 
PHE CE1 HE1  sing N N 288 
PHE CE2 CZ   sing Y N 289 
PHE CE2 HE2  sing N N 290 
PHE CZ  HZ   sing N N 291 
PHE OXT HXT  sing N N 292 
PRO N   CA   sing N N 293 
PRO N   CD   sing N N 294 
PRO N   H    sing N N 295 
PRO CA  C    sing N N 296 
PRO CA  CB   sing N N 297 
PRO CA  HA   sing N N 298 
PRO C   O    doub N N 299 
PRO C   OXT  sing N N 300 
PRO CB  CG   sing N N 301 
PRO CB  HB2  sing N N 302 
PRO CB  HB3  sing N N 303 
PRO CG  CD   sing N N 304 
PRO CG  HG2  sing N N 305 
PRO CG  HG3  sing N N 306 
PRO CD  HD2  sing N N 307 
PRO CD  HD3  sing N N 308 
PRO OXT HXT  sing N N 309 
SER N   CA   sing N N 310 
SER N   H    sing N N 311 
SER N   H2   sing N N 312 
SER CA  C    sing N N 313 
SER CA  CB   sing N N 314 
SER CA  HA   sing N N 315 
SER C   O    doub N N 316 
SER C   OXT  sing N N 317 
SER CB  OG   sing N N 318 
SER CB  HB2  sing N N 319 
SER CB  HB3  sing N N 320 
SER OG  HG   sing N N 321 
SER OXT HXT  sing N N 322 
THR N   CA   sing N N 323 
THR N   H    sing N N 324 
THR N   H2   sing N N 325 
THR CA  C    sing N N 326 
THR CA  CB   sing N N 327 
THR CA  HA   sing N N 328 
THR C   O    doub N N 329 
THR C   OXT  sing N N 330 
THR CB  OG1  sing N N 331 
THR CB  CG2  sing N N 332 
THR CB  HB   sing N N 333 
THR OG1 HG1  sing N N 334 
THR CG2 HG21 sing N N 335 
THR CG2 HG22 sing N N 336 
THR CG2 HG23 sing N N 337 
THR OXT HXT  sing N N 338 
TRP N   CA   sing N N 339 
TRP N   H    sing N N 340 
TRP N   H2   sing N N 341 
TRP CA  C    sing N N 342 
TRP CA  CB   sing N N 343 
TRP CA  HA   sing N N 344 
TRP C   O    doub N N 345 
TRP C   OXT  sing N N 346 
TRP CB  CG   sing N N 347 
TRP CB  HB2  sing N N 348 
TRP CB  HB3  sing N N 349 
TRP CG  CD1  doub Y N 350 
TRP CG  CD2  sing Y N 351 
TRP CD1 NE1  sing Y N 352 
TRP CD1 HD1  sing N N 353 
TRP CD2 CE2  doub Y N 354 
TRP CD2 CE3  sing Y N 355 
TRP NE1 CE2  sing Y N 356 
TRP NE1 HE1  sing N N 357 
TRP CE2 CZ2  sing Y N 358 
TRP CE3 CZ3  doub Y N 359 
TRP CE3 HE3  sing N N 360 
TRP CZ2 CH2  doub Y N 361 
TRP CZ2 HZ2  sing N N 362 
TRP CZ3 CH2  sing Y N 363 
TRP CZ3 HZ3  sing N N 364 
TRP CH2 HH2  sing N N 365 
TRP OXT HXT  sing N N 366 
TYR N   CA   sing N N 367 
TYR N   H    sing N N 368 
TYR N   H2   sing N N 369 
TYR CA  C    sing N N 370 
TYR CA  CB   sing N N 371 
TYR CA  HA   sing N N 372 
TYR C   O    doub N N 373 
TYR C   OXT  sing N N 374 
TYR CB  CG   sing N N 375 
TYR CB  HB2  sing N N 376 
TYR CB  HB3  sing N N 377 
TYR CG  CD1  doub Y N 378 
TYR CG  CD2  sing Y N 379 
TYR CD1 CE1  sing Y N 380 
TYR CD1 HD1  sing N N 381 
TYR CD2 CE2  doub Y N 382 
TYR CD2 HD2  sing N N 383 
TYR CE1 CZ   doub Y N 384 
TYR CE1 HE1  sing N N 385 
TYR CE2 CZ   sing Y N 386 
TYR CE2 HE2  sing N N 387 
TYR CZ  OH   sing N N 388 
TYR OH  HH   sing N N 389 
TYR OXT HXT  sing N N 390 
VAL N   CA   sing N N 391 
VAL N   H    sing N N 392 
VAL N   H2   sing N N 393 
VAL CA  C    sing N N 394 
VAL CA  CB   sing N N 395 
VAL CA  HA   sing N N 396 
VAL C   O    doub N N 397 
VAL C   OXT  sing N N 398 
VAL CB  CG1  sing N N 399 
VAL CB  CG2  sing N N 400 
VAL CB  HB   sing N N 401 
VAL CG1 HG11 sing N N 402 
VAL CG1 HG12 sing N N 403 
VAL CG1 HG13 sing N N 404 
VAL CG2 HG21 sing N N 405 
VAL CG2 HG22 sing N N 406 
VAL CG2 HG23 sing N N 407 
VAL OXT HXT  sing N N 408 
# 
_pdbx_audit_support.funding_organization   'Not funded' 
_pdbx_audit_support.country                ? 
_pdbx_audit_support.grant_number           ? 
_pdbx_audit_support.ordinal                1 
# 
_pdbx_initial_refinement_model.id               1 
_pdbx_initial_refinement_model.entity_id_list   ? 
_pdbx_initial_refinement_model.type             'in silico model' 
_pdbx_initial_refinement_model.source_name      AlphaFold 
_pdbx_initial_refinement_model.accession_code   ? 
_pdbx_initial_refinement_model.details          ? 
# 
_space_group.name_H-M_alt     'P 43 21 2' 
_space_group.name_Hall        'P 4nw 2abw' 
_space_group.IT_number        96 
_space_group.crystal_system   tetragonal 
_space_group.id               1 
# 
_atom_sites.entry_id                    8WJ5 
_atom_sites.Cartn_transf_matrix[1][1]   ? 
_atom_sites.Cartn_transf_matrix[1][2]   ? 
_atom_sites.Cartn_transf_matrix[1][3]   ? 
_atom_sites.Cartn_transf_matrix[2][1]   ? 
_atom_sites.Cartn_transf_matrix[2][2]   ? 
_atom_sites.Cartn_transf_matrix[2][3]   ? 
_atom_sites.Cartn_transf_matrix[3][1]   ? 
_atom_sites.Cartn_transf_matrix[3][2]   ? 
_atom_sites.Cartn_transf_matrix[3][3]   ? 
_atom_sites.Cartn_transf_vector[1]      ? 
_atom_sites.Cartn_transf_vector[2]      ? 
_atom_sites.Cartn_transf_vector[3]      ? 
_atom_sites.Cartn_transform_axes        ? 
_atom_sites.fract_transf_matrix[1][1]   0.00701828 
_atom_sites.fract_transf_matrix[1][2]   -0.00224376 
_atom_sites.fract_transf_matrix[1][3]   -0.01099670 
_atom_sites.fract_transf_matrix[2][1]   -0.01096273 
_atom_sites.fract_transf_matrix[2][2]   -0.00414890 
_atom_sites.fract_transf_matrix[2][3]   -0.00615006 
_atom_sites.fract_transf_matrix[3][1]   -0.00292752 
_atom_sites.fract_transf_matrix[3][2]   0.01506001 
_atom_sites.fract_transf_matrix[3][3]   -0.00494122 
_atom_sites.fract_transf_vector[1]      0.263987 
_atom_sites.fract_transf_vector[2]      -0.113471 
_atom_sites.fract_transf_vector[3]      0.432130 
_atom_sites.solution_primary            ? 
_atom_sites.solution_secondary          ? 
_atom_sites.solution_hydrogens          ? 
_atom_sites.special_details             ? 
# 
loop_
_atom_type.symbol 
_atom_type.scat_dispersion_real 
_atom_type.scat_dispersion_imag 
_atom_type.scat_Cromer_Mann_a1 
_atom_type.scat_Cromer_Mann_a2 
_atom_type.scat_Cromer_Mann_a3 
_atom_type.scat_Cromer_Mann_a4 
_atom_type.scat_Cromer_Mann_b1 
_atom_type.scat_Cromer_Mann_b2 
_atom_type.scat_Cromer_Mann_b3 
_atom_type.scat_Cromer_Mann_b4 
_atom_type.scat_Cromer_Mann_c 
_atom_type.scat_source 
_atom_type.scat_dispersion_source 
C  ? ? 3.54356 2.42580 ? ? 25.62398 1.50364  ? ? 0.0 
;2-Gaussian fit: Grosse-Kunstleve RW, Sauter NK, Adams PD: Newsletter of the IUCr Commission on Crystallographic Computing 2004, 3, 22-31.
;
? 
CL ? ? 9.50761 7.44341 ? ? 1.04373  23.83732 ? ? 0.0 
;2-Gaussian fit: Grosse-Kunstleve RW, Sauter NK, Adams PD: Newsletter of the IUCr Commission on Crystallographic Computing 2004, 3, 22-31.
;
? 
N  ? ? 4.01032 2.96436 ? ? 19.97189 1.75589  ? ? 0.0 
;2-Gaussian fit: Grosse-Kunstleve RW, Sauter NK, Adams PD: Newsletter of the IUCr Commission on Crystallographic Computing 2004, 3, 22-31.
;
? 
O  ? ? 4.49882 3.47563 ? ? 15.80542 1.70748  ? ? 0.0 
;2-Gaussian fit: Grosse-Kunstleve RW, Sauter NK, Adams PD: Newsletter of the IUCr Commission on Crystallographic Computing 2004, 3, 22-31.
;
? 
S  ? ? 9.55732 6.39887 ? ? 1.23737  29.19336 ? ? 0.0 
;2-Gaussian fit: Grosse-Kunstleve RW, Sauter NK, Adams PD: Newsletter of the IUCr Commission on Crystallographic Computing 2004, 3, 22-31.
;
? 
# 
loop_
_atom_site.group_PDB 
_atom_site.id 
_atom_site.type_symbol 
_atom_site.label_atom_id 
_atom_site.label_alt_id 
_atom_site.label_comp_id 
_atom_site.label_asym_id 
_atom_site.label_entity_id 
_atom_site.label_seq_id 
_atom_site.pdbx_PDB_ins_code 
_atom_site.Cartn_x 
_atom_site.Cartn_y 
_atom_site.Cartn_z 
_atom_site.occupancy 
_atom_site.B_iso_or_equiv 
_atom_site.pdbx_formal_charge 
_atom_site.auth_seq_id 
_atom_site.auth_comp_id 
_atom_site.auth_asym_id 
_atom_site.auth_atom_id 
_atom_site.pdbx_PDB_model_num 
ATOM   1    N  N   . SER A 1 11  ? -9.18579  -8.53661  -7.08513  1.000 19.78652 ? 31  SER A N   1 
ATOM   2    C  CA  . SER A 1 11  ? -8.85286  -7.54540  -6.06266  1.000 15.82041 ? 31  SER A CA  1 
ATOM   3    C  C   . SER A 1 11  ? -8.96225  -6.14534  -6.65313  1.000 14.82429 ? 31  SER A C   1 
ATOM   4    O  O   . SER A 1 11  ? -8.82949  -5.96114  -7.86499  1.000 13.56044 ? 31  SER A O   1 
ATOM   5    C  CB  . SER A 1 11  ? -7.44704  -7.77994  -5.50420  1.000 15.38308 ? 31  SER A CB  1 
ATOM   6    O  OG  . SER A 1 11  ? -6.45621  -7.42448  -6.45343  1.000 19.19807 ? 31  SER A OG  1 
ATOM   7    N  N   . ASP A 1 12  ? -9.20862  -5.14737  -5.81123  1.000 10.41770 ? 32  ASP A N   1 
ATOM   8    C  CA  . ASP A 1 12  ? -9.52159  -3.82580  -6.32905  1.000 10.01705 ? 32  ASP A CA  1 
ATOM   9    C  C   . ASP A 1 12  ? -8.40659  -2.81127  -6.09846  1.000 7.85755  ? 32  ASP A C   1 
ATOM   10   O  O   . ASP A 1 12  ? -8.62767  -1.61346  -6.29899  1.000 9.15622  ? 32  ASP A O   1 
ATOM   11   C  CB  . ASP A 1 12  ? -10.86496 -3.33144  -5.76055  1.000 11.33545 ? 32  ASP A CB  1 
ATOM   12   C  CG  . ASP A 1 12  ? -10.84925 -3.09082  -4.25851  1.000 15.10519 ? 32  ASP A CG  1 
ATOM   13   O  OD1 . ASP A 1 12  ? -9.76293  -2.98252  -3.64816  1.000 13.72604 ? 32  ASP A OD1 1 
ATOM   14   O  OD2 . ASP A 1 12  ? -11.96055 -2.99940  -3.68079  1.000 14.99022 ? 32  ASP A OD2 1 
ATOM   15   N  N   . ILE A 1 13  ? -7.20693  -3.25718  -5.72777  1.000 9.98372  ? 33  ILE A N   1 
ATOM   16   C  CA  . ILE A 1 13  ? -6.09463  -2.35232  -5.46276  1.000 10.14578 ? 33  ILE A CA  1 
ATOM   17   C  C   . ILE A 1 13  ? -4.90960  -2.69193  -6.36657  1.000 7.03273  ? 33  ILE A C   1 
ATOM   18   O  O   . ILE A 1 13  ? -4.59724  -3.86533  -6.59861  1.000 9.61070  ? 33  ILE A O   1 
ATOM   19   C  CB  . ILE A 1 13  ? -5.70587  -2.38353  -3.96732  1.000 11.15937 ? 33  ILE A CB  1 
ATOM   20   C  CG1 . ILE A 1 13  ? -4.58464  -1.38721  -3.68231  1.000 14.41924 ? 33  ILE A CG1 1 
ATOM   21   C  CG2 . ILE A 1 13  ? -5.34237  -3.79097  -3.52503  1.000 10.43065 ? 33  ILE A CG2 1 
ATOM   22   C  CD1 . ILE A 1 13  ? -4.64716  -0.79126  -2.29512  1.000 16.50947 ? 33  ILE A CD1 1 
ATOM   23   N  N   . VAL A 1 14  ? -4.25823  -1.64617  -6.88717  1.000 7.81273  ? 34  VAL A N   1 
ATOM   24   C  CA  . VAL A 1 14  ? -3.04693  -1.74912  -7.69970  1.000 5.59854  ? 34  VAL A CA  1 
ATOM   25   C  C   . VAL A 1 14  ? -2.07537  -0.66569  -7.25317  1.000 6.00019  ? 34  VAL A C   1 
ATOM   26   O  O   . VAL A 1 14  ? -2.41520  0.22256   -6.47590  1.000 7.64026  ? 34  VAL A O   1 
ATOM   27   C  CB  . VAL A 1 14  ? -3.31713  -1.57547  -9.21110  1.000 7.50496  ? 34  VAL A CB  1 
ATOM   28   C  CG1 . VAL A 1 14  ? -4.25562  -2.65347  -9.73114  1.000 8.69450  ? 34  VAL A CG1 1 
ATOM   29   C  CG2 . VAL A 1 14  ? -3.89605  -0.17003  -9.46854  1.000 6.60997  ? 34  VAL A CG2 1 
ATOM   30   N  N   . PHE A 1 15  ? -0.85947  -0.72580  -7.78689  1.000 6.16280  ? 35  PHE A N   1 
ATOM   31   C  CA  . PHE A 1 15  ? 0.08037   0.38898   -7.70572  1.000 7.05957  ? 35  PHE A CA  1 
ATOM   32   C  C   . PHE A 1 15  ? 0.44994   0.74852   -9.14075  1.000 7.45941  ? 35  PHE A C   1 
ATOM   33   O  O   . PHE A 1 15  ? 1.26194   0.06254   -9.76818  1.000 8.23530  ? 35  PHE A O   1 
ATOM   34   C  CB  . PHE A 1 15  ? 1.30094   0.02840   -6.86323  1.000 6.78134  ? 35  PHE A CB  1 
ATOM   35   C  CG  . PHE A 1 15  ? 2.24701   1.16266   -6.65904  1.000 6.31125  ? 35  PHE A CG  1 
ATOM   36   C  CD1 . PHE A 1 15  ? 1.91681   2.21782   -5.82769  1.000 6.82216  ? 35  PHE A CD1 1 
ATOM   37   C  CD2 . PHE A 1 15  ? 3.47654   1.17757   -7.29910  1.000 8.04177  ? 35  PHE A CD2 1 
ATOM   38   C  CE1 . PHE A 1 15  ? 2.79421   3.27706   -5.64032  1.000 8.46035  ? 35  PHE A CE1 1 
ATOM   39   C  CE2 . PHE A 1 15  ? 4.35961   2.23325   -7.10987  1.000 7.13840  ? 35  PHE A CE2 1 
ATOM   40   C  CZ  . PHE A 1 15  ? 4.01234   3.27876   -6.27745  1.000 7.29467  ? 35  PHE A CZ  1 
ATOM   41   N  N   . TYR A 1 16  ? -0.16372  1.81163   -9.65781  1.000 7.87833  ? 36  TYR A N   1 
ATOM   42   C  CA  . TYR A 1 16  ? 0.03195   2.25443   -11.04105 1.000 10.61401 ? 36  TYR A CA  1 
ATOM   43   C  C   . TYR A 1 16  ? -0.07194  1.07707   -12.01473 1.000 10.32660 ? 36  TYR A C   1 
ATOM   44   O  O   . TYR A 1 16  ? 0.77326   0.87055   -12.88141 1.000 12.32281 ? 36  TYR A O   1 
ATOM   45   C  CB  . TYR A 1 16  ? 1.35916   3.01282   -11.18222 1.000 10.71613 ? 36  TYR A CB  1 
ATOM   46   C  CG  . TYR A 1 16  ? 1.34474   4.29067   -10.36481 1.000 10.46418 ? 36  TYR A CG  1 
ATOM   47   C  CD1 . TYR A 1 16  ? 0.81079   5.46454   -10.88507 1.000 11.90466 ? 36  TYR A CD1 1 
ATOM   48   C  CD2 . TYR A 1 16  ? 1.79629   4.30357   -9.05340  1.000 12.44542 ? 36  TYR A CD2 1 
ATOM   49   C  CE1 . TYR A 1 16  ? 0.75960   6.61660   -10.13350 1.000 11.34371 ? 36  TYR A CE1 1 
ATOM   50   C  CE2 . TYR A 1 16  ? 1.75585   5.44833   -8.29263  1.000 10.96297 ? 36  TYR A CE2 1 
ATOM   51   C  CZ  . TYR A 1 16  ? 1.23193   6.59983   -8.83843  1.000 15.85047 ? 36  TYR A CZ  1 
ATOM   52   O  OH  . TYR A 1 16  ? 1.18490   7.73974   -8.08961  1.000 16.69682 ? 36  TYR A OH  1 
ATOM   53   N  N   . GLY A 1 17  ? -1.12326  0.28010   -11.83614 1.000 9.09349  ? 37  GLY A N   1 
ATOM   54   C  CA  . GLY A 1 17  ? -1.43856  -0.80922  -12.73054 1.000 13.59651 ? 37  GLY A CA  1 
ATOM   55   C  C   . GLY A 1 17  ? -0.82941  -2.14955  -12.37627 1.000 12.89214 ? 37  GLY A C   1 
ATOM   56   O  O   . GLY A 1 17  ? -1.05947  -3.11994  -13.10699 1.000 14.74842 ? 37  GLY A O   1 
ATOM   57   N  N   . HIS A 1 18  ? -0.08468  -2.24723  -11.27610 1.000 11.10172 ? 38  HIS A N   1 
ATOM   58   C  CA  . HIS A 1 18  ? 0.65684   -3.45625  -10.93291 1.000 12.40615 ? 38  HIS A CA  1 
ATOM   59   C  C   . HIS A 1 18  ? 0.18511   -4.00304  -9.59063  1.000 11.30936 ? 38  HIS A C   1 
ATOM   60   O  O   . HIS A 1 18  ? -0.04921  -3.23908  -8.64985  1.000 11.03808 ? 38  HIS A O   1 
ATOM   61   C  CB  . HIS A 1 18  ? 2.16353   -3.16316  -10.89207 1.000 10.65354 ? 38  HIS A CB  1 
ATOM   62   C  CG  . HIS A 1 18  ? 2.68159   -2.51706  -12.14257 1.000 11.61376 ? 38  HIS A CG  1 
ATOM   63   N  ND1 . HIS A 1 18  ? 2.79018   -3.19234  -13.33823 1.000 16.10351 ? 38  HIS A ND1 1 
ATOM   64   C  CD2 . HIS A 1 18  ? 3.11164   -1.25555  -12.38376 1.000 13.59244 ? 38  HIS A CD2 1 
ATOM   65   C  CE1 . HIS A 1 18  ? 3.26396   -2.37576  -14.26196 1.000 14.38505 ? 38  HIS A CE1 1 
ATOM   66   N  NE2 . HIS A 1 18  ? 3.46581   -1.19475  -13.70941 1.000 15.37940 ? 38  HIS A NE2 1 
ATOM   67   N  N   . LYS A 1 19  ? 0.05825   -5.33141  -9.50655  1.000 9.20736  ? 39  LYS A N   1 
ATOM   68   C  CA  . LYS A 1 19  ? -0.46247  -6.00452  -8.32236  1.000 13.92525 ? 39  LYS A CA  1 
ATOM   69   C  C   . LYS A 1 19  ? 0.51117   -6.96909  -7.67159  1.000 10.27079 ? 39  LYS A C   1 
ATOM   70   O  O   . LYS A 1 19  ? 0.24835   -7.41666  -6.55022  1.000 10.68281 ? 39  LYS A O   1 
ATOM   71   C  CB  . LYS A 1 19  ? -1.73543  -6.79523  -8.65906  1.000 15.14577 ? 39  LYS A CB  1 
ATOM   72   C  CG  . LYS A 1 19  ? -2.97659  -5.96791  -8.79474  1.000 16.64802 ? 39  LYS A CG  1 
ATOM   73   C  CD  . LYS A 1 19  ? -4.15384  -6.86486  -9.14379  1.000 18.35031 ? 39  LYS A CD  1 
ATOM   74   C  CE  . LYS A 1 19  ? -5.41063  -6.04493  -9.33829  1.000 13.65912 ? 39  LYS A CE  1 
ATOM   75   N  NZ  . LYS A 1 19  ? -6.61084  -6.88939  -9.51449  1.000 14.75749 ? 39  LYS A NZ  1 
ATOM   76   N  N   . THR A 1 20  ? 1.59830   -7.32662  -8.34008  1.000 13.48156 ? 40  THR A N   1 
ATOM   77   C  CA  . THR A 1 20  ? 2.50372   -8.32256  -7.79879  1.000 10.12564 ? 40  THR A CA  1 
ATOM   78   C  C   . THR A 1 20  ? 3.79501   -7.66093  -7.32961  1.000 8.85595  ? 40  THR A C   1 
ATOM   79   O  O   . THR A 1 20  ? 4.20504   -6.63392  -7.88104  1.000 9.16766  ? 40  THR A O   1 
ATOM   80   C  CB  . THR A 1 20  ? 2.83626   -9.38777  -8.84813  1.000 11.17964 ? 40  THR A CB  1 
ATOM   81   O  OG1 . THR A 1 20  ? 3.67047   -8.81968  -9.86462  1.000 12.32612 ? 40  THR A OG1 1 
ATOM   82   C  CG2 . THR A 1 20  ? 1.56944   -9.90981  -9.47438  1.000 19.50748 ? 40  THR A CG2 1 
ATOM   83   N  N   . PRO A 1 21  ? 4.45254   -8.22363  -6.31180  1.000 9.45926  ? 41  PRO A N   1 
ATOM   84   C  CA  . PRO A 1 21  ? 5.69954   -7.61113  -5.81815  1.000 7.02956  ? 41  PRO A CA  1 
ATOM   85   C  C   . PRO A 1 21  ? 6.73577   -7.37838  -6.90664  1.000 8.19758  ? 41  PRO A C   1 
ATOM   86   O  O   . PRO A 1 21  ? 7.30682   -6.28404  -6.98052  1.000 8.21689  ? 41  PRO A O   1 
ATOM   87   C  CB  . PRO A 1 21  ? 6.19021   -8.62147  -4.76963  1.000 11.30979 ? 41  PRO A CB  1 
ATOM   88   C  CG  . PRO A 1 21  ? 4.96397   -9.37611  -4.36108  1.000 11.60972 ? 41  PRO A CG  1 
ATOM   89   C  CD  . PRO A 1 21  ? 4.07900   -9.43381  -5.55697  1.000 8.15447  ? 41  PRO A CD  1 
ATOM   90   N  N   . LYS A 1 22  ? 6.98040   -8.36551  -7.77709  1.000 9.95522  ? 42  LYS A N   1 
ATOM   91   C  CA  . LYS A 1 22  ? 8.04265   -8.19230  -8.76558  1.000 9.31792  ? 42  LYS A CA  1 
ATOM   92   C  C   . LYS A 1 22  ? 7.67271   -7.13533  -9.80343  1.000 8.15944  ? 42  LYS A C   1 
ATOM   93   O  O   . LYS A 1 22  ? 8.52044   -6.33337  -10.19947 1.000 8.44874  ? 42  LYS A O   1 
ATOM   94   C  CB  . LYS A 1 22  ? 8.38051   -9.52562  -9.43980  1.000 10.82556 ? 42  LYS A CB  1 
ATOM   95   C  CG  . LYS A 1 22  ? 9.42674   -9.42317  -10.57607 1.000 11.81450 ? 42  LYS A CG  1 
ATOM   96   C  CD  . LYS A 1 22  ? 10.66240  -8.56882  -10.21840 1.000 11.52225 ? 42  LYS A CD  1 
ATOM   97   C  CE  . LYS A 1 22  ? 11.61863  -9.25621  -9.25101  1.000 11.78425 ? 42  LYS A CE  1 
ATOM   98   N  NZ  . LYS A 1 22  ? 12.27068  -10.44382 -9.88900  1.000 15.30026 ? 42  LYS A NZ  1 
ATOM   99   N  N   . SER A 1 23  ? 6.41831   -7.10493  -10.25461 1.000 7.58883  ? 43  SER A N   1 
ATOM   100  C  CA  . SER A 1 23  ? 6.05021   -6.07853  -11.22612 1.000 10.53473 ? 43  SER A CA  1 
ATOM   101  C  C   . SER A 1 23  ? 6.10505   -4.69068  -10.60448 1.000 8.97701  ? 43  SER A C   1 
ATOM   102  O  O   . SER A 1 23  ? 6.45957   -3.71848  -11.28479 1.000 9.40636  ? 43  SER A O   1 
ATOM   103  C  CB  . SER A 1 23  ? 4.66257   -6.35642  -11.81808 1.000 12.47720 ? 43  SER A CB  1 
ATOM   104  O  OG  . SER A 1 23  ? 3.63136   -6.19061  -10.86163 1.000 15.17986 ? 43  SER A OG  1 
ATOM   105  N  N   . VAL A 1 24  ? 5.77935   -4.57494  -9.31813  1.000 7.97566  ? 44  VAL A N   1 
ATOM   106  C  CA  . VAL A 1 24  ? 5.92945   -3.28772  -8.64250  1.000 9.40810  ? 44  VAL A CA  1 
ATOM   107  C  C   . VAL A 1 24  ? 7.40626   -2.93000  -8.50437  1.000 6.57223  ? 44  VAL A C   1 
ATOM   108  O  O   . VAL A 1 24  ? 7.80605   -1.78035  -8.71809  1.000 6.06110  ? 44  VAL A O   1 
ATOM   109  C  CB  . VAL A 1 24  ? 5.21881   -3.31780  -7.27535  1.000 8.24833  ? 44  VAL A CB  1 
ATOM   110  C  CG1 . VAL A 1 24  ? 5.68827   -2.16055  -6.40994  1.000 6.62807  ? 44  VAL A CG1 1 
ATOM   111  C  CG2 . VAL A 1 24  ? 3.69518   -3.29589  -7.47132  1.000 9.20093  ? 44  VAL A CG2 1 
ATOM   112  N  N   . GLU A 1 25  ? 8.23994   -3.91026  -8.13861  1.000 9.32655  ? 45  GLU A N   1 
ATOM   113  C  CA  . GLU A 1 25  ? 9.67070   -3.65178  -8.00606  1.000 7.49976  ? 45  GLU A CA  1 
ATOM   114  C  C   . GLU A 1 25  ? 10.26871  -3.19894  -9.32807  1.000 7.31325  ? 45  GLU A C   1 
ATOM   115  O  O   . GLU A 1 25  ? 11.07602  -2.26203  -9.35895  1.000 7.36962  ? 45  GLU A O   1 
ATOM   116  C  CB  . GLU A 1 25  ? 10.38496  -4.90499  -7.48629  1.000 7.99254  ? 45  GLU A CB  1 
ATOM   117  C  CG  . GLU A 1 25  ? 10.09846  -5.17125  -6.00700  1.000 8.69644  ? 45  GLU A CG  1 
ATOM   118  C  CD  . GLU A 1 25  ? 10.20937  -6.63227  -5.61895  1.000 14.28089 ? 45  GLU A CD  1 
ATOM   119  O  OE1 . GLU A 1 25  ? 10.69863  -7.44632  -6.43094  1.000 9.39146  ? 45  GLU A OE1 1 
ATOM   120  O  OE2 . GLU A 1 25  ? 9.80342   -6.95978  -4.48333  1.000 11.76065 ? 45  GLU A OE2 1 
ATOM   121  N  N   . ILE A 1 26  ? 9.87332   -3.84692  -10.42888 1.000 7.36384  ? 46  ILE A N   1 
ATOM   122  C  CA  . ILE A 1 26  ? 10.34922  -3.45602  -11.75817 1.000 8.31153  ? 46  ILE A CA  1 
ATOM   123  C  C   . ILE A 1 26  ? 9.88800   -2.04500  -12.10637 1.000 10.32500 ? 46  ILE A C   1 
ATOM   124  O  O   . ILE A 1 26  ? 10.66092  -1.23692  -12.63696 1.000 9.44006  ? 46  ILE A O   1 
ATOM   125  C  CB  . ILE A 1 26  ? 9.87893   -4.47430  -12.81226 1.000 7.58353  ? 46  ILE A CB  1 
ATOM   126  C  CG1 . ILE A 1 26  ? 10.60532  -5.81164  -12.62547 1.000 8.05688  ? 46  ILE A CG1 1 
ATOM   127  C  CG2 . ILE A 1 26  ? 10.09882  -3.92486  -14.22552 1.000 11.84861 ? 46  ILE A CG2 1 
ATOM   128  C  CD1 . ILE A 1 26  ? 10.04540  -6.92853  -13.50904 1.000 12.12016 ? 46  ILE A CD1 1 
ATOM   129  N  N   . TYR A 1 27  ? 8.61667   -1.73224  -11.83669 1.000 10.42676 ? 47  TYR A N   1 
ATOM   130  C  CA  . TYR A 1 27  ? 8.11442   -0.37666  -12.07971 1.000 10.10188 ? 47  TYR A CA  1 
ATOM   131  C  C   . TYR A 1 27  ? 8.95261   0.66091   -11.34245 1.000 11.88955 ? 47  TYR A C   1 
ATOM   132  O  O   . TYR A 1 27  ? 9.37574   1.66921   -11.92104 1.000 10.26059 ? 47  TYR A O   1 
ATOM   133  C  CB  . TYR A 1 27  ? 6.65232   -0.28557  -11.64097 1.000 9.17174  ? 47  TYR A CB  1 
ATOM   134  C  CG  . TYR A 1 27  ? 6.02347   1.09020   -11.77848 1.000 8.92919  ? 47  TYR A CG  1 
ATOM   135  C  CD1 . TYR A 1 27  ? 5.55844   1.54689   -13.01162 1.000 13.28773 ? 47  TYR A CD1 1 
ATOM   136  C  CD2 . TYR A 1 27  ? 5.85600   1.90654   -10.67332 1.000 10.59071 ? 47  TYR A CD2 1 
ATOM   137  C  CE1 . TYR A 1 27  ? 4.96059   2.81208   -13.13550 1.000 13.05551 ? 47  TYR A CE1 1 
ATOM   138  C  CE2 . TYR A 1 27  ? 5.27041   3.15811   -10.78274 1.000 12.89955 ? 47  TYR A CE2 1 
ATOM   139  C  CZ  . TYR A 1 27  ? 4.81943   3.60516   -12.01629 1.000 16.40083 ? 47  TYR A CZ  1 
ATOM   140  O  OH  . TYR A 1 27  ? 4.22722   4.85145   -12.10948 1.000 12.00516 ? 47  TYR A OH  1 
ATOM   141  N  N   . LEU A 1 28  ? 9.19994   0.43144   -10.05375 1.000 9.26533  ? 48  LEU A N   1 
ATOM   142  C  CA  . LEU A 1 28  ? 9.94626   1.41206   -9.27104  1.000 9.87707  ? 48  LEU A CA  1 
ATOM   143  C  C   . LEU A 1 28  ? 11.38950  1.51366   -9.75054  1.000 9.59533  ? 48  LEU A C   1 
ATOM   144  O  O   . LEU A 1 28  ? 11.93832  2.61598   -9.86863  1.000 9.58688  ? 48  LEU A O   1 
ATOM   145  C  CB  . LEU A 1 28  ? 9.89026   1.04214   -7.78870  1.000 9.31126  ? 48  LEU A CB  1 
ATOM   146  C  CG  . LEU A 1 28  ? 8.50975   1.21784   -7.14840  1.000 10.00298 ? 48  LEU A CG  1 
ATOM   147  C  CD1 . LEU A 1 28  ? 8.48461   0.57821   -5.78009  1.000 10.32953 ? 48  LEU A CD1 1 
ATOM   148  C  CD2 . LEU A 1 28  ? 8.14367   2.69723   -7.04949  1.000 8.47472  ? 48  LEU A CD2 1 
ATOM   149  N  N   . SER A 1 29  ? 12.01541  0.36866   -10.02411 1.000 9.05449  ? 49  SER A N   1 
ATOM   150  C  CA  . SER A 1 29  ? 13.40919  0.35550   -10.44936 1.000 12.87146 ? 49  SER A CA  1 
ATOM   151  C  C   . SER A 1 29  ? 13.58097  1.10436   -11.76671 1.000 15.03142 ? 49  SER A C   1 
ATOM   152  O  O   . SER A 1 29  ? 14.49585  1.92409   -11.91900 1.000 13.57810 ? 49  SER A O   1 
ATOM   153  C  CB  . SER A 1 29  ? 13.89584  -1.09804  -10.55804 1.000 11.46756 ? 49  SER A CB  1 
ATOM   154  O  OG  . SER A 1 29  ? 15.23571  -1.15584  -11.01896 1.000 20.05544 ? 49  SER A OG  1 
ATOM   155  N  N   . GLU A 1 30  ? 12.68737  0.85941   -12.72546 1.000 14.37944 ? 50  GLU A N   1 
ATOM   156  C  CA  . GLU A 1 30  ? 12.81392  1.52193   -14.01786 1.000 14.81934 ? 50  GLU A CA  1 
ATOM   157  C  C   . GLU A 1 30  ? 12.54207  3.01658   -13.92694 1.000 19.05735 ? 50  GLU A C   1 
ATOM   158  O  O   . GLU A 1 30  ? 12.97935  3.76498   -14.80498 1.000 19.65078 ? 50  GLU A O   1 
ATOM   159  C  CB  . GLU A 1 30  ? 11.88621  0.87392   -15.04518 1.000 16.64602 ? 50  GLU A CB  1 
ATOM   160  C  CG  . GLU A 1 30  ? 12.28227  -0.56232  -15.40892 1.000 16.08945 ? 50  GLU A CG  1 
ATOM   161  C  CD  . GLU A 1 30  ? 13.66256  -0.65516  -16.07699 1.000 30.16353 ? 50  GLU A CD  1 
ATOM   162  O  OE1 . GLU A 1 30  ? 14.04870  0.27594   -16.82477 1.000 28.20914 ? 50  GLU A OE1 1 
ATOM   163  O  OE2 . GLU A 1 30  ? 14.36121  -1.66822  -15.85497 1.000 22.04836 ? 50  GLU A OE2 1 
ATOM   164  N  N   . LYS A 1 31  ? 11.84608  3.47131   -12.88663 1.000 13.76914 ? 51  LYS A N   1 
ATOM   165  C  CA  . LYS A 1 31  ? 11.70967  4.89785   -12.62587 1.000 15.82554 ? 51  LYS A CA  1 
ATOM   166  C  C   . LYS A 1 31  ? 12.80911  5.43081   -11.72808 1.000 16.19145 ? 51  LYS A C   1 
ATOM   167  O  O   . LYS A 1 31  ? 12.73070  6.58471   -11.29562 1.000 17.36208 ? 51  LYS A O   1 
ATOM   168  C  CB  . LYS A 1 31  ? 10.34475  5.20160   -12.00987 1.000 17.49097 ? 51  LYS A CB  1 
ATOM   169  C  CG  . LYS A 1 31  ? 9.19714   5.08486   -13.00140 1.000 18.89444 ? 51  LYS A CG  1 
ATOM   170  C  CD  . LYS A 1 31  ? 7.87117   5.14959   -12.28946 1.000 20.76183 ? 51  LYS A CD  1 
ATOM   171  C  CE  . LYS A 1 31  ? 7.63289   6.51725   -11.66605 1.000 25.89552 ? 51  LYS A CE  1 
ATOM   172  N  NZ  . LYS A 1 31  ? 7.19778   7.52770   -12.67617 1.000 33.93184 ? 51  LYS A NZ  1 
ATOM   173  N  N   . ASN A 1 32  ? 13.82741  4.61598   -11.44312 1.000 12.70492 ? 52  ASN A N   1 
ATOM   174  C  CA  . ASN A 1 32  ? 14.96074  5.00578   -10.60103 1.000 14.08795 ? 52  ASN A CA  1 
ATOM   175  C  C   . ASN A 1 32  ? 14.51572  5.43178   -9.20423  1.000 16.66229 ? 52  ASN A C   1 
ATOM   176  O  O   . ASN A 1 32  ? 15.11603  6.30496   -8.57526  1.000 16.92872 ? 52  ASN A O   1 
ATOM   177  C  CB  . ASN A 1 32  ? 15.78624  6.10186   -11.27432 1.000 21.72590 ? 52  ASN A CB  1 
ATOM   178  C  CG  . ASN A 1 32  ? 16.32657  5.66118   -12.61099 1.000 23.58522 ? 52  ASN A CG  1 
ATOM   179  O  OD1 . ASN A 1 32  ? 16.86991  4.56522   -12.73755 1.000 26.54033 ? 52  ASN A OD1 1 
ATOM   180  N  ND2 . ASN A 1 32  ? 16.15116  6.49459   -13.62688 1.000 28.43720 ? 52  ASN A ND2 1 
ATOM   181  N  N   . ILE A 1 33  ? 13.46713  4.79971   -8.70060  1.000 15.60635 ? 53  ILE A N   1 
ATOM   182  C  CA  . ILE A 1 33  ? 13.02568  5.02686   -7.33116  1.000 10.29228 ? 53  ILE A CA  1 
ATOM   183  C  C   . ILE A 1 33  ? 13.66677  3.97329   -6.43790  1.000 15.45049 ? 53  ILE A C   1 
ATOM   184  O  O   . ILE A 1 33  ? 13.59698  2.77309   -6.72952  1.000 16.16593 ? 53  ILE A O   1 
ATOM   185  C  CB  . ILE A 1 33  ? 11.49110  4.99215   -7.24140  1.000 10.00419 ? 53  ILE A CB  1 
ATOM   186  C  CG1 . ILE A 1 33  ? 10.90429  6.12811   -8.07637  1.000 15.00326 ? 53  ILE A CG1 1 
ATOM   187  C  CG2 . ILE A 1 33  ? 11.02727  5.09156   -5.78891  1.000 11.90392 ? 53  ILE A CG2 1 
ATOM   188  C  CD1 . ILE A 1 33  ? 9.50136   5.87480   -8.53336  1.000 20.93792 ? 53  ILE A CD1 1 
ATOM   189  N  N   . ILE A 1 34  ? 14.32147  4.42219   -5.36863  1.000 15.25890 ? 54  ILE A N   1 
ATOM   190  C  CA  . ILE A 1 34  ? 14.92577  3.51525   -4.39995  1.000 14.12794 ? 54  ILE A CA  1 
ATOM   191  C  C   . ILE A 1 34  ? 13.84067  2.97016   -3.48659  1.000 13.32679 ? 54  ILE A C   1 
ATOM   192  O  O   . ILE A 1 34  ? 12.94122  3.70526   -3.06843  1.000 10.82090 ? 54  ILE A O   1 
ATOM   193  C  CB  . ILE A 1 34  ? 16.01150  4.23380   -3.58151  1.000 17.54549 ? 54  ILE A CB  1 
ATOM   194  C  CG1 . ILE A 1 34  ? 17.06431  4.84639   -4.50166  1.000 25.04183 ? 54  ILE A CG1 1 
ATOM   195  C  CG2 . ILE A 1 34  ? 16.66672  3.25559   -2.59225  1.000 21.60506 ? 54  ILE A CG2 1 
ATOM   196  C  CD1 . ILE A 1 34  ? 17.95488  5.83410   -3.79595  1.000 27.72925 ? 54  ILE A CD1 1 
ATOM   197  N  N   . TYR A 1 35  ? 13.92953  1.68372   -3.15288  1.000 9.53575  ? 55  TYR A N   1 
ATOM   198  C  CA  . TYR A 1 35  ? 12.93992  1.08845   -2.26777  1.000 10.83086 ? 55  TYR A CA  1 
ATOM   199  C  C   . TYR A 1 35  ? 13.60676  0.03076   -1.40359  1.000 10.64566 ? 55  TYR A C   1 
ATOM   200  O  O   . TYR A 1 35  ? 14.67246  -0.49641  -1.73515  1.000 9.65525  ? 55  TYR A O   1 
ATOM   201  C  CB  . TYR A 1 35  ? 11.77279  0.47490   -3.04685  1.000 6.93532  ? 55  TYR A CB  1 
ATOM   202  C  CG  . TYR A 1 35  ? 12.21228  -0.53763  -4.07626  1.000 8.04727  ? 55  TYR A CG  1 
ATOM   203  C  CD1 . TYR A 1 35  ? 12.40099  -1.87596  -3.74148  1.000 7.63861  ? 55  TYR A CD1 1 
ATOM   204  C  CD2 . TYR A 1 35  ? 12.45307  -0.14957  -5.38531  1.000 9.42054  ? 55  TYR A CD2 1 
ATOM   205  C  CE1 . TYR A 1 35  ? 12.81961  -2.80401  -4.70124  1.000 8.62183  ? 55  TYR A CE1 1 
ATOM   206  C  CE2 . TYR A 1 35  ? 12.86912  -1.06122  -6.34289  1.000 12.30642 ? 55  TYR A CE2 1 
ATOM   207  C  CZ  . TYR A 1 35  ? 13.04586  -2.37845  -5.99885  1.000 10.27708 ? 55  TYR A CZ  1 
ATOM   208  O  OH  . TYR A 1 35  ? 13.44869  -3.26095  -6.96775  1.000 13.75730 ? 55  TYR A OH  1 
ATOM   209  N  N   . LYS A 1 36  ? 12.95447  -0.27238  -0.29034  1.000 9.12883  ? 56  LYS A N   1 
ATOM   210  C  CA  . LYS A 1 36  ? 13.38231  -1.32066  0.62093   1.000 10.19943 ? 56  LYS A CA  1 
ATOM   211  C  C   . LYS A 1 36  ? 12.29075  -2.37276  0.68407   1.000 14.17117 ? 56  LYS A C   1 
ATOM   212  O  O   . LYS A 1 36  ? 11.09874  -2.04825  0.61087   1.000 12.50037 ? 56  LYS A O   1 
ATOM   213  C  CB  . LYS A 1 36  ? 13.66888  -0.76557  2.01513   1.000 11.21611 ? 56  LYS A CB  1 
ATOM   214  C  CG  . LYS A 1 36  ? 14.78941  0.28280   2.05025   1.000 18.53526 ? 56  LYS A CG  1 
ATOM   215  C  CD  . LYS A 1 36  ? 16.14349  -0.38758  2.26600   1.000 35.39742 ? 56  LYS A CD  1 
ATOM   216  C  CE  . LYS A 1 36  ? 17.28985  0.61563   2.31821   1.000 39.56782 ? 56  LYS A CE  1 
ATOM   217  N  NZ  . LYS A 1 36  ? 17.64663  1.12975   0.96863   1.000 39.77534 ? 56  LYS A NZ  1 
ATOM   218  N  N   . ILE A 1 37  ? 12.69835  -3.63171  0.79495   1.000 11.82082 ? 57  ILE A N   1 
ATOM   219  C  CA  . ILE A 1 37  ? 11.77318  -4.76026  0.84228   1.000 13.03344 ? 57  ILE A CA  1 
ATOM   220  C  C   . ILE A 1 37  ? 11.90833  -5.43468  2.19344   1.000 15.06014 ? 57  ILE A C   1 
ATOM   221  O  O   . ILE A 1 37  ? 13.01878  -5.78559  2.60125   1.000 16.02801 ? 57  ILE A O   1 
ATOM   222  C  CB  . ILE A 1 37  ? 12.04643  -5.79664  -0.26145  1.000 12.51426 ? 57  ILE A CB  1 
ATOM   223  C  CG1 . ILE A 1 37  ? 12.21647  -5.14175  -1.62655  1.000 15.18352 ? 57  ILE A CG1 1 
ATOM   224  C  CG2 . ILE A 1 37  ? 10.90677  -6.83034  -0.29651  1.000 14.85423 ? 57  ILE A CG2 1 
ATOM   225  C  CD1 . ILE A 1 37  ? 12.63829  -6.13928  -2.68920  1.000 12.59150 ? 57  ILE A CD1 1 
ATOM   226  N  N   . ILE A 1 38  ? 10.78214  -5.65601  2.86181   1.000 14.04196 ? 58  ILE A N   1 
ATOM   227  C  CA  . ILE A 1 38  ? 10.74750  -6.48614  4.05670   1.000 11.94230 ? 58  ILE A CA  1 
ATOM   228  C  C   . ILE A 1 38  ? 9.72908   -7.59513  3.85122   1.000 13.83234 ? 58  ILE A C   1 
ATOM   229  O  O   . ILE A 1 38  ? 8.79206   -7.47812  3.05549   1.000 10.67380 ? 58  ILE A O   1 
ATOM   230  C  CB  . ILE A 1 38  ? 10.40117  -5.67294  5.30070   1.000 14.74097 ? 58  ILE A CB  1 
ATOM   231  C  CG1 . ILE A 1 38  ? 9.16269   -4.85817  4.98556   1.000 15.25460 ? 58  ILE A CG1 1 
ATOM   232  C  CG2 . ILE A 1 38  ? 11.54611  -4.75714  5.65100   1.000 23.39014 ? 58  ILE A CG2 1 
ATOM   233  C  CD1 . ILE A 1 38  ? 8.36913   -4.58357  6.13857   1.000 16.55838 ? 58  ILE A CD1 1 
ATOM   234  N  N   . ASN A 1 39  ? 9.91336   -8.68410  4.59283   1.000 8.99029  ? 59  ASN A N   1 
ATOM   235  C  CA  . ASN A 1 39  ? 9.05967   -9.84450  4.39631   1.000 10.65146 ? 59  ASN A CA  1 
ATOM   236  C  C   . ASN A 1 39  ? 9.05261   -10.67135 5.67542   1.000 9.96705  ? 59  ASN A C   1 
ATOM   237  O  O   . ASN A 1 39  ? 9.81645   -10.41456 6.61187   1.000 12.44319 ? 59  ASN A O   1 
ATOM   238  C  CB  . ASN A 1 39  ? 9.54224   -10.67498 3.20006   1.000 10.46463 ? 59  ASN A CB  1 
ATOM   239  C  CG  . ASN A 1 39  ? 10.94862  -11.21977 3.40706   1.000 14.94461 ? 59  ASN A CG  1 
ATOM   240  O  OD1 . ASN A 1 39  ? 11.19389  -11.96263 4.35041   1.000 12.63604 ? 59  ASN A OD1 1 
ATOM   241  N  ND2 . ASN A 1 39  ? 11.88083  -10.83862 2.53237   1.000 12.12876 ? 59  ASN A ND2 1 
ATOM   242  N  N   . ASP A 1 40  ? 8.19711   -11.69250 5.68973   1.000 10.28142 ? 60  ASP A N   1 
ATOM   243  C  CA  . ASP A 1 40  ? 8.10555   -12.61302 6.81566   1.000 9.15572  ? 60  ASP A CA  1 
ATOM   244  C  C   . ASP A 1 40  ? 8.80500   -13.94330 6.54564   1.000 10.21374 ? 60  ASP A C   1 
ATOM   245  O  O   . ASP A 1 40  ? 8.46582   -14.95738 7.17496   1.000 9.93520  ? 60  ASP A O   1 
ATOM   246  C  CB  . ASP A 1 40  ? 6.64211   -12.85233 7.18786   1.000 7.77889  ? 60  ASP A CB  1 
ATOM   247  C  CG  . ASP A 1 40  ? 5.89393   -13.63217 6.12684   1.000 9.33606  ? 60  ASP A CG  1 
ATOM   248  O  OD1 . ASP A 1 40  ? 6.27419   -13.54190 4.93956   1.000 11.00170 ? 60  ASP A OD1 1 
ATOM   249  O  OD2 . ASP A 1 40  ? 4.92410   -14.33182 6.47377   1.000 12.16042 ? 60  ASP A OD2 1 
ATOM   250  N  N   . GLN A 1 41  ? 9.78791   -13.96960 5.64206   1.000 10.43497 ? 61  GLN A N   1 
ATOM   251  C  CA  . GLN A 1 41  ? 10.44097  -15.24656 5.35683   1.000 12.28194 ? 61  GLN A CA  1 
ATOM   252  C  C   . GLN A 1 41  ? 11.23044  -15.75058 6.56125   1.000 13.47015 ? 61  GLN A C   1 
ATOM   253  O  O   . GLN A 1 41  ? 11.16940  -16.93956 6.88712   1.000 13.14324 ? 61  GLN A O   1 
ATOM   254  C  CB  . GLN A 1 41  ? 11.33110  -15.14121 4.11883   1.000 16.03032 ? 61  GLN A CB  1 
ATOM   255  C  CG  . GLN A 1 41  ? 10.53516  -15.34294 2.83221   1.000 17.50585 ? 61  GLN A CG  1 
ATOM   256  C  CD  . GLN A 1 41  ? 11.40624  -15.55666 1.61588   1.000 32.33599 ? 61  GLN A CD  1 
ATOM   257  O  OE1 . GLN A 1 41  ? 12.49918  -14.99582 1.50596   1.000 31.04968 ? 61  GLN A OE1 1 
ATOM   258  N  NE2 . GLN A 1 41  ? 10.92143  -16.37256 0.68374   1.000 37.15911 ? 61  GLN A NE2 1 
ATOM   259  N  N   . LYS A 1 42  ? 11.96066  -14.87148 7.24759   1.000 8.04160  ? 62  LYS A N   1 
ATOM   260  C  CA  . LYS A 1 42  ? 12.69515  -15.32882 8.42253   1.000 12.22511 ? 62  LYS A CA  1 
ATOM   261  C  C   . LYS A 1 42  ? 11.74844  -15.62426 9.58041   1.000 10.70735 ? 62  LYS A C   1 
ATOM   262  O  O   . LYS A 1 42  ? 11.90383  -16.63903 10.26914  1.000 12.24102 ? 62  LYS A O   1 
ATOM   263  C  CB  . LYS A 1 42  ? 13.74621  -14.29646 8.82476   1.000 12.13912 ? 62  LYS A CB  1 
ATOM   264  C  CG  . LYS A 1 42  ? 14.92484  -14.22654 7.86142   1.000 20.95796 ? 62  LYS A CG  1 
ATOM   265  C  CD  . LYS A 1 42  ? 16.01683  -13.30638 8.38812   1.000 21.51257 ? 62  LYS A CD  1 
ATOM   266  C  CE  . LYS A 1 42  ? 17.14935  -13.18375 7.38223   1.000 35.37452 ? 62  LYS A CE  1 
ATOM   267  N  NZ  . LYS A 1 42  ? 17.69376  -14.52276 7.01803   1.000 41.21067 ? 62  LYS A NZ  1 
ATOM   268  N  N   . ILE A 1 43  ? 10.74924  -14.75691 9.79127   1.000 11.13917 ? 63  ILE A N   1 
ATOM   269  C  CA  . ILE A 1 43  ? 9.75231   -14.96577 10.84646  1.000 11.69072 ? 63  ILE A CA  1 
ATOM   270  C  C   . ILE A 1 43  ? 9.12819   -16.34654 10.73001  1.000 9.78743  ? 63  ILE A C   1 
ATOM   271  O  O   . ILE A 1 43  ? 8.94424   -17.05718 11.72649  1.000 10.00656 ? 63  ILE A O   1 
ATOM   272  C  CB  . ILE A 1 43  ? 8.65284   -13.89035 10.76731  1.000 11.69831 ? 63  ILE A CB  1 
ATOM   273  C  CG1 . ILE A 1 43  ? 9.19727   -12.52013 11.08472  1.000 14.82326 ? 63  ILE A CG1 1 
ATOM   274  C  CG2 . ILE A 1 43  ? 7.47772   -14.25838 11.66994  1.000 13.88513 ? 63  ILE A CG2 1 
ATOM   275  C  CD1 . ILE A 1 43  ? 8.40435   -11.41579 10.37808  1.000 22.03883 ? 63  ILE A CD1 1 
ATOM   276  N  N   . SER A 1 44  ? 8.73101   -16.71436 9.51701   1.000 9.45063  ? 64  SER A N   1 
ATOM   277  C  CA  . SER A 1 44  ? 8.04233   -17.97466 9.27219   1.000 9.59350  ? 64  SER A CA  1 
ATOM   278  C  C   . SER A 1 44  ? 8.99390   -19.14338 9.05207   1.000 13.37708 ? 64  SER A C   1 
ATOM   279  O  O   . SER A 1 44  ? 8.52457   -20.27064 8.88687   1.000 17.69964 ? 64  SER A O   1 
ATOM   280  C  CB  . SER A 1 44  ? 7.13544   -17.84358 8.05376   1.000 11.58599 ? 64  SER A CB  1 
ATOM   281  O  OG  . SER A 1 44  ? 7.92380   -17.75131 6.87569   1.000 13.82621 ? 64  SER A OG  1 
ATOM   282  N  N   . ARG A 1 45  ? 10.30333  -18.89468 9.03725   1.000 10.63865 ? 65  ARG A N   1 
ATOM   283  C  CA  . ARG A 1 45  ? 11.31694  -19.89612 8.70965   1.000 14.29887 ? 65  ARG A CA  1 
ATOM   284  C  C   . ARG A 1 45  ? 11.02091  -20.56832 7.36829   1.000 18.40911 ? 65  ARG A C   1 
ATOM   285  O  O   . ARG A 1 45  ? 10.96267  -21.79394 7.25186   1.000 15.67922 ? 65  ARG A O   1 
ATOM   286  C  CB  . ARG A 1 45  ? 11.45619  -20.94017 9.82751   1.000 10.27749 ? 65  ARG A CB  1 
ATOM   287  C  CG  . ARG A 1 45  ? 11.80615  -20.34966 11.19046  1.000 7.03502  ? 65  ARG A CG  1 
ATOM   288  C  CD  . ARG A 1 45  ? 13.09761  -19.53456 11.19345  1.000 10.94682 ? 65  ARG A CD  1 
ATOM   289  N  NE  . ARG A 1 45  ? 13.52459  -19.22125 12.55844  1.000 10.78614 ? 65  ARG A NE  1 
ATOM   290  C  CZ  . ARG A 1 45  ? 12.89265  -18.37523 13.36196  1.000 11.57159 ? 65  ARG A CZ  1 
ATOM   291  N  NH1 . ARG A 1 45  ? 11.83545  -17.68760 12.94810  1.000 5.95725  ? 65  ARG A NH1 1 
ATOM   292  N  NH2 . ARG A 1 45  ? 13.31867  -18.22742 14.61704  1.000 6.40502  ? 65  ARG A NH2 1 
ATOM   293  N  N   . GLY A 1 46  ? 10.82390  -19.75266 6.34396   1.000 19.78039 ? 66  GLY A N   1 
ATOM   294  C  CA  . GLY A 1 46  ? 10.82454  -20.29723 5.00205   1.000 30.80964 ? 66  GLY A CA  1 
ATOM   295  C  C   . GLY A 1 46  ? 9.52356   -20.18888 4.24079   1.000 29.64874 ? 66  GLY A C   1 
ATOM   296  O  O   . GLY A 1 46  ? 9.54173   -19.98055 3.02644   1.000 39.06558 ? 66  GLY A O   1 
ATOM   297  N  N   . ASN A 1 47  ? 8.38594   -20.33797 4.91570   1.000 30.37354 ? 67  ASN A N   1 
ATOM   298  C  CA  . ASN A 1 47  ? 7.09546   -20.29546 4.22523   1.000 34.65238 ? 67  ASN A CA  1 
ATOM   299  C  C   . ASN A 1 47  ? 6.43910   -18.95043 4.52067   1.000 26.26892 ? 67  ASN A C   1 
ATOM   300  O  O   . ASN A 1 47  ? 5.52465   -18.82948 5.33654   1.000 22.00069 ? 67  ASN A O   1 
ATOM   301  C  CB  . ASN A 1 47  ? 6.21327   -21.47734 4.62309   1.000 42.65292 ? 67  ASN A CB  1 
ATOM   302  C  CG  . ASN A 1 47  ? 6.09283   -21.63960 6.11840   1.000 43.13526 ? 67  ASN A CG  1 
ATOM   303  O  OD1 . ASN A 1 47  ? 6.99805   -22.16630 6.76885   1.000 50.71024 ? 67  ASN A OD1 1 
ATOM   304  N  ND2 . ASN A 1 47  ? 4.96372   -21.20152 6.67611   1.000 43.60621 ? 67  ASN A ND2 1 
ATOM   305  N  N   . GLY A 1 48  ? 6.92912   -17.92413 3.82586   1.000 21.42448 ? 68  GLY A N   1 
ATOM   306  C  CA  . GLY A 1 48  ? 6.42203   -16.58387 4.02642   1.000 16.32960 ? 68  GLY A CA  1 
ATOM   307  C  C   . GLY A 1 48  ? 5.19179   -16.29317 3.18731   1.000 18.86251 ? 68  GLY A C   1 
ATOM   308  O  O   . GLY A 1 48  ? 4.96773   -16.87878 2.12836   1.000 21.15949 ? 68  GLY A O   1 
ATOM   309  N  N   . HIS A 1 49  ? 4.37845   -15.36694 3.68679   1.000 11.72045 ? 69  HIS A N   1 
ATOM   310  C  CA  . HIS A 1 49  ? 3.17903   -14.93564 2.98957   1.000 11.36146 ? 69  HIS A CA  1 
ATOM   311  C  C   . HIS A 1 49  ? 3.09669   -13.43171 2.81806   1.000 12.75742 ? 69  HIS A C   1 
ATOM   312  O  O   . HIS A 1 49  ? 2.17277   -12.95977 2.14713   1.000 11.88560 ? 69  HIS A O   1 
ATOM   313  C  CB  . HIS A 1 49  ? 1.92046   -15.40872 3.73534   1.000 15.75727 ? 69  HIS A CB  1 
ATOM   314  C  CG  . HIS A 1 49  ? 1.83415   -16.89396 3.88405   1.000 17.93968 ? 69  HIS A CG  1 
ATOM   315  N  ND1 . HIS A 1 49  ? 1.01375   -17.67359 3.09990   1.000 19.50598 ? 69  HIS A ND1 1 
ATOM   316  C  CD2 . HIS A 1 49  ? 2.48098   -17.74417 4.71575   1.000 22.69468 ? 69  HIS A CD2 1 
ATOM   317  C  CE1 . HIS A 1 49  ? 1.15577   -18.94183 3.44310   1.000 23.04497 ? 69  HIS A CE1 1 
ATOM   318  N  NE2 . HIS A 1 49  ? 2.04162   -19.01257 4.42032   1.000 22.63596 ? 69  HIS A NE2 1 
ATOM   319  N  N   . PHE A 1 50  ? 4.01014   -12.66617 3.40944   1.000 10.04889 ? 70  PHE A N   1 
ATOM   320  C  CA  . PHE A 1 50  ? 3.91015   -11.21492 3.43745   1.000 9.28592  ? 70  PHE A CA  1 
ATOM   321  C  C   . PHE A 1 50  ? 5.15511   -10.59597 2.82386   1.000 10.27874 ? 70  PHE A C   1 
ATOM   322  O  O   . PHE A 1 50  ? 6.27287   -11.02150 3.10303   1.000 10.09289 ? 70  PHE A O   1 
ATOM   323  C  CB  . PHE A 1 50  ? 3.72396   -10.69699 4.86481   1.000 10.75007 ? 70  PHE A CB  1 
ATOM   324  C  CG  . PHE A 1 50  ? 2.39793   -11.05522 5.46512   1.000 11.33192 ? 70  PHE A CG  1 
ATOM   325  C  CD1 . PHE A 1 50  ? 1.30893   -10.21307 5.31333   1.000 13.92682 ? 70  PHE A CD1 1 
ATOM   326  C  CD2 . PHE A 1 50  ? 2.23658   -12.24190 6.16628   1.000 13.33570 ? 70  PHE A CD2 1 
ATOM   327  C  CE1 . PHE A 1 50  ? 0.07469   -10.54185 5.85013   1.000 13.78598 ? 70  PHE A CE1 1 
ATOM   328  C  CE2 . PHE A 1 50  ? 1.00751   -12.58784 6.71508   1.000 16.18725 ? 70  PHE A CE2 1 
ATOM   329  C  CZ  . PHE A 1 50  ? -0.08166  -11.73236 6.55371   1.000 19.24890 ? 70  PHE A CZ  1 
ATOM   330  N  N   . ILE A 1 51  ? 4.94513   -9.60284  1.97368   1.000 8.91748  ? 71  ILE A N   1 
ATOM   331  C  CA  . ILE A 1 51  ? 6.00866   -8.75264  1.46341   1.000 7.95574  ? 71  ILE A CA  1 
ATOM   332  C  C   . ILE A 1 51  ? 5.50175   -7.32559  1.55919   1.000 10.93708 ? 71  ILE A C   1 
ATOM   333  O  O   . ILE A 1 51  ? 4.34359   -7.05394  1.22906   1.000 9.07384  ? 71  ILE A O   1 
ATOM   334  C  CB  . ILE A 1 51  ? 6.38846   -9.07067  0.00074   1.000 9.82253  ? 71  ILE A CB  1 
ATOM   335  C  CG1 . ILE A 1 51  ? 6.93915   -10.48632 -0.13553  1.000 11.06270 ? 71  ILE A CG1 1 
ATOM   336  C  CG2 . ILE A 1 51  ? 7.39682   -8.03322  -0.52654  1.000 12.83974 ? 71  ILE A CG2 1 
ATOM   337  C  CD1 . ILE A 1 51  ? 7.10521   -10.92080 -1.57021  1.000 15.07267 ? 71  ILE A CD1 1 
ATOM   338  N  N   . SER A 1 52  ? 6.35424   -6.42619  2.03701   1.000 7.86825  ? 72  SER A N   1 
ATOM   339  C  CA  A SER A 1 52  ? 6.04282   -5.00281  1.99938   0.700 10.05797 ? 72  SER A CA  1 
ATOM   340  C  CA  B SER A 1 52  ? 6.05575   -4.99808  2.03060   0.300 10.00176 ? 72  SER A CA  1 
ATOM   341  C  C   . SER A 1 52  ? 7.20118   -4.25963  1.35711   1.000 8.84494  ? 72  SER A C   1 
ATOM   342  O  O   . SER A 1 52  ? 8.36930   -4.52327  1.65654   1.000 10.17933 ? 72  SER A O   1 
ATOM   343  C  CB  A SER A 1 52  ? 5.74506   -4.45426  3.39766   0.700 11.98958 ? 72  SER A CB  1 
ATOM   344  C  CB  B SER A 1 52  ? 5.84742   -4.46753  3.45061   0.300 12.05758 ? 72  SER A CB  1 
ATOM   345  O  OG  A SER A 1 52  ? 4.48333   -4.92889  3.84807   0.700 11.65675 ? 72  SER A OG  1 
ATOM   346  O  OG  B SER A 1 52  ? 5.69522   -3.06224  3.44093   0.300 8.64627  ? 72  SER A OG  1 
ATOM   347  N  N   . ILE A 1 53  ? 6.86271   -3.34217  0.45659   1.000 7.57922  ? 73  ILE A N   1 
ATOM   348  C  CA  . ILE A 1 53  ? 7.83420   -2.50663  -0.23271  1.000 7.79679  ? 73  ILE A CA  1 
ATOM   349  C  C   . ILE A 1 53  ? 7.65421   -1.08526  0.27394   1.000 8.11061  ? 73  ILE A C   1 
ATOM   350  O  O   . ILE A 1 53  ? 6.52416   -0.58894  0.34500   1.000 7.14023  ? 73  ILE A O   1 
ATOM   351  C  CB  . ILE A 1 53  ? 7.65017   -2.56849  -1.75646  1.000 7.28961  ? 73  ILE A CB  1 
ATOM   352  C  CG1 . ILE A 1 53  ? 7.83715   -4.00290  -2.25309  1.000 9.17406  ? 73  ILE A CG1 1 
ATOM   353  C  CG2 . ILE A 1 53  ? 8.60610   -1.57556  -2.45213  1.000 5.37018  ? 73  ILE A CG2 1 
ATOM   354  C  CD1 . ILE A 1 53  ? 7.42163   -4.17940  -3.68897  1.000 7.59417  ? 73  ILE A CD1 1 
ATOM   355  N  N   . MET A 1 54  ? 8.75911   -0.43273  0.62312   1.000 6.76523  ? 74  MET A N   1 
ATOM   356  C  CA  . MET A 1 54  ? 8.71977   0.90246   1.20588   1.000 7.60289  ? 74  MET A CA  1 
ATOM   357  C  C   . MET A 1 54  ? 9.44777   1.88257   0.29899   1.000 7.49190  ? 74  MET A C   1 
ATOM   358  O  O   . MET A 1 54  ? 10.56587  1.60896   -0.14495  1.000 7.12286  ? 74  MET A O   1 
ATOM   359  C  CB  . MET A 1 54  ? 9.34801   0.90544   2.59862   1.000 8.09143  ? 74  MET A CB  1 
ATOM   360  C  CG  . MET A 1 54  ? 8.66315   -0.06278  3.55500   1.000 9.12359  ? 74  MET A CG  1 
ATOM   361  S  SD  . MET A 1 54  ? 9.54447   -0.25293  5.10392   1.000 11.76905 ? 74  MET A SD  1 
ATOM   362  C  CE  . MET A 1 54  ? 10.91531  -1.28760  4.59607   1.000 12.22080 ? 74  MET A CE  1 
ATOM   363  N  N   . VAL A 1 55  ? 8.81445   3.01518   0.02814   1.000 8.31335  ? 75  VAL A N   1 
ATOM   364  C  CA  . VAL A 1 55  ? 9.44540   4.10574   -0.70336  1.000 8.75973  ? 75  VAL A CA  1 
ATOM   365  C  C   . VAL A 1 55  ? 9.24768   5.38282   0.09436   1.000 8.40778  ? 75  VAL A C   1 
ATOM   366  O  O   . VAL A 1 55  ? 8.28530   5.51451   0.85610   1.000 8.17662  ? 75  VAL A O   1 
ATOM   367  C  CB  . VAL A 1 55  ? 8.87954   4.26942   -2.13111  1.000 14.31495 ? 75  VAL A CB  1 
ATOM   368  C  CG1 . VAL A 1 55  ? 9.15097   3.01880   -2.97510  1.000 12.87559 ? 75  VAL A CG1 1 
ATOM   369  C  CG2 . VAL A 1 55  ? 7.40902   4.53891   -2.07130  1.000 13.47345 ? 75  VAL A CG2 1 
ATOM   370  N  N   . ASN A 1 56  ? 10.16578  6.32741   -0.08456  1.000 9.54243  ? 76  ASN A N   1 
ATOM   371  C  CA  . ASN A 1 56  ? 10.09972  7.63047   0.55801   1.000 9.83734  ? 76  ASN A CA  1 
ATOM   372  C  C   . ASN A 1 56  ? 9.99549   8.73940   -0.48429  1.000 11.21983 ? 76  ASN A C   1 
ATOM   373  O  O   . ASN A 1 56  ? 10.44019  8.58454   -1.62605  1.000 10.99218 ? 76  ASN A O   1 
ATOM   374  C  CB  . ASN A 1 56  ? 11.33029  7.86564   1.44272   1.000 10.68444 ? 76  ASN A CB  1 
ATOM   375  C  CG  . ASN A 1 56  ? 11.32978  6.98341   2.67221   1.000 16.30659 ? 76  ASN A CG  1 
ATOM   376  O  OD1 . ASN A 1 56  ? 10.27602  6.53536   3.11730   1.000 11.79120 ? 76  ASN A OD1 1 
ATOM   377  N  ND2 . ASN A 1 56  ? 12.50981  6.73052   3.22842   1.000 16.41981 ? 76  ASN A ND2 1 
ATOM   378  N  N   . ASN A 1 57  ? 9.37366   9.85143   -0.08033  1.000 10.52948 ? 77  ASN A N   1 
ATOM   379  C  CA  . ASN A 1 57  ? 9.35416   11.08799  -0.86988  1.000 11.30797 ? 77  ASN A CA  1 
ATOM   380  C  C   . ASN A 1 57  ? 8.79435   10.86870  -2.27930  1.000 12.47363 ? 77  ASN A C   1 
ATOM   381  O  O   . ASN A 1 57  ? 9.39411   11.26447  -3.27872  1.000 10.76629 ? 77  ASN A O   1 
ATOM   382  C  CB  . ASN A 1 57  ? 10.75445  11.70153  -0.92828  1.000 13.83800 ? 77  ASN A CB  1 
ATOM   383  C  CG  . ASN A 1 57  ? 11.34331  11.91348  0.44497   1.000 17.96736 ? 77  ASN A CG  1 
ATOM   384  O  OD1 . ASN A 1 57  ? 10.66679  12.40319  1.35436   1.000 19.60255 ? 77  ASN A OD1 1 
ATOM   385  N  ND2 . ASN A 1 57  ? 12.60071  11.52316  0.61454   1.000 20.92271 ? 77  ASN A ND2 1 
ATOM   386  N  N   . TYR A 1 58  ? 7.62677   10.23874  -2.34946  1.000 11.06174 ? 78  TYR A N   1 
ATOM   387  C  CA  . TYR A 1 58  ? 6.95934   9.91896   -3.60620  1.000 12.88579 ? 78  TYR A CA  1 
ATOM   388  C  C   . TYR A 1 58  ? 5.88481   10.96243  -3.88782  1.000 10.64292 ? 78  TYR A C   1 
ATOM   389  O  O   . TYR A 1 58  ? 5.03801   11.22071  -3.03184  1.000 11.28264 ? 78  TYR A O   1 
ATOM   390  C  CB  . TYR A 1 58  ? 6.31886   8.53380   -3.52413  1.000 11.26896 ? 78  TYR A CB  1 
ATOM   391  C  CG  . TYR A 1 58  ? 6.10471   7.87435   -4.85698  1.000 13.19916 ? 78  TYR A CG  1 
ATOM   392  C  CD1 . TYR A 1 58  ? 5.01712   8.19475   -5.65338  1.000 13.66202 ? 78  TYR A CD1 1 
ATOM   393  C  CD2 . TYR A 1 58  ? 6.99001   6.90856   -5.31117  1.000 15.88206 ? 78  TYR A CD2 1 
ATOM   394  C  CE1 . TYR A 1 58  ? 4.82489   7.56611   -6.88576  1.000 16.23494 ? 78  TYR A CE1 1 
ATOM   395  C  CE2 . TYR A 1 58  ? 6.80706   6.27896   -6.51861  1.000 16.41575 ? 78  TYR A CE2 1 
ATOM   396  C  CZ  . TYR A 1 58  ? 5.72844   6.60821   -7.30789  1.000 18.56530 ? 78  TYR A CZ  1 
ATOM   397  O  OH  . TYR A 1 58  ? 5.56968   5.95958   -8.51963  1.000 18.25200 ? 78  TYR A OH  1 
ATOM   398  N  N   . ARG A 1 59  ? 5.90252   11.54692  -5.08462  1.000 14.33822 ? 79  ARG A N   1 
ATOM   399  C  CA  . ARG A 1 59  ? 4.95079   12.61253  -5.39650  1.000 14.75179 ? 79  ARG A CA  1 
ATOM   400  C  C   . ARG A 1 59  ? 3.58018   12.02227  -5.72438  1.000 12.23008 ? 79  ARG A C   1 
ATOM   401  O  O   . ARG A 1 59  ? 3.44868   11.21547  -6.64933  1.000 15.55956 ? 79  ARG A O   1 
ATOM   402  C  CB  . ARG A 1 59  ? 5.45488   13.48135  -6.54759  1.000 20.03094 ? 79  ARG A CB  1 
ATOM   403  C  CG  . ARG A 1 59  ? 4.68213   14.81239  -6.66240  1.000 28.44721 ? 79  ARG A CG  1 
ATOM   404  C  CD  . ARG A 1 59  ? 5.30239   15.77526  -7.67681  1.000 39.24125 ? 79  ARG A CD  1 
ATOM   405  N  NE  . ARG A 1 59  ? 6.64372   16.20519  -7.29317  1.000 48.44809 ? 79  ARG A NE  1 
ATOM   406  C  CZ  . ARG A 1 59  ? 6.90958   17.25390  -6.52354  1.000 48.02901 ? 79  ARG A CZ  1 
ATOM   407  N  NH1 . ARG A 1 59  ? 5.94536   18.02204  -6.04180  1.000 51.06784 ? 79  ARG A NH1 1 
ATOM   408  N  NH2 . ARG A 1 59  ? 8.17544   17.53530  -6.22419  1.000 48.63493 ? 79  ARG A NH2 1 
ATOM   409  N  N   . THR A 1 60  ? 2.56898   12.41098  -4.94916  1.000 14.05411 ? 80  THR A N   1 
ATOM   410  C  CA  . THR A 1 60  ? 1.17604   12.02158  -5.15601  1.000 13.81480 ? 80  THR A CA  1 
ATOM   411  C  C   . THR A 1 60  ? 0.30598   13.27594  -5.11685  1.000 20.02885 ? 80  THR A C   1 
ATOM   412  O  O   . THR A 1 60  ? 0.78917   14.38280  -4.86972  1.000 16.67395 ? 80  THR A O   1 
ATOM   413  C  CB  . THR A 1 60  ? 0.68937   11.02915  -4.09035  1.000 10.44777 ? 80  THR A CB  1 
ATOM   414  O  OG1 . THR A 1 60  ? 0.51543   11.71589  -2.84572  1.000 12.32404 ? 80  THR A OG1 1 
ATOM   415  C  CG2 . THR A 1 60  ? 1.68585   9.87251   -3.90316  1.000 9.55929  ? 80  THR A CG2 1 
ATOM   416  N  N   . HIS A 1 61  ? -1.00017  13.09379  -5.32752  1.000 18.13386 ? 81  HIS A N   1 
ATOM   417  C  CA  . HIS A 1 61  ? -1.94031  14.19795  -5.20142  1.000 16.82723 ? 81  HIS A CA  1 
ATOM   418  C  C   . HIS A 1 61  ? -2.22657  14.56638  -3.75696  1.000 19.75886 ? 81  HIS A C   1 
ATOM   419  O  O   . HIS A 1 61  ? -2.87423  15.58877  -3.51086  1.000 18.93431 ? 81  HIS A O   1 
ATOM   420  C  CB  . HIS A 1 61  ? -3.24573  13.86722  -5.91747  1.000 18.68213 ? 81  HIS A CB  1 
ATOM   421  C  CG  . HIS A 1 61  ? -3.19171  14.11249  -7.39021  1.000 22.08028 ? 81  HIS A CG  1 
ATOM   422  N  ND1 . HIS A 1 61  ? -3.30592  13.10304  -8.31904  1.000 25.08785 ? 81  HIS A ND1 1 
ATOM   423  C  CD2 . HIS A 1 61  ? -3.02347  15.25649  -8.09458  1.000 19.29181 ? 81  HIS A CD2 1 
ATOM   424  C  CE1 . HIS A 1 61  ? -3.21437  13.61423  -9.53376  1.000 18.98261 ? 81  HIS A CE1 1 
ATOM   425  N  NE2 . HIS A 1 61  ? -3.04798  14.91937  -9.42566  1.000 26.95435 ? 81  HIS A NE2 1 
ATOM   426  N  N   . CYS A 1 62  ? -1.78241  13.76563  -2.79983  1.000 13.23571 ? 82  CYS A N   1 
ATOM   427  C  CA  . CYS A 1 62  ? -1.78243  14.19486  -1.41441  1.000 16.20792 ? 82  CYS A CA  1 
ATOM   428  C  C   . CYS A 1 62  ? -0.45761  14.84668  -1.02541  1.000 15.56176 ? 82  CYS A C   1 
ATOM   429  O  O   . CYS A 1 62  ? -0.22593  15.09292  0.15923   1.000 21.38721 ? 82  CYS A O   1 
ATOM   430  C  CB  . CYS A 1 62  ? -2.09575  13.01205  -0.48388  1.000 17.28976 ? 82  CYS A CB  1 
ATOM   431  S  SG  . CYS A 1 62  ? -3.83929  12.40549  -0.52814  1.000 22.73938 ? 82  CYS A SG  1 
ATOM   432  N  N   . GLY A 1 63  ? 0.40913   15.11703  -1.99246  1.000 15.05813 ? 83  GLY A N   1 
ATOM   433  C  CA  . GLY A 1 63  ? 1.71383   15.69270  -1.73055  1.000 16.33320 ? 83  GLY A CA  1 
ATOM   434  C  C   . GLY A 1 63  ? 2.83394   14.67451  -1.83040  1.000 16.17476 ? 83  GLY A C   1 
ATOM   435  O  O   . GLY A 1 63  ? 2.66939   13.54377  -2.30226  1.000 14.85925 ? 83  GLY A O   1 
ATOM   436  N  N   . VAL A 1 64  ? 4.01000   15.10908  -1.38719  1.000 13.14329 ? 84  VAL A N   1 
ATOM   437  C  CA  . VAL A 1 64  ? 5.18787   14.24854  -1.35866  1.000 13.91124 ? 84  VAL A CA  1 
ATOM   438  C  C   . VAL A 1 64  ? 5.10655   13.40965  -0.09180  1.000 13.38223 ? 84  VAL A C   1 
ATOM   439  O  O   . VAL A 1 64  ? 5.06748   13.94872  1.01919   1.000 14.45132 ? 84  VAL A O   1 
ATOM   440  C  CB  . VAL A 1 64  ? 6.48447   15.07092  -1.40589  1.000 16.88688 ? 84  VAL A CB  1 
ATOM   441  C  CG1 . VAL A 1 64  ? 7.69209   14.15517  -1.29488  1.000 13.97314 ? 84  VAL A CG1 1 
ATOM   442  C  CG2 . VAL A 1 64  ? 6.55629   15.88498  -2.69104  1.000 18.11214 ? 84  VAL A CG2 1 
ATOM   443  N  N   . VAL A 1 65  ? 5.03082   12.08593  -0.25209  1.000 11.42395 ? 85  VAL A N   1 
ATOM   444  C  CA  . VAL A 1 65  ? 4.67559   11.21964  0.86263   1.000 8.89266  ? 85  VAL A CA  1 
ATOM   445  C  C   . VAL A 1 65  ? 5.55543   9.98083   0.86220   1.000 8.24626  ? 85  VAL A C   1 
ATOM   446  O  O   . VAL A 1 65  ? 6.20552   9.64522   -0.12705  1.000 8.77877  ? 85  VAL A O   1 
ATOM   447  C  CB  . VAL A 1 65  ? 3.18452   10.80255  0.82685   1.000 9.61707  ? 85  VAL A CB  1 
ATOM   448  C  CG1 . VAL A 1 65  ? 2.26695   12.01559  1.02199   1.000 12.39688 ? 85  VAL A CG1 1 
ATOM   449  C  CG2 . VAL A 1 65  ? 2.86341   10.07508  -0.46773  1.000 9.67646  ? 85  VAL A CG2 1 
ATOM   450  N  N   . ASP A 1 66  ? 5.56866   9.30043   1.99933   1.000 8.06166  ? 86  ASP A N   1 
ATOM   451  C  CA  . ASP A 1 66  ? 6.16838   7.97959   2.07610   1.000 10.10951 ? 86  ASP A CA  1 
ATOM   452  C  C   . ASP A 1 66  ? 5.07523   6.94567   1.85187   1.000 8.17631  ? 86  ASP A C   1 
ATOM   453  O  O   . ASP A 1 66  ? 3.90998   7.17866   2.17568   1.000 10.22957 ? 86  ASP A O   1 
ATOM   454  C  CB  . ASP A 1 66  ? 6.84176   7.75651   3.42851   1.000 7.58503  ? 86  ASP A CB  1 
ATOM   455  C  CG  . ASP A 1 66  ? 7.92584   8.78966   3.72518   1.000 13.50564 ? 86  ASP A CG  1 
ATOM   456  O  OD1 . ASP A 1 66  ? 8.45775   9.41691   2.77951   1.000 14.02512 ? 86  ASP A OD1 1 
ATOM   457  O  OD2 . ASP A 1 66  ? 8.26513   8.95646   4.91236   1.000 24.03715 ? 86  ASP A OD2 1 
ATOM   458  N  N   . ILE A 1 67  ? 5.45046   5.80647   1.27517   1.000 7.52060  ? 87  ILE A N   1 
ATOM   459  C  CA  . ILE A 1 67  ? 4.47684   4.81226   0.84151   1.000 7.78252  ? 87  ILE A CA  1 
ATOM   460  C  C   . ILE A 1 67  ? 4.92491   3.42591   1.27747   1.000 6.91721  ? 87  ILE A C   1 
ATOM   461  O  O   . ILE A 1 67  ? 6.09685   3.06310   1.12298   1.000 7.06422  ? 87  ILE A O   1 
ATOM   462  C  CB  . ILE A 1 67  ? 4.26641   4.84660   -0.69061  1.000 7.09725  ? 87  ILE A CB  1 
ATOM   463  C  CG1 . ILE A 1 67  ? 3.79809   6.23351   -1.14892  1.000 7.05104  ? 87  ILE A CG1 1 
ATOM   464  C  CG2 . ILE A 1 67  ? 3.26988   3.76475   -1.11762  1.000 7.56896  ? 87  ILE A CG2 1 
ATOM   465  C  CD1 . ILE A 1 67  ? 3.50076   6.33587   -2.63974  1.000 8.67036  ? 87  ILE A CD1 1 
ATOM   466  N  N   . ASN A 1 68  ? 3.98835   2.64694   1.81410   1.000 7.20200  ? 88  ASN A N   1 
ATOM   467  C  CA  . ASN A 1 68  ? 4.16011   1.20814   1.97246   1.000 8.48823  ? 88  ASN A CA  1 
ATOM   468  C  C   . ASN A 1 68  ? 3.20639   0.49902   1.02841   1.000 8.03535  ? 88  ASN A C   1 
ATOM   469  O  O   . ASN A 1 68  ? 2.02568   0.85753   0.95806   1.000 7.52623  ? 88  ASN A O   1 
ATOM   470  C  CB  . ASN A 1 68  ? 3.87287   0.74152   3.39757   1.000 5.79123  ? 88  ASN A CB  1 
ATOM   471  C  CG  . ASN A 1 68  ? 4.77592   1.38319   4.41593   1.000 9.20391  ? 88  ASN A CG  1 
ATOM   472  O  OD1 . ASN A 1 68  ? 5.87978   1.82444   4.10132   1.000 7.61170  ? 88  ASN A OD1 1 
ATOM   473  N  ND2 . ASN A 1 68  ? 4.30823   1.43336   5.65765   1.000 7.56614  ? 88  ASN A ND2 1 
ATOM   474  N  N   . LEU A 1 69  ? 3.72322   -0.50034  0.32111   1.000 4.40097  ? 89  LEU A N   1 
ATOM   475  C  CA  . LEU A 1 69  ? 2.95497   -1.35675  -0.56837  1.000 5.56885  ? 89  LEU A CA  1 
ATOM   476  C  C   . LEU A 1 69  ? 2.96415   -2.74625  0.04744   1.000 6.19289  ? 89  LEU A C   1 
ATOM   477  O  O   . LEU A 1 69  ? 4.03182   -3.34726  0.20713   1.000 7.32201  ? 89  LEU A O   1 
ATOM   478  C  CB  . LEU A 1 69  ? 3.56432   -1.36127  -1.96897  1.000 3.37747  ? 89  LEU A CB  1 
ATOM   479  C  CG  . LEU A 1 69  ? 3.77058   0.07289   -2.46707  1.000 4.93905  ? 89  LEU A CG  1 
ATOM   480  C  CD1 . LEU A 1 69  ? 4.62191   0.11442   -3.71648  1.000 7.10463  ? 89  LEU A CD1 1 
ATOM   481  C  CD2 . LEU A 1 69  ? 2.41664   0.70773   -2.72383  1.000 6.33391  ? 89  LEU A CD2 1 
ATOM   482  N  N   . ASN A 1 70  ? 1.79580   -3.22467  0.44533   1.000 6.17403  ? 90  ASN A N   1 
ATOM   483  C  CA  . ASN A 1 70  ? 1.68620   -4.40026  1.30082   1.000 6.21501  ? 90  ASN A CA  1 
ATOM   484  C  C   . ASN A 1 70  ? 1.03547   -5.52981  0.52550   1.000 7.59605  ? 90  ASN A C   1 
ATOM   485  O  O   . ASN A 1 70  ? -0.08271  -5.36916  0.02125   1.000 5.32285  ? 90  ASN A O   1 
ATOM   486  C  CB  . ASN A 1 70  ? 0.88835   -4.05605  2.55247   1.000 7.59550  ? 90  ASN A CB  1 
ATOM   487  C  CG  . ASN A 1 70  ? 1.53011   -2.92779  3.32399   1.000 11.01782 ? 90  ASN A CG  1 
ATOM   488  O  OD1 . ASN A 1 70  ? 2.70679   -3.01274  3.65524   1.000 11.07093 ? 90  ASN A OD1 1 
ATOM   489  N  ND2 . ASN A 1 70  ? 0.77705   -1.85128  3.58216   1.000 9.79251  ? 90  ASN A ND2 1 
ATOM   490  N  N   . PHE A 1 71  ? 1.72862   -6.67235  0.46135   1.000 6.31036  ? 91  PHE A N   1 
ATOM   491  C  CA  . PHE A 1 71  ? 1.33604   -7.81803  -0.34662  1.000 7.38021  ? 91  PHE A CA  1 
ATOM   492  C  C   . PHE A 1 71  ? 1.11241   -9.04178  0.53849   1.000 6.54438  ? 91  PHE A C   1 
ATOM   493  O  O   . PHE A 1 71  ? 1.87076   -9.28103  1.47734   1.000 7.71657  ? 91  PHE A O   1 
ATOM   494  C  CB  . PHE A 1 71  ? 2.42006   -8.16581  -1.38527  1.000 7.20357  ? 91  PHE A CB  1 
ATOM   495  C  CG  . PHE A 1 71  ? 2.76837   -7.05098  -2.33165  1.000 7.40981  ? 91  PHE A CG  1 
ATOM   496  C  CD1 . PHE A 1 71  ? 3.71020   -6.10087  -1.98928  1.000 7.90325  ? 91  PHE A CD1 1 
ATOM   497  C  CD2 . PHE A 1 71  ? 2.19798   -6.99604  -3.59622  1.000 8.98102  ? 91  PHE A CD2 1 
ATOM   498  C  CE1 . PHE A 1 71  ? 4.05302   -5.09353  -2.87726  1.000 7.87258  ? 91  PHE A CE1 1 
ATOM   499  C  CE2 . PHE A 1 71  ? 2.54147   -5.98422  -4.48727  1.000 7.44531  ? 91  PHE A CE2 1 
ATOM   500  C  CZ  . PHE A 1 71  ? 3.46354   -5.04028  -4.12326  1.000 7.04857  ? 91  PHE A CZ  1 
ATOM   501  N  N   . PHE A 1 72  ? 0.08170   -9.82309  0.22149   1.000 7.84480  ? 92  PHE A N   1 
ATOM   502  C  CA  . PHE A 1 72  ? -0.20255  -11.08506 0.89859   1.000 9.48382  ? 92  PHE A CA  1 
ATOM   503  C  C   . PHE A 1 72  ? -0.32422  -12.15643 -0.16924  1.000 9.99020  ? 92  PHE A C   1 
ATOM   504  O  O   . PHE A 1 72  ? -1.13380  -12.01762 -1.09018  1.000 8.97615  ? 92  PHE A O   1 
ATOM   505  C  CB  . PHE A 1 72  ? -1.49337  -10.99293 1.71902   1.000 9.47818  ? 92  PHE A CB  1 
ATOM   506  C  CG  . PHE A 1 72  ? -1.90832  -12.28549 2.37416   1.000 10.08046 ? 92  PHE A CG  1 
ATOM   507  C  CD1 . PHE A 1 72  ? -1.16218  -12.82955 3.40248   1.000 12.40347 ? 92  PHE A CD1 1 
ATOM   508  C  CD2 . PHE A 1 72  ? -3.08232  -12.92124 2.00175   1.000 17.86763 ? 92  PHE A CD2 1 
ATOM   509  C  CE1 . PHE A 1 72  ? -1.56096  -14.01112 4.03252   1.000 17.51026 ? 92  PHE A CE1 1 
ATOM   510  C  CE2 . PHE A 1 72  ? -3.48475  -14.09761 2.62365   1.000 18.69920 ? 92  PHE A CE2 1 
ATOM   511  C  CZ  . PHE A 1 72  ? -2.71730  -14.64316 3.63806   1.000 16.06514 ? 92  PHE A CZ  1 
ATOM   512  N  N   . ASN A 1 73  ? 0.46936   -13.21707 -0.04724  1.000 9.80610  ? 93  ASN A N   1 
ATOM   513  C  CA  . ASN A 1 73  ? 0.50318   -14.26884 -1.06200  1.000 12.95328 ? 93  ASN A CA  1 
ATOM   514  C  C   . ASN A 1 73  ? 0.73230   -13.66237 -2.44509  1.000 14.37514 ? 93  ASN A C   1 
ATOM   515  O  O   . ASN A 1 73  ? 0.08647   -14.02724 -3.43097  1.000 12.06366 ? 93  ASN A O   1 
ATOM   516  C  CB  . ASN A 1 73  ? -0.77438  -15.11219 -1.01950  1.000 17.28528 ? 93  ASN A CB  1 
ATOM   517  C  CG  . ASN A 1 73  ? -0.84576  -16.00333 0.21562   1.000 19.30853 ? 93  ASN A CG  1 
ATOM   518  O  OD1 . ASN A 1 73  ? 0.17695   -16.35788 0.79778   1.000 18.11398 ? 93  ASN A OD1 1 
ATOM   519  N  ND2 . ASN A 1 73  ? -2.05799  -16.37230 0.61339   1.000 20.79775 ? 93  ASN A ND2 1 
ATOM   520  N  N   . ASP A 1 74  ? 1.64100   -12.68653 -2.49891  1.000 13.16406 ? 94  ASP A N   1 
ATOM   521  C  CA  . ASP A 1 74  ? 2.09948   -12.04480 -3.72799  1.000 14.79527 ? 94  ASP A CA  1 
ATOM   522  C  C   . ASP A 1 74  ? 1.00926   -11.23379 -4.42070  1.000 11.71704 ? 94  ASP A C   1 
ATOM   523  O  O   . ASP A 1 74  ? 1.09695   -10.98269 -5.62920  1.000 14.26764 ? 94  ASP A O   1 
ATOM   524  C  CB  . ASP A 1 74  ? 2.70588   -13.07423 -4.69126  1.000 16.14531 ? 94  ASP A CB  1 
ATOM   525  C  CG  . ASP A 1 74  ? 3.94203   -13.75183 -4.09863  1.000 24.25464 ? 94  ASP A CG  1 
ATOM   526  O  OD1 . ASP A 1 74  ? 4.57449   -13.15291 -3.19521  1.000 20.90494 ? 94  ASP A OD1 1 
ATOM   527  O  OD2 . ASP A 1 74  ? 4.28447   -14.87358 -4.52038  1.000 32.10897 ? 94  ASP A OD2 1 
ATOM   528  N  N   . ILE A 1 75  ? -0.00848  -10.79633 -3.68096  1.000 10.62197 ? 95  ILE A N   1 
ATOM   529  C  CA  . ILE A 1 75  ? -1.05196  -9.92026  -4.20862  1.000 7.60022  ? 95  ILE A CA  1 
ATOM   530  C  C   . ILE A 1 75  ? -1.16636  -8.69229  -3.30963  1.000 7.58355  ? 95  ILE A C   1 
ATOM   531  O  O   . ILE A 1 75  ? -1.25068  -8.81487  -2.08208  1.000 7.97965  ? 95  ILE A O   1 
ATOM   532  C  CB  . ILE A 1 75  ? -2.40730  -10.64510 -4.31518  1.000 11.65848 ? 95  ILE A CB  1 
ATOM   533  C  CG1 . ILE A 1 75  ? -2.29796  -11.84252 -5.27167  1.000 18.47965 ? 95  ILE A CG1 1 
ATOM   534  C  CG2 . ILE A 1 75  ? -3.51535  -9.68247  -4.75466  1.000 9.99072  ? 95  ILE A CG2 1 
ATOM   535  C  CD1 . ILE A 1 75  ? -1.96306  -11.45463 -6.70578  1.000 17.24372 ? 95  ILE A CD1 1 
ATOM   536  N  N   . LEU A 1 76  ? -1.18021  -7.51464  -3.92329  1.000 8.36309  ? 96  LEU A N   1 
ATOM   537  C  CA  . LEU A 1 76  ? -1.29791  -6.26983  -3.17418  1.000 6.80064  ? 96  LEU A CA  1 
ATOM   538  C  C   . LEU A 1 76  ? -2.62898  -6.22699  -2.43865  1.000 6.72669  ? 96  LEU A C   1 
ATOM   539  O  O   . LEU A 1 76  ? -3.68138  -6.45374  -3.03715  1.000 9.63529  ? 96  LEU A O   1 
ATOM   540  C  CB  . LEU A 1 76  ? -1.18655  -5.09155  -4.15031  1.000 6.12882  ? 96  LEU A CB  1 
ATOM   541  C  CG  . LEU A 1 76  ? -0.99336  -3.66944  -3.63752  1.000 8.37428  ? 96  LEU A CG  1 
ATOM   542  C  CD1 . LEU A 1 76  ? 0.32994   -3.53786  -2.88386  1.000 5.49332  ? 96  LEU A CD1 1 
ATOM   543  C  CD2 . LEU A 1 76  ? -1.02855  -2.71633  -4.82542  1.000 8.97512  ? 96  LEU A CD2 1 
ATOM   544  N  N   . TYR A 1 77  ? -2.59504  -5.94202  -1.13481  1.000 5.32538  ? 97  TYR A N   1 
ATOM   545  C  CA  . TYR A 1 77  ? -3.83306  -5.70823  -0.41063  1.000 10.31595 ? 97  TYR A CA  1 
ATOM   546  C  C   . TYR A 1 77  ? -3.95467  -4.30454  0.15628   1.000 7.62057  ? 97  TYR A C   1 
ATOM   547  O  O   . TYR A 1 77  ? -5.06715  -3.90582  0.51400   1.000 8.82051  ? 97  TYR A O   1 
ATOM   548  C  CB  . TYR A 1 77  ? -4.02677  -6.73069  0.72858   1.000 7.71777  ? 97  TYR A CB  1 
ATOM   549  C  CG  . TYR A 1 77  ? -3.02072  -6.67214  1.85985   1.000 8.22595  ? 97  TYR A CG  1 
ATOM   550  C  CD1 . TYR A 1 77  ? -1.83639  -7.39103  1.79334   1.000 8.92279  ? 97  TYR A CD1 1 
ATOM   551  C  CD2 . TYR A 1 77  ? -3.26889  -5.91986  3.00617   1.000 12.74247 ? 97  TYR A CD2 1 
ATOM   552  C  CE1 . TYR A 1 77  ? -0.90704  -7.35187  2.82576   1.000 8.78232  ? 97  TYR A CE1 1 
ATOM   553  C  CE2 . TYR A 1 77  ? -2.34403  -5.86903  4.04648   1.000 6.85204  ? 97  TYR A CE2 1 
ATOM   554  C  CZ  . TYR A 1 77  ? -1.16747  -6.58807  3.94460   1.000 12.34459 ? 97  TYR A CZ  1 
ATOM   555  O  OH  . TYR A 1 77  ? -0.23935  -6.55136  4.95880   1.000 16.90479 ? 97  TYR A OH  1 
ATOM   556  N  N   . SER A 1 78  ? -2.86890  -3.53920  0.21305   1.000 6.68864  ? 98  SER A N   1 
ATOM   557  C  CA  . SER A 1 78  ? -2.87509  -2.25360  0.89882   1.000 8.25979  ? 98  SER A CA  1 
ATOM   558  C  C   . SER A 1 78  ? -1.80174  -1.34493  0.30966   1.000 9.13114  ? 98  SER A C   1 
ATOM   559  O  O   . SER A 1 78  ? -0.66240  -1.77909  0.10592   1.000 7.13714  ? 98  SER A O   1 
ATOM   560  C  CB  . SER A 1 78  ? -2.63831  -2.47143  2.40662   1.000 10.40317 ? 98  SER A CB  1 
ATOM   561  O  OG  . SER A 1 78  ? -2.32076  -1.27597  3.07005   1.000 20.78412 ? 98  SER A OG  1 
ATOM   562  N  N   . VAL A 1 79  ? -2.16753  -0.08867  0.04143   1.000 8.03113  ? 99  VAL A N   1 
ATOM   563  C  CA  . VAL A 1 79  ? -1.22529  0.96201   -0.34184  1.000 5.13352  ? 99  VAL A CA  1 
ATOM   564  C  C   . VAL A 1 79  ? -1.39991  2.07230   0.67883   1.000 6.97864  ? 99  VAL A C   1 
ATOM   565  O  O   . VAL A 1 79  ? -2.46503  2.70352   0.73621   1.000 7.68601  ? 99  VAL A O   1 
ATOM   566  C  CB  . VAL A 1 79  ? -1.47069  1.49354   -1.76071  1.000 6.36404  ? 99  VAL A CB  1 
ATOM   567  C  CG1 . VAL A 1 79  ? -0.57888  2.73130   -2.03922  1.000 4.05495  ? 99  VAL A CG1 1 
ATOM   568  C  CG2 . VAL A 1 79  ? -1.25743  0.40477   -2.78994  1.000 5.78935  ? 99  VAL A CG2 1 
ATOM   569  N  N   . ARG A 1 80  ? -0.37667  2.31759   1.48690   1.000 6.42526  ? 100 ARG A N   1 
ATOM   570  C  CA  . ARG A 1 80  ? -0.48437  3.28805   2.57322   1.000 11.02293 ? 100 ARG A CA  1 
ATOM   571  C  C   . ARG A 1 80  ? 0.35908   4.52206   2.26918   1.000 8.67904  ? 100 ARG A C   1 
ATOM   572  O  O   . ARG A 1 80  ? 1.57975   4.42218   2.12178   1.000 9.11710  ? 100 ARG A O   1 
ATOM   573  C  CB  . ARG A 1 80  ? -0.05898  2.67911   3.90541   1.000 9.61916  ? 100 ARG A CB  1 
ATOM   574  C  CG  . ARG A 1 80  ? -0.39459  3.58671   5.08478   1.000 11.69233 ? 100 ARG A CG  1 
ATOM   575  C  CD  . ARG A 1 80  ? 0.16525   3.03223   6.37027   1.000 13.98766 ? 100 ARG A CD  1 
ATOM   576  N  NE  . ARG A 1 80  ? -0.25122  3.80784   7.53307   1.000 17.84607 ? 100 ARG A NE  1 
ATOM   577  C  CZ  . ARG A 1 80  ? -0.99079  3.32964   8.52318   1.000 21.03110 ? 100 ARG A CZ  1 
ATOM   578  N  NH1 . ARG A 1 80  ? -1.47509  2.09700   8.49241   1.000 22.41939 ? 100 ARG A NH1 1 
ATOM   579  N  NH2 . ARG A 1 80  ? -1.22648  4.09575   9.58518   1.000 17.53507 ? 100 ARG A NH2 1 
ATOM   580  N  N   . LEU A 1 81  ? -0.29067  5.67979   2.18641   1.000 6.61282  ? 101 LEU A N   1 
ATOM   581  C  CA  . LEU A 1 81  ? 0.40487   6.95511   2.08174   1.000 6.64145  ? 101 LEU A CA  1 
ATOM   582  C  C   . LEU A 1 81  ? 0.64235   7.48536   3.48733   1.000 6.75918  ? 101 LEU A C   1 
ATOM   583  O  O   . LEU A 1 81  ? -0.28762  7.51513   4.29906   1.000 8.09946  ? 101 LEU A O   1 
ATOM   584  C  CB  . LEU A 1 81  ? -0.41883  7.96395   1.27523   1.000 7.94024  ? 101 LEU A CB  1 
ATOM   585  C  CG  . LEU A 1 81  ? -0.91951  7.54819   -0.11173  1.000 10.08555 ? 101 LEU A CG  1 
ATOM   586  C  CD1 . LEU A 1 81  ? -1.50895  8.78034   -0.82113  1.000 8.12202  ? 101 LEU A CD1 1 
ATOM   587  C  CD2 . LEU A 1 81  ? 0.18708   6.88318   -0.94834  1.000 7.94867  ? 101 LEU A CD2 1 
ATOM   588  N  N   . LYS A 1 82  ? 1.87694   7.90769   3.77695   1.000 6.46045  ? 102 LYS A N   1 
ATOM   589  C  CA  . LYS A 1 82  ? 2.25379   8.28963   5.13357   1.000 7.27926  ? 102 LYS A CA  1 
ATOM   590  C  C   . LYS A 1 82  ? 2.74913   9.72958   5.17780   1.000 10.19523 ? 102 LYS A C   1 
ATOM   591  O  O   . LYS A 1 82  ? 3.41218   10.19026  4.24766   1.000 8.91593  ? 102 LYS A O   1 
ATOM   592  C  CB  . LYS A 1 82  ? 3.34892   7.35607   5.69036   1.000 7.02549  ? 102 LYS A CB  1 
ATOM   593  C  CG  . LYS A 1 82  ? 2.91099   5.89756   5.76178   1.000 9.59920  ? 102 LYS A CG  1 
ATOM   594  C  CD  . LYS A 1 82  ? 3.97861   4.99005   6.37443   1.000 10.01348 ? 102 LYS A CD  1 
ATOM   595  C  CE  . LYS A 1 82  ? 4.21895   5.31292   7.84816   1.000 10.87328 ? 102 LYS A CE  1 
ATOM   596  N  NZ  . LYS A 1 82  ? 2.99135   5.16174   8.69059   1.000 13.14810 ? 102 LYS A NZ  1 
ATOM   597  N  N   . ASN A 1 83  ? 2.42477   10.41864  6.28093   1.000 10.56746 ? 103 ASN A N   1 
ATOM   598  C  CA  . ASN A 1 83  ? 3.00438   11.71691  6.63587   1.000 14.75569 ? 103 ASN A CA  1 
ATOM   599  C  C   . ASN A 1 83  ? 2.47564   12.81962  5.71555   1.000 12.37627 ? 103 ASN A C   1 
ATOM   600  O  O   . ASN A 1 83  ? 3.23756   13.54183  5.07825   1.000 16.46262 ? 103 ASN A O   1 
ATOM   601  C  CB  . ASN A 1 83  ? 4.53791   11.66730  6.62940   1.000 14.12364 ? 103 ASN A CB  1 
ATOM   602  C  CG  . ASN A 1 83  ? 5.10178   10.63102  7.61787   1.000 22.02299 ? 103 ASN A CG  1 
ATOM   603  O  OD1 . ASN A 1 83  ? 4.61842   10.50342  8.74440   1.000 23.14354 ? 103 ASN A OD1 1 
ATOM   604  N  ND2 . ASN A 1 83  ? 6.11820   9.88009   7.18485   1.000 17.57110 ? 103 ASN A ND2 1 
ATOM   605  N  N   . ILE A 1 84  ? 1.14760   12.91622  5.64063   1.000 12.83927 ? 104 ILE A N   1 
ATOM   606  C  CA  . ILE A 1 84  ? 0.44641   13.94847  4.88569   1.000 18.05262 ? 104 ILE A CA  1 
ATOM   607  C  C   . ILE A 1 84  ? 0.14149   15.11191  5.81629   1.000 12.68277 ? 104 ILE A C   1 
ATOM   608  O  O   . ILE A 1 84  ? -0.25002  14.90860  6.96988   1.000 13.22593 ? 104 ILE A O   1 
ATOM   609  C  CB  . ILE A 1 84  ? -0.84375  13.38199  4.26630   1.000 14.71098 ? 104 ILE A CB  1 
ATOM   610  C  CG1 . ILE A 1 84  ? -0.49922  12.23316  3.31987   1.000 12.05196 ? 104 ILE A CG1 1 
ATOM   611  C  CG2 . ILE A 1 84  ? -1.61551  14.48044  3.52943   1.000 15.26983 ? 104 ILE A CG2 1 
ATOM   612  C  CD1 . ILE A 1 84  ? -1.69841  11.46196  2.81029   1.000 14.04637 ? 104 ILE A CD1 1 
ATOM   613  N  N   . SER A 1 85  ? 0.30589   16.33523  5.31345   1.000 18.33842 ? 105 SER A N   1 
ATOM   614  C  CA  . SER A 1 85  ? 0.09587   17.51456  6.14095   1.000 14.24728 ? 105 SER A CA  1 
ATOM   615  C  C   . SER A 1 85  ? -1.31825  17.55595  6.70480   1.000 17.89561 ? 105 SER A C   1 
ATOM   616  O  O   . SER A 1 85  ? -2.29257  17.26065  6.00555   1.000 15.30869 ? 105 SER A O   1 
ATOM   617  C  CB  . SER A 1 85  ? 0.36014   18.78352  5.32856   1.000 21.30930 ? 105 SER A CB  1 
ATOM   618  O  OG  . SER A 1 85  ? -0.24222  19.89661  5.96409   1.000 27.19719 ? 105 SER A OG  1 
ATOM   619  N  N   . LYS A 1 86  ? -1.42936  17.94452  7.98268   1.000 15.75675 ? 106 LYS A N   1 
ATOM   620  C  CA  . LYS A 1 86  ? -2.74009  18.16573  8.58431   1.000 18.29077 ? 106 LYS A CA  1 
ATOM   621  C  C   . LYS A 1 86  ? -3.48399  19.32134  7.93111   1.000 17.23040 ? 106 LYS A C   1 
ATOM   622  O  O   . LYS A 1 86  ? -4.69443  19.45318  8.14137   1.000 21.25312 ? 106 LYS A O   1 
ATOM   623  C  CB  . LYS A 1 86  ? -2.61759  18.42836  10.09581  1.000 25.61061 ? 106 LYS A CB  1 
ATOM   624  C  CG  . LYS A 1 86  ? -2.27729  19.87971  10.45533  1.000 40.17036 ? 106 LYS A CG  1 
ATOM   625  C  CD  . LYS A 1 86  ? -2.23150  20.14535  11.97767  1.000 43.51422 ? 106 LYS A CD  1 
ATOM   626  C  CE  . LYS A 1 86  ? -1.95469  21.63096  12.26846  1.000 36.40663 ? 106 LYS A CE  1 
ATOM   627  N  NZ  . LYS A 1 86  ? -1.62831  21.94195  13.69415  1.000 31.44410 ? 106 LYS A NZ  1 
ATOM   628  N  N   . LEU A 1 87  ? -2.80323  20.15161  7.14221   1.000 15.05466 ? 107 LEU A N   1 
ATOM   629  C  CA  . LEU A 1 87  ? -3.47328  21.22245  6.41363   1.000 21.29333 ? 107 LEU A CA  1 
ATOM   630  C  C   . LEU A 1 87  ? -3.95036  20.78799  5.02612   1.000 19.40791 ? 107 LEU A C   1 
ATOM   631  O  O   . LEU A 1 87  ? -4.48995  21.61411  4.28408   1.000 16.32804 ? 107 LEU A O   1 
ATOM   632  C  CB  . LEU A 1 87  ? -2.54338  22.43974  6.30386   1.000 18.97500 ? 107 LEU A CB  1 
ATOM   633  C  CG  . LEU A 1 87  ? -2.17565  23.08214  7.65194   1.000 22.93110 ? 107 LEU A CG  1 
ATOM   634  C  CD1 . LEU A 1 87  ? -0.79412  23.71566  7.59814   1.000 31.25508 ? 107 LEU A CD1 1 
ATOM   635  C  CD2 . LEU A 1 87  ? -3.21562  24.11370  8.06791   1.000 21.29338 ? 107 LEU A CD2 1 
ATOM   636  N  N   . GLU A 1 88  ? -3.78955  19.51471  4.67654   1.000 14.62599 ? 108 GLU A N   1 
ATOM   637  C  CA  . GLU A 1 88  ? -4.24180  18.99610  3.39181   1.000 13.66398 ? 108 GLU A CA  1 
ATOM   638  C  C   . GLU A 1 88  ? -5.73580  18.69361  3.43688   1.000 14.03955 ? 108 GLU A C   1 
ATOM   639  O  O   . GLU A 1 88  ? -6.25740  18.22681  4.45517   1.000 15.32229 ? 108 GLU A O   1 
ATOM   640  C  CB  . GLU A 1 88  ? -3.44918  17.73040  3.04740   1.000 17.86305 ? 108 GLU A CB  1 
ATOM   641  C  CG  . GLU A 1 88  ? -3.71369  17.13118  1.68199   1.000 14.54096 ? 108 GLU A CG  1 
ATOM   642  C  CD  . GLU A 1 88  ? -2.87585  17.75694  0.59530   1.000 26.12009 ? 108 GLU A CD  1 
ATOM   643  O  OE1 . GLU A 1 88  ? -2.16717  18.74260  0.88335   1.000 26.52051 ? 108 GLU A OE1 1 
ATOM   644  O  OE2 . GLU A 1 88  ? -2.91837  17.25678  -0.55163  1.000 24.97150 ? 108 GLU A OE2 1 
ATOM   645  N  N   . ASN A 1 89  ? -6.43287  18.97875  2.33531   1.000 13.32247 ? 109 ASN A N   1 
ATOM   646  C  CA  . ASN A 1 89  ? -7.82850  18.56160  2.17449   1.000 11.89906 ? 109 ASN A CA  1 
ATOM   647  C  C   . ASN A 1 89  ? -7.83367  17.05187  1.95160   1.000 19.54007 ? 109 ASN A C   1 
ATOM   648  O  O   . ASN A 1 89  ? -7.50908  16.56910  0.86398   1.000 12.68391 ? 109 ASN A O   1 
ATOM   649  C  CB  . ASN A 1 89  ? -8.47623  19.31156  1.01280   1.000 14.17021 ? 109 ASN A CB  1 
ATOM   650  C  CG  . ASN A 1 89  ? -9.94650  18.96027  0.81432   1.000 18.97769 ? 109 ASN A CG  1 
ATOM   651  O  OD1 . ASN A 1 89  ? -10.44236 17.94695  1.31236   1.000 17.86242 ? 109 ASN A OD1 1 
ATOM   652  N  ND2 . ASN A 1 89  ? -10.64636 19.79387  0.05183   1.000 20.10414 ? 109 ASN A ND2 1 
ATOM   653  N  N   . MET A 1 90  ? -8.20188  16.29476  2.98563   1.000 15.75831 ? 110 MET A N   1 
ATOM   654  C  CA  . MET A 1 90  ? -7.94563  14.85816  2.96248   1.000 19.01406 ? 110 MET A CA  1 
ATOM   655  C  C   . MET A 1 90  ? -8.92530  14.11325  2.06680   1.000 16.51122 ? 110 MET A C   1 
ATOM   656  O  O   . MET A 1 90  ? -8.51486  13.26434  1.27517   1.000 16.46581 ? 110 MET A O   1 
ATOM   657  C  CB  . MET A 1 90  ? -7.97170  14.29529  4.38007   1.000 14.06088 ? 110 MET A CB  1 
ATOM   658  C  CG  . MET A 1 90  ? -6.79059  14.76232  5.21842   1.000 16.76973 ? 110 MET A CG  1 
ATOM   659  S  SD  . MET A 1 90  ? -5.17482  14.54214  4.42635   1.000 17.59209 ? 110 MET A SD  1 
ATOM   660  C  CE  . MET A 1 90  ? -5.10767  12.76422  4.25884   1.000 16.07218 ? 110 MET A CE  1 
ATOM   661  N  N   . GLU A 1 91  ? -10.22050 14.41392  2.15986   1.000 14.63762 ? 111 GLU A N   1 
ATOM   662  C  CA  . GLU A 1 91  ? -11.16332 13.71230  1.29409   1.000 19.61203 ? 111 GLU A CA  1 
ATOM   663  C  C   . GLU A 1 91  ? -10.88569 14.02038  -0.17005  1.000 16.58181 ? 111 GLU A C   1 
ATOM   664  O  O   . GLU A 1 91  ? -10.99975 13.14296  -1.02939  1.000 13.85247 ? 111 GLU A O   1 
ATOM   665  C  CB  . GLU A 1 91  ? -12.60558 14.06850  1.66070   1.000 22.03982 ? 111 GLU A CB  1 
ATOM   666  C  CG  . GLU A 1 91  ? -13.10552 13.37875  2.92894   1.000 30.09937 ? 111 GLU A CG  1 
ATOM   667  C  CD  . GLU A 1 91  ? -13.13081 11.84826  2.82226   1.000 36.14172 ? 111 GLU A CD  1 
ATOM   668  O  OE1 . GLU A 1 91  ? -13.25060 11.31278  1.69856   1.000 25.61593 ? 111 GLU A OE1 1 
ATOM   669  O  OE2 . GLU A 1 91  ? -13.03561 11.17792  3.87412   1.000 35.72825 ? 111 GLU A OE2 1 
ATOM   670  N  N   . PHE A 1 92  ? -10.47159 15.24898  -0.47162  1.000 12.58451 ? 112 PHE A N   1 
ATOM   671  C  CA  . PHE A 1 92  ? -10.19488 15.59310  -1.85945  1.000 14.33425 ? 112 PHE A CA  1 
ATOM   672  C  C   . PHE A 1 92  ? -8.91283  14.92930  -2.34668  1.000 13.51407 ? 112 PHE A C   1 
ATOM   673  O  O   . PHE A 1 92  ? -8.87752  14.34937  -3.43773  1.000 12.89773 ? 112 PHE A O   1 
ATOM   674  C  CB  . PHE A 1 92  ? -10.11424 17.11259  -2.01832  1.000 14.88371 ? 112 PHE A CB  1 
ATOM   675  C  CG  . PHE A 1 92  ? -9.94057  17.56677  -3.44075  1.000 21.63712 ? 112 PHE A CG  1 
ATOM   676  C  CD1 . PHE A 1 92  ? -10.47777 16.83985  -4.49283  1.000 25.46465 ? 112 PHE A CD1 1 
ATOM   677  C  CD2 . PHE A 1 92  ? -9.23634  18.72277  -3.72925  1.000 23.61340 ? 112 PHE A CD2 1 
ATOM   678  C  CE1 . PHE A 1 92  ? -10.31940 17.26406  -5.80259  1.000 26.87745 ? 112 PHE A CE1 1 
ATOM   679  C  CE2 . PHE A 1 92  ? -9.07674  19.14801  -5.03709  1.000 28.87058 ? 112 PHE A CE2 1 
ATOM   680  C  CZ  . PHE A 1 92  ? -9.62004  18.41998  -6.07103  1.000 26.23213 ? 112 PHE A CZ  1 
ATOM   681  N  N   . CYS A 1 93  ? -7.83811  15.00595  -1.56353  1.000 12.48413 ? 113 CYS A N   1 
ATOM   682  C  CA  . CYS A 1 93  ? -6.59413  14.42936  -2.05418  1.000 13.51798 ? 113 CYS A CA  1 
ATOM   683  C  C   . CYS A 1 93  ? -6.67828  12.90495  -2.09304  1.000 10.87634 ? 113 CYS A C   1 
ATOM   684  O  O   . CYS A 1 93  ? -6.13885  12.27728  -3.00796  1.000 12.29012 ? 113 CYS A O   1 
ATOM   685  C  CB  . CYS A 1 93  ? -5.41279  14.91350  -1.21550  1.000 17.27947 ? 113 CYS A CB  1 
ATOM   686  S  SG  . CYS A 1 93  ? -5.00548  13.92123  0.20998   1.000 19.14133 ? 113 CYS A SG  1 
ATOM   687  N  N   . ALA A 1 94  ? -7.37416  12.29663  -1.12771  1.000 13.25462 ? 114 ALA A N   1 
ATOM   688  C  CA  . ALA A 1 94  ? -7.55057  10.84745  -1.14097  1.000 13.48440 ? 114 ALA A CA  1 
ATOM   689  C  C   . ALA A 1 94  ? -8.35559  10.39674  -2.35605  1.000 12.61326 ? 114 ALA A C   1 
ATOM   690  O  O   . ALA A 1 94  ? -8.00172  9.40870   -3.00778  1.000 10.12343 ? 114 ALA A O   1 
ATOM   691  C  CB  . ALA A 1 94  ? -8.23208  10.37827  0.14486   1.000 13.03174 ? 114 ALA A CB  1 
ATOM   692  N  N   . THR A 1 95  ? -9.44558  11.10388  -2.67631  1.000 11.70119 ? 115 THR A N   1 
ATOM   693  C  CA  . THR A 1 95  ? -10.23617 10.71074  -3.83880  1.000 12.86724 ? 115 THR A CA  1 
ATOM   694  C  C   . THR A 1 95  ? -9.49478  10.99854  -5.13669  1.000 12.29929 ? 115 THR A C   1 
ATOM   695  O  O   . THR A 1 95  ? -9.63231  10.24773  -6.10572  1.000 10.61790 ? 115 THR A O   1 
ATOM   696  C  CB  . THR A 1 95  ? -11.59973 11.41304  -3.83680  1.000 12.33268 ? 115 THR A CB  1 
ATOM   697  O  OG1 . THR A 1 95  ? -11.41198 12.82627  -3.80047  1.000 24.40747 ? 115 THR A OG1 1 
ATOM   698  C  CG2 . THR A 1 95  ? -12.41732 10.98559  -2.63109  1.000 13.98757 ? 115 THR A CG2 1 
ATOM   699  N  N   . LYS A 1 96  ? -8.69403  12.06526  -5.16502  1.000 11.80716 ? 116 LYS A N   1 
ATOM   700  C  CA  . LYS A 1 96  ? -7.94532  12.41998  -6.36492  1.000 11.92157 ? 116 LYS A CA  1 
ATOM   701  C  C   . LYS A 1 96  ? -6.85065  11.39842  -6.66727  1.000 13.00254 ? 116 LYS A C   1 
ATOM   702  O  O   . LYS A 1 96  ? -6.58324  11.09042  -7.83595  1.000 12.94896 ? 116 LYS A O   1 
ATOM   703  C  CB  . LYS A 1 96  ? -7.35144  13.81768  -6.18444  1.000 16.82542 ? 116 LYS A CB  1 
ATOM   704  C  CG  . LYS A 1 96  ? -6.70242  14.40735  -7.40090  1.000 30.12978 ? 116 LYS A CG  1 
ATOM   705  C  CD  . LYS A 1 96  ? -7.73804  15.04918  -8.29894  1.000 31.64359 ? 116 LYS A CD  1 
ATOM   706  C  CE  . LYS A 1 96  ? -7.08006  15.67713  -9.50411  1.000 23.42719 ? 116 LYS A CE  1 
ATOM   707  N  NZ  . LYS A 1 96  ? -8.09678  16.08492  -10.49804 1.000 26.65312 ? 116 LYS A NZ  1 
ATOM   708  N  N   . GLN A 1 97  ? -6.19933  10.86397  -5.63220  1.000 8.63961  ? 117 GLN A N   1 
ATOM   709  C  CA  . GLN A 1 97  ? -5.15633  9.86592   -5.84704  1.000 7.95410  ? 117 GLN A CA  1 
ATOM   710  C  C   . GLN A 1 97  ? -5.72591  8.47083   -6.09047  1.000 6.57404  ? 117 GLN A C   1 
ATOM   711  O  O   . GLN A 1 97  ? -5.01008  7.59680   -6.58861  1.000 9.08713  ? 117 GLN A O   1 
ATOM   712  C  CB  . GLN A 1 97  ? -4.20617  9.85049   -4.64036  1.000 8.32011  ? 117 GLN A CB  1 
ATOM   713  C  CG  . GLN A 1 97  ? -2.95203  8.98339   -4.79351  1.000 7.45550  ? 117 GLN A CG  1 
ATOM   714  C  CD  . GLN A 1 97  ? -2.02417  9.45771   -5.89922  1.000 8.59129  ? 117 GLN A CD  1 
ATOM   715  O  OE1 . GLN A 1 97  ? -2.00173  10.64453  -6.25702  1.000 10.24272 ? 117 GLN A OE1 1 
ATOM   716  N  NE2 . GLN A 1 97  ? -1.26004  8.52564   -6.45860  1.000 11.25019 ? 117 GLN A NE2 1 
ATOM   717  N  N   . ARG A 1 98  ? -7.00312  8.26206   -5.77971  1.000 8.65685  ? 118 ARG A N   1 
ATOM   718  C  CA  . ARG A 1 98  ? -7.56527  6.91778   -5.68310  1.000 7.84105  ? 118 ARG A CA  1 
ATOM   719  C  C   . ARG A 1 98  ? -7.41471  6.11552   -6.97617  1.000 7.76634  ? 118 ARG A C   1 
ATOM   720  O  O   . ARG A 1 98  ? -7.12894  4.90863   -6.93305  1.000 8.11070  ? 118 ARG A O   1 
ATOM   721  C  CB  . ARG A 1 98  ? -9.03209  7.02455   -5.29050  1.000 7.59902  ? 118 ARG A CB  1 
ATOM   722  C  CG  . ARG A 1 98  ? -9.71349  5.70462   -4.98142  1.000 9.94976  ? 118 ARG A CG  1 
ATOM   723  C  CD  . ARG A 1 98  ? -11.18247 6.00887   -4.74552  1.000 12.46974 ? 118 ARG A CD  1 
ATOM   724  N  NE  . ARG A 1 98  ? -11.82177 5.02870   -3.88321  1.000 17.80770 ? 118 ARG A NE  1 
ATOM   725  C  CZ  . ARG A 1 98  ? -13.06737 5.14280   -3.44463  1.000 24.27096 ? 118 ARG A CZ  1 
ATOM   726  N  NH1 . ARG A 1 98  ? -13.82354 6.18334   -3.77882  1.000 16.94051 ? 118 ARG A NH1 1 
ATOM   727  N  NH2 . ARG A 1 98  ? -13.56088 4.20135   -2.64414  1.000 20.49072 ? 118 ARG A NH2 1 
ATOM   728  N  N   . VAL A 1 99  ? -7.62963  6.75107   -8.13438  1.000 8.31536  ? 119 VAL A N   1 
ATOM   729  C  CA  . VAL A 1 99  ? -7.63949  6.00347   -9.39730  1.000 5.56808  ? 119 VAL A CA  1 
ATOM   730  C  C   . VAL A 1 99  ? -6.31116  5.29031   -9.63099  1.000 8.04139  ? 119 VAL A C   1 
ATOM   731  O  O   . VAL A 1 99  ? -6.27284  4.20862   -10.23313 1.000 7.45043  ? 119 VAL A O   1 
ATOM   732  C  CB  . VAL A 1 99  ? -7.99392  6.93559   -10.58182 1.000 7.90089  ? 119 VAL A CB  1 
ATOM   733  C  CG1 . VAL A 1 99  ? -6.99748  8.07790   -10.68607 1.000 8.02185  ? 119 VAL A CG1 1 
ATOM   734  C  CG2 . VAL A 1 99  ? -8.02970  6.14830   -11.89243 1.000 4.75681  ? 119 VAL A CG2 1 
ATOM   735  N  N   . TYR A 1 100 ? -5.20443  5.86637   -9.15614  1.000 7.87198  ? 120 TYR A N   1 
ATOM   736  C  CA  . TYR A 1 100 ? -3.89872  5.27183   -9.41653  1.000 7.23861  ? 120 TYR A CA  1 
ATOM   737  C  C   . TYR A 1 100 ? -3.67248  4.01529   -8.59851  1.000 7.78485  ? 120 TYR A C   1 
ATOM   738  O  O   . TYR A 1 100 ? -2.80625  3.20437   -8.94900  1.000 10.12931 ? 120 TYR A O   1 
ATOM   739  C  CB  . TYR A 1 100 ? -2.79800  6.30602   -9.15689  1.000 8.58173  ? 120 TYR A CB  1 
ATOM   740  C  CG  . TYR A 1 100 ? -2.96400  7.50838   -10.06182 1.000 9.13602  ? 120 TYR A CG  1 
ATOM   741  C  CD1 . TYR A 1 100 ? -2.70045  7.41005   -11.41940 1.000 9.53639  ? 120 TYR A CD1 1 
ATOM   742  C  CD2 . TYR A 1 100 ? -3.43663  8.71817   -9.57181  1.000 8.75673  ? 120 TYR A CD2 1 
ATOM   743  C  CE1 . TYR A 1 100 ? -2.86919  8.48599   -12.25741 1.000 11.89064 ? 120 TYR A CE1 1 
ATOM   744  C  CE2 . TYR A 1 100 ? -3.62009  9.80114   -10.40670 1.000 10.33832 ? 120 TYR A CE2 1 
ATOM   745  C  CZ  . TYR A 1 100 ? -3.32909  9.67573   -11.75277 1.000 15.14569 ? 120 TYR A CZ  1 
ATOM   746  O  OH  . TYR A 1 100 ? -3.49687  10.74080  -12.60706 1.000 20.26733 ? 120 TYR A OH  1 
ATOM   747  N  N   . PHE A 1 101 ? -4.44244  3.82177   -7.53486  1.000 5.36459  ? 121 PHE A N   1 
ATOM   748  C  CA  . PHE A 1 101 ? -4.32556  2.63131   -6.71224  1.000 6.26205  ? 121 PHE A CA  1 
ATOM   749  C  C   . PHE A 1 101 ? -5.52987  1.71500   -6.85545  1.000 5.88585  ? 121 PHE A C   1 
ATOM   750  O  O   . PHE A 1 101 ? -5.66508  0.75951   -6.08820  1.000 7.47885  ? 121 PHE A O   1 
ATOM   751  C  CB  . PHE A 1 101 ? -4.12108  3.02377   -5.25365  1.000 6.18756  ? 121 PHE A CB  1 
ATOM   752  C  CG  . PHE A 1 101 ? -2.94142  3.94057   -5.03237  1.000 6.60786  ? 121 PHE A CG  1 
ATOM   753  C  CD1 . PHE A 1 101 ? -1.77125  3.78579   -5.76383  1.000 7.47337  ? 121 PHE A CD1 1 
ATOM   754  C  CD2 . PHE A 1 101 ? -3.00796  4.95395   -4.08404  1.000 7.65416  ? 121 PHE A CD2 1 
ATOM   755  C  CE1 . PHE A 1 101 ? -0.67261  4.62905   -5.55292  1.000 8.05718  ? 121 PHE A CE1 1 
ATOM   756  C  CE2 . PHE A 1 101 ? -1.92892  5.79685   -3.86866  1.000 7.52621  ? 121 PHE A CE2 1 
ATOM   757  C  CZ  . PHE A 1 101 ? -0.75388  5.63080   -4.60340  1.000 7.64417  ? 121 PHE A CZ  1 
ATOM   758  N  N   . SER A 1 102 ? -6.39927  1.97955   -7.82411  1.000 7.91521  ? 122 SER A N   1 
ATOM   759  C  CA  . SER A 1 102 ? -7.62014  1.21374   -8.02490  1.000 6.01363  ? 122 SER A CA  1 
ATOM   760  C  C   . SER A 1 102 ? -7.48806  0.30704   -9.24077  1.000 7.29269  ? 122 SER A C   1 
ATOM   761  O  O   . SER A 1 102 ? -6.99782  0.72619   -10.29714 1.000 7.29577  ? 122 SER A O   1 
ATOM   762  C  CB  . SER A 1 102 ? -8.82587  2.14173   -8.21360  1.000 6.73755  ? 122 SER A CB  1 
ATOM   763  O  OG  . SER A 1 102 ? -9.07821  2.89332   -7.03494  1.000 9.04946  ? 122 SER A OG  1 
ATOM   764  N  N   . ASP A 1 103 ? -7.93932  -0.93475  -9.08532  1.000 6.99195  ? 123 ASP A N   1 
ATOM   765  C  CA  . ASP A 1 103 ? -8.15016  -1.79877  -10.23615 1.000 9.32721  ? 123 ASP A CA  1 
ATOM   766  C  C   . ASP A 1 103 ? -9.10329  -1.11697  -11.20977 1.000 8.61536  ? 123 ASP A C   1 
ATOM   767  O  O   . ASP A 1 103 ? -9.99928  -0.36964  -10.80674 1.000 8.14762  ? 123 ASP A O   1 
ATOM   768  C  CB  . ASP A 1 103 ? -8.72460  -3.14702  -9.78192  1.000 6.78608  ? 123 ASP A CB  1 
ATOM   769  C  CG  . ASP A 1 103 ? -8.74980  -4.18839  -10.90072 1.000 14.47356 ? 123 ASP A CG  1 
ATOM   770  O  OD1 . ASP A 1 103 ? -9.71866  -4.22565  -11.67868 1.000 12.60885 ? 123 ASP A OD1 1 
ATOM   771  O  OD2 . ASP A 1 103 ? -7.78970  -4.96951  -11.01263 1.000 12.07047 ? 123 ASP A OD2 1 
ATOM   772  N  N   . LYS A 1 104 ? -8.89494  -1.36743  -12.50274 1.000 7.74352  ? 124 LYS A N   1 
ATOM   773  C  CA  . LYS A 1 104 ? -9.77198  -0.79358  -13.52626 1.000 11.65756 ? 124 LYS A CA  1 
ATOM   774  C  C   . LYS A 1 104 ? -11.23438 -1.17902  -13.32658 1.000 10.19821 ? 124 LYS A C   1 
ATOM   775  O  O   . LYS A 1 104 ? -12.12613 -0.45474  -13.78694 1.000 9.78407  ? 124 LYS A O   1 
ATOM   776  C  CB  . LYS A 1 104 ? -9.32097  -1.24037  -14.91528 1.000 11.43026 ? 124 LYS A CB  1 
ATOM   777  C  CG  . LYS A 1 104 ? -9.34907  -2.76109  -15.10120 1.000 15.56656 ? 124 LYS A CG  1 
ATOM   778  C  CD  . LYS A 1 104 ? -8.96557  -3.14900  -16.52130 1.000 22.19004 ? 124 LYS A CD  1 
ATOM   779  C  CE  . LYS A 1 104 ? -7.70814  -3.98721  -16.56243 1.000 29.46516 ? 124 LYS A CE  1 
ATOM   780  N  NZ  . LYS A 1 104 ? -7.96458  -5.37692  -16.10679 1.000 36.42782 ? 124 LYS A NZ  1 
ATOM   781  N  N   . ASN A 1 105 ? -11.49869 -2.29160  -12.64355 1.000 9.94564  ? 125 ASN A N   1 
ATOM   782  C  CA  . ASN A 1 105 ? -12.86084 -2.78471  -12.44041 1.000 11.41566 ? 125 ASN A CA  1 
ATOM   783  C  C   . ASN A 1 105 ? -13.56683 -2.11115  -11.27649 1.000 10.87175 ? 125 ASN A C   1 
ATOM   784  O  O   . ASN A 1 105 ? -14.80040 -2.07559  -11.24216 1.000 9.70139  ? 125 ASN A O   1 
ATOM   785  C  CB  . ASN A 1 105 ? -12.84281 -4.29356  -12.16926 1.000 13.48270 ? 125 ASN A CB  1 
ATOM   786  C  CG  . ASN A 1 105 ? -12.63952 -5.09597  -13.40865 1.000 17.39008 ? 125 ASN A CG  1 
ATOM   787  O  OD1 . ASN A 1 105 ? -11.51401 -5.45737  -13.75545 1.000 18.82360 ? 125 ASN A OD1 1 
ATOM   788  N  ND2 . ASN A 1 105 ? -13.73358 -5.38602  -14.09983 1.000 14.73912 ? 125 ASN A ND2 1 
ATOM   789  N  N   . LYS A 1 106 ? -12.81880 -1.60431  -10.30309 1.000 9.93230  ? 126 LYS A N   1 
ATOM   790  C  CA  . LYS A 1 106 ? -13.43986 -1.29957  -9.02359  1.000 10.65881 ? 126 LYS A CA  1 
ATOM   791  C  C   . LYS A 1 106 ? -12.50555 -0.41730  -8.21800  1.000 10.90343 ? 126 LYS A C   1 
ATOM   792  O  O   . LYS A 1 106 ? -11.30275 -0.68482  -8.15194  1.000 7.97256  ? 126 LYS A O   1 
ATOM   793  C  CB  . LYS A 1 106 ? -13.73937 -2.59219  -8.25261  1.000 8.90680  ? 126 LYS A CB  1 
ATOM   794  C  CG  . LYS A 1 106 ? -14.38572 -2.40226  -6.89595  1.000 11.98582 ? 126 LYS A CG  1 
ATOM   795  C  CD  . LYS A 1 106 ? -14.67888 -3.75993  -6.24720  1.000 19.95745 ? 126 LYS A CD  1 
ATOM   796  C  CE  . LYS A 1 106 ? -15.42998 -3.61304  -4.93250  1.000 19.79068 ? 126 LYS A CE  1 
ATOM   797  N  NZ  . LYS A 1 106 ? -14.84152 -2.53202  -4.09004  1.000 37.31915 ? 126 LYS A NZ  1 
ATOM   798  N  N   . LYS A 1 107 ? -13.07185 0.61095   -7.59297  1.000 11.02850 ? 127 LYS A N   1 
ATOM   799  C  CA  . LYS A 1 107 ? -12.27809 1.54177   -6.80359  1.000 12.27336 ? 127 LYS A CA  1 
ATOM   800  C  C   . LYS A 1 107 ? -11.77330 0.86857   -5.53352  1.000 11.81705 ? 127 LYS A C   1 
ATOM   801  O  O   . LYS A 1 107 ? -12.47392 0.06006   -4.92364  1.000 12.05360 ? 127 LYS A O   1 
ATOM   802  C  CB  . LYS A 1 107 ? -13.11336 2.77018   -6.45182  1.000 9.20431  ? 127 LYS A CB  1 
ATOM   803  C  CG  . LYS A 1 107 ? -13.60129 3.52311   -7.68623  1.000 11.08956 ? 127 LYS A CG  1 
ATOM   804  C  CD  . LYS A 1 107 ? -14.49283 4.70057   -7.32984  1.000 14.35394 ? 127 LYS A CD  1 
ATOM   805  C  CE  . LYS A 1 107 ? -14.76972 5.55108   -8.55912  1.000 13.70173 ? 127 LYS A CE  1 
ATOM   806  N  NZ  . LYS A 1 107 ? -15.70309 6.66719   -8.25786  1.000 16.62711 ? 127 LYS A NZ  1 
ATOM   807  N  N   . ALA A 1 108 ? -10.54189 1.18633   -5.14685  1.000 11.80021 ? 128 ALA A N   1 
ATOM   808  C  CA  . ALA A 1 108 ? -10.04490 0.73514   -3.85354  1.000 9.81439  ? 128 ALA A CA  1 
ATOM   809  C  C   . ALA A 1 108 ? -10.77780 1.45212   -2.72656  1.000 9.25716  ? 128 ALA A C   1 
ATOM   810  O  O   . ALA A 1 108 ? -11.19918 2.60311   -2.86531  1.000 10.82695 ? 128 ALA A O   1 
ATOM   811  C  CB  . ALA A 1 108 ? -8.54112  0.99128   -3.73226  1.000 11.10923 ? 128 ALA A CB  1 
ATOM   812  N  N   . SER A 1 109 ? -10.94059 0.75609   -1.60307  1.000 8.88308  ? 129 SER A N   1 
ATOM   813  C  CA  . SER A 1 109 ? -11.40659 1.41630   -0.39424  1.000 9.75679  ? 129 SER A CA  1 
ATOM   814  C  C   . SER A 1 109 ? -10.28244 2.27829   0.17355   1.000 10.40777 ? 129 SER A C   1 
ATOM   815  O  O   . SER A 1 109 ? -9.11531  2.10812   -0.16401  1.000 9.31300  ? 129 SER A O   1 
ATOM   816  C  CB  . SER A 1 109 ? -11.85484 0.39215   0.65297   1.000 9.53578  ? 129 SER A CB  1 
ATOM   817  O  OG  . SER A 1 109 ? -12.87509 -0.45030  0.14228   1.000 13.19211 ? 129 SER A OG  1 
ATOM   818  N  N   . TYR A 1 110 ? -10.63652 3.22411   1.03709   1.000 11.31392 ? 130 TYR A N   1 
ATOM   819  C  CA  . TYR A 1 110 ? -9.57700  3.95418   1.72030   1.000 11.26837 ? 130 TYR A CA  1 
ATOM   820  C  C   . TYR A 1 110 ? -10.06512 4.42542   3.07908   1.000 13.65366 ? 130 TYR A C   1 
ATOM   821  O  O   . TYR A 1 110 ? -11.26651 4.60043   3.30362   1.000 10.37064 ? 130 TYR A O   1 
ATOM   822  C  CB  . TYR A 1 110 ? -9.05534  5.14159   0.90012   1.000 12.74208 ? 130 TYR A CB  1 
ATOM   823  C  CG  . TYR A 1 110 ? -10.03079 6.28662   0.73310   1.000 12.15862 ? 130 TYR A CG  1 
ATOM   824  C  CD1 . TYR A 1 110 ? -10.11315 7.30455   1.67833   1.000 16.54304 ? 130 TYR A CD1 1 
ATOM   825  C  CD2 . TYR A 1 110 ? -10.85583 6.36008   -0.37986  1.000 19.52501 ? 130 TYR A CD2 1 
ATOM   826  C  CE1 . TYR A 1 110 ? -11.00870 8.35823   1.52798   1.000 18.51799 ? 130 TYR A CE1 1 
ATOM   827  C  CE2 . TYR A 1 110 ? -11.75140 7.41101   -0.54157  1.000 20.45721 ? 130 TYR A CE2 1 
ATOM   828  C  CZ  . TYR A 1 110 ? -11.82047 8.40146   0.41492   1.000 22.92164 ? 130 TYR A CZ  1 
ATOM   829  O  OH  . TYR A 1 110 ? -12.70759 9.43857   0.25153   1.000 28.22471 ? 130 TYR A OH  1 
ATOM   830  N  N   . LYS A 1 111 ? -9.10342  4.62573   3.97379   1.000 9.85701  ? 131 LYS A N   1 
ATOM   831  C  CA  . LYS A 1 111 ? -9.32343  5.08789   5.33152   1.000 15.48179 ? 131 LYS A CA  1 
ATOM   832  C  C   . LYS A 1 111 ? -8.32615  6.19787   5.62150   1.000 14.65152 ? 131 LYS A C   1 
ATOM   833  O  O   . LYS A 1 111 ? -7.12634  6.03411   5.37724   1.000 13.49322 ? 131 LYS A O   1 
ATOM   834  C  CB  . LYS A 1 111 ? -9.14844  3.94094   6.34140   1.000 18.71007 ? 131 LYS A CB  1 
ATOM   835  C  CG  . LYS A 1 111 ? -9.15016  4.38381   7.79524   1.000 24.60080 ? 131 LYS A CG  1 
ATOM   836  C  CD  . LYS A 1 111 ? -9.37488  3.20226   8.74393   1.000 34.80866 ? 131 LYS A CD  1 
ATOM   837  C  CE  . LYS A 1 111 ? -8.29327  2.14264   8.59523   1.000 38.35667 ? 131 LYS A CE  1 
ATOM   838  N  NZ  . LYS A 1 111 ? -8.42112  1.04611   9.61075   1.000 45.29577 ? 131 LYS A NZ  1 
ATOM   839  N  N   . ILE A 1 112 ? -8.82371  7.31734   6.13269   1.000 14.09005 ? 132 ILE A N   1 
ATOM   840  C  CA  . ILE A 1 112 ? -7.98498  8.41934   6.59115   1.000 15.50661 ? 132 ILE A CA  1 
ATOM   841  C  C   . ILE A 1 112 ? -7.64170  8.17654   8.05033   1.000 13.77963 ? 132 ILE A C   1 
ATOM   842  O  O   . ILE A 1 112 ? -8.53455  7.95139   8.87294   1.000 16.65005 ? 132 ILE A O   1 
ATOM   843  C  CB  . ILE A 1 112 ? -8.70644  9.76686   6.43115   1.000 17.81135 ? 132 ILE A CB  1 
ATOM   844  C  CG1 . ILE A 1 112 ? -9.18972  9.96365   4.99682   1.000 16.20997 ? 132 ILE A CG1 1 
ATOM   845  C  CG2 . ILE A 1 112 ? -7.80530  10.90033  6.88672   1.000 13.87509 ? 132 ILE A CG2 1 
ATOM   846  C  CD1 . ILE A 1 112 ? -8.10261  10.02357  4.02053   1.000 21.69518 ? 132 ILE A CD1 1 
ATOM   847  N  N   . ILE A 1 113 ? -6.35711  8.23604   8.37942   1.000 12.73568 ? 133 ILE A N   1 
ATOM   848  C  CA  . ILE A 1 113 ? -5.86885  7.90467   9.71572   1.000 17.40530 ? 133 ILE A CA  1 
ATOM   849  C  C   . ILE A 1 113 ? -5.20686  9.14042   10.30536  1.000 13.65607 ? 133 ILE A C   1 
ATOM   850  O  O   . ILE A 1 113 ? -4.19347  9.62424   9.77981   1.000 13.12624 ? 133 ILE A O   1 
ATOM   851  C  CB  . ILE A 1 113 ? -4.89231  6.72078   9.68795   1.000 16.26774 ? 133 ILE A CB  1 
ATOM   852  C  CG1 . ILE A 1 113 ? -5.56433  5.50163   9.06128   1.000 16.08473 ? 133 ILE A CG1 1 
ATOM   853  C  CG2 . ILE A 1 113 ? -4.42096  6.39287   11.09543  1.000 19.43573 ? 133 ILE A CG2 1 
ATOM   854  C  CD1 . ILE A 1 113 ? -4.65122  4.31228   8.96078   1.000 21.00278 ? 133 ILE A CD1 1 
ATOM   855  N  N   . ASN A 1 114 ? -5.77993  9.65751   11.38714  1.000 16.86002 ? 134 ASN A N   1 
ATOM   856  C  CA  . ASN A 1 114 ? -5.31248  10.90934  11.97007  1.000 20.29916 ? 134 ASN A CA  1 
ATOM   857  C  C   . ASN A 1 114 ? -4.30008  10.60296  13.06378  1.000 19.34010 ? 134 ASN A C   1 
ATOM   858  O  O   . ASN A 1 114 ? -4.62679  9.93637   14.04919  1.000 21.27796 ? 134 ASN A O   1 
ATOM   859  C  CB  . ASN A 1 114 ? -6.48051  11.72680  12.52354  1.000 18.23415 ? 134 ASN A CB  1 
ATOM   860  C  CG  . ASN A 1 114 ? -6.04811  13.08287  13.07010  1.000 21.03333 ? 134 ASN A CG  1 
ATOM   861  O  OD1 . ASN A 1 114 ? -4.88699  13.48071  12.96120  1.000 24.84587 ? 134 ASN A OD1 1 
ATOM   862  N  ND2 . ASN A 1 114 ? -6.99382  13.80465  13.65520  1.000 30.15611 ? 134 ASN A ND2 1 
ATOM   863  N  N   . TYR A 1 115 ? -3.07460  11.08405  12.88291  1.000 22.00551 ? 135 TYR A N   1 
ATOM   864  C  CA  . TYR A 1 115 ? -2.03289  10.97555  13.89404  1.000 25.36841 ? 135 TYR A CA  1 
ATOM   865  C  C   . TYR A 1 115 ? -1.89018  12.24608  14.71860  1.000 29.04682 ? 135 TYR A C   1 
ATOM   866  O  O   . TYR A 1 115 ? -0.96486  12.34278  15.52822  1.000 34.10003 ? 135 TYR A O   1 
ATOM   867  C  CB  . TYR A 1 115 ? -0.69550  10.62518  13.24197  1.000 20.65726 ? 135 TYR A CB  1 
ATOM   868  C  CG  . TYR A 1 115 ? -0.60617  9.18264   12.82009  1.000 26.82885 ? 135 TYR A CG  1 
ATOM   869  C  CD1 . TYR A 1 115 ? -1.13523  8.76209   11.60530  1.000 22.95747 ? 135 TYR A CD1 1 
ATOM   870  C  CD2 . TYR A 1 115 ? -0.00758  8.23679   13.64022  1.000 24.75243 ? 135 TYR A CD2 1 
ATOM   871  C  CE1 . TYR A 1 115 ? -1.06330  7.44947   11.21509  1.000 19.73383 ? 135 TYR A CE1 1 
ATOM   872  C  CE2 . TYR A 1 115 ? 0.06894   6.91286   13.25975  1.000 24.29887 ? 135 TYR A CE2 1 
ATOM   873  C  CZ  . TYR A 1 115 ? -0.46365  6.52501   12.04513  1.000 24.66150 ? 135 TYR A CZ  1 
ATOM   874  O  OH  . TYR A 1 115 ? -0.39308  5.21432   11.65673  1.000 26.49788 ? 135 TYR A OH  1 
ATOM   875  N  N   . GLY A 1 116 ? -2.77945  13.21768  14.52912  1.000 27.00885 ? 136 GLY A N   1 
ATOM   876  C  CA  . GLY A 1 116 ? -2.68690  14.48388  15.23211  1.000 29.97914 ? 136 GLY A CA  1 
ATOM   877  C  C   . GLY A 1 116 ? -1.82679  15.50059  14.50996  1.000 29.60405 ? 136 GLY A C   1 
ATOM   878  O  O   . GLY A 1 116 ? -2.31992  16.53670  14.05645  1.000 30.04480 ? 136 GLY A O   1 
ATOM   879  N  N   . ASP A 1 117 ? -0.53145  15.21307  14.39387  1.000 32.37366 ? 137 ASP A N   1 
ATOM   880  C  CA  . ASP A 1 117 ? 0.38659   16.10612  13.70022  1.000 33.11152 ? 137 ASP A CA  1 
ATOM   881  C  C   . ASP A 1 117 ? 0.40071   15.89270  12.19376  1.000 34.62547 ? 137 ASP A C   1 
ATOM   882  O  O   . ASP A 1 117 ? 0.97745   16.71794  11.47673  1.000 28.92752 ? 137 ASP A O   1 
ATOM   883  C  CB  . ASP A 1 117 ? 1.80642   15.93108  14.24662  1.000 34.81263 ? 137 ASP A CB  1 
ATOM   884  C  CG  . ASP A 1 117 ? 1.96073   16.47903  15.64958  1.000 50.77408 ? 137 ASP A CG  1 
ATOM   885  O  OD1 . ASP A 1 117 ? 1.31427   17.50313  15.96273  1.000 51.54558 ? 137 ASP A OD1 1 
ATOM   886  O  OD2 . ASP A 1 117 ? 2.72515   15.88427  16.43861  1.000 56.09863 ? 137 ASP A OD2 1 
ATOM   887  N  N   . TYR A 1 118 ? -0.20730  14.81638  11.70382  1.000 24.58971 ? 138 TYR A N   1 
ATOM   888  C  CA  . TYR A 1 118 ? -0.19705  14.48523  10.28450  1.000 21.32800 ? 138 TYR A CA  1 
ATOM   889  C  C   . TYR A 1 118 ? -1.23594  13.39811  10.05552  1.000 16.86015 ? 138 TYR A C   1 
ATOM   890  O  O   . TYR A 1 118 ? -1.80583  12.85088  11.00259  1.000 20.45323 ? 138 TYR A O   1 
ATOM   891  C  CB  . TYR A 1 118 ? 1.18863   14.02517  9.82302   1.000 21.46458 ? 138 TYR A CB  1 
ATOM   892  C  CG  . TYR A 1 118 ? 1.69504   12.82003  10.57589  1.000 24.71548 ? 138 TYR A CG  1 
ATOM   893  C  CD1 . TYR A 1 118 ? 2.36326   12.95935  11.79367  1.000 31.66306 ? 138 TYR A CD1 1 
ATOM   894  C  CD2 . TYR A 1 118 ? 1.49686   11.54170  10.08036  1.000 25.91463 ? 138 TYR A CD2 1 
ATOM   895  C  CE1 . TYR A 1 118 ? 2.81932   11.85085  12.49160  1.000 28.53682 ? 138 TYR A CE1 1 
ATOM   896  C  CE2 . TYR A 1 118 ? 1.94704   10.42814  10.76867  1.000 26.67645 ? 138 TYR A CE2 1 
ATOM   897  C  CZ  . TYR A 1 118 ? 2.61330   10.58758  11.96942  1.000 32.80798 ? 138 TYR A CZ  1 
ATOM   898  O  OH  . TYR A 1 118 ? 3.06127   9.47364   12.64308  1.000 39.05984 ? 138 TYR A OH  1 
ATOM   899  N  N   . TYR A 1 119 ? -1.46571  13.08302  8.78269   1.000 14.21642 ? 139 TYR A N   1 
ATOM   900  C  CA  . TYR A 1 119 ? -2.37670  12.02274  8.37843   1.000 14.03913 ? 139 TYR A CA  1 
ATOM   901  C  C   . TYR A 1 119 ? -1.62539  10.93402  7.62482   1.000 8.94936  ? 139 TYR A C   1 
ATOM   902  O  O   . TYR A 1 119 ? -0.61725  11.19312  6.96952   1.000 10.97258 ? 139 TYR A O   1 
ATOM   903  C  CB  . TYR A 1 119 ? -3.48752  12.53039  7.44270   1.000 14.35922 ? 139 TYR A CB  1 
ATOM   904  C  CG  . TYR A 1 119 ? -4.53248  13.41271  8.05580   1.000 16.91946 ? 139 TYR A CG  1 
ATOM   905  C  CD1 . TYR A 1 119 ? -5.60617  12.86824  8.74734   1.000 15.88593 ? 139 TYR A CD1 1 
ATOM   906  C  CD2 . TYR A 1 119 ? -4.48341  14.78949  7.89298   1.000 16.34525 ? 139 TYR A CD2 1 
ATOM   907  C  CE1 . TYR A 1 119 ? -6.58698  13.67076  9.29212   1.000 22.67621 ? 139 TYR A CE1 1 
ATOM   908  C  CE2 . TYR A 1 119 ? -5.45505  15.60234  8.43735   1.000 21.79063 ? 139 TYR A CE2 1 
ATOM   909  C  CZ  . TYR A 1 119 ? -6.50549  15.03696  9.13611   1.000 25.54635 ? 139 TYR A CZ  1 
ATOM   910  O  OH  . TYR A 1 119 ? -7.48124  15.83828  9.68130   1.000 31.49205 ? 139 TYR A OH  1 
ATOM   911  N  N   . ASP A 1 120 ? -2.14689  9.71784   7.70921   1.000 11.96840 ? 140 ASP A N   1 
ATOM   912  C  CA  . ASP A 1 120 ? -1.90753  8.68294   6.71678   1.000 11.60259 ? 140 ASP A CA  1 
ATOM   913  C  C   . ASP A 1 120 ? -3.21404  8.41766   5.98506   1.000 9.74100  ? 140 ASP A C   1 
ATOM   914  O  O   . ASP A 1 120 ? -4.30248  8.62472   6.53449   1.000 11.71728 ? 140 ASP A O   1 
ATOM   915  C  CB  . ASP A 1 120 ? -1.42385  7.36441   7.34164   1.000 13.26747 ? 140 ASP A CB  1 
ATOM   916  C  CG  . ASP A 1 120 ? -0.00272  7.43705   7.88654   1.000 14.49211 ? 140 ASP A CG  1 
ATOM   917  O  OD1 . ASP A 1 120 ? 0.58361   8.53597   7.95754   1.000 13.60749 ? 140 ASP A OD1 1 
ATOM   918  O  OD2 . ASP A 1 120 ? 0.52795   6.36639   8.24260   1.000 14.94367 ? 140 ASP A OD2 1 
ATOM   919  N  N   . VAL A 1 121 ? -3.10254  7.93507   4.75241   1.000 9.57503  ? 141 VAL A N   1 
ATOM   920  C  CA  . VAL A 1 121 ? -4.23501  7.37762   4.02508   1.000 8.06832  ? 141 VAL A CA  1 
ATOM   921  C  C   . VAL A 1 121 ? -3.88420  5.94980   3.65025   1.000 10.97776 ? 141 VAL A C   1 
ATOM   922  O  O   . VAL A 1 121 ? -2.88279  5.71083   2.96394   1.000 8.51351  ? 141 VAL A O   1 
ATOM   923  C  CB  . VAL A 1 121 ? -4.57950  8.17800   2.76706   1.000 8.10684  ? 141 VAL A CB  1 
ATOM   924  C  CG1 . VAL A 1 121 ? -5.81780  7.57930   2.10966   1.000 9.63074  ? 141 VAL A CG1 1 
ATOM   925  C  CG2 . VAL A 1 121 ? -4.80628  9.62602   3.11366   1.000 9.33811  ? 141 VAL A CG2 1 
ATOM   926  N  N   . ASP A 1 122 ? -4.70437  5.01280   4.08483   1.000 8.66174  ? 142 ASP A N   1 
ATOM   927  C  CA  . ASP A 1 122 ? -4.53924  3.61510   3.72438   1.000 10.56769 ? 142 ASP A CA  1 
ATOM   928  C  C   . ASP A 1 122 ? -5.58743  3.26839   2.67273   1.000 9.22165  ? 142 ASP A C   1 
ATOM   929  O  O   . ASP A 1 122 ? -6.79261  3.34090   2.93838   1.000 9.56427  ? 142 ASP A O   1 
ATOM   930  C  CB  . ASP A 1 122 ? -4.66500  2.71725   4.94980   1.000 11.86593 ? 142 ASP A CB  1 
ATOM   931  C  CG  . ASP A 1 122 ? -4.34248  1.27953   4.63297   1.000 17.42381 ? 142 ASP A CG  1 
ATOM   932  O  OD1 . ASP A 1 122 ? -3.20972  1.00942   4.18864   1.000 15.92348 ? 142 ASP A OD1 1 
ATOM   933  O  OD2 . ASP A 1 122 ? -5.23185  0.42508   4.77871   1.000 20.44405 ? 142 ASP A OD2 1 
ATOM   934  N  N   . TYR A 1 123 ? -5.12385  2.94951   1.47062   1.000 6.94340  ? 143 TYR A N   1 
ATOM   935  C  CA  . TYR A 1 123 ? -5.94936  2.33217   0.44119   1.000 9.12795  ? 143 TYR A CA  1 
ATOM   936  C  C   . TYR A 1 123 ? -5.87964  0.81820   0.58948   1.000 9.87411  ? 143 TYR A C   1 
ATOM   937  O  O   . TYR A 1 123 ? -4.81421  0.26833   0.86134   1.000 8.67878  ? 143 TYR A O   1 
ATOM   938  C  CB  . TYR A 1 123 ? -5.45302  2.72735   -0.94195  1.000 6.33129  ? 143 TYR A CB  1 
ATOM   939  C  CG  . TYR A 1 123 ? -5.56105  4.20544   -1.22706  1.000 6.74741  ? 143 TYR A CG  1 
ATOM   940  C  CD1 . TYR A 1 123 ? -4.52913  5.07369   -0.89836  1.000 5.78774  ? 143 TYR A CD1 1 
ATOM   941  C  CD2 . TYR A 1 123 ? -6.69909  4.72784   -1.82863  1.000 5.84508  ? 143 TYR A CD2 1 
ATOM   942  C  CE1 . TYR A 1 123 ? -4.62532  6.43385   -1.16677  1.000 5.91842  ? 143 TYR A CE1 1 
ATOM   943  C  CE2 . TYR A 1 123 ? -6.80622  6.08913   -2.09924  1.000 8.46206  ? 143 TYR A CE2 1 
ATOM   944  C  CZ  . TYR A 1 123 ? -5.76570  6.92976   -1.76529  1.000 8.14490  ? 143 TYR A CZ  1 
ATOM   945  O  OH  . TYR A 1 123 ? -5.86645  8.27837   -2.03394  1.000 9.85259  ? 143 TYR A OH  1 
ATOM   946  N  N   . TYR A 1 124 ? -6.99928  0.13617   0.37492   1.000 9.79930  ? 144 TYR A N   1 
ATOM   947  C  CA  . TYR A 1 124 ? -6.96596  -1.30057  0.62233   1.000 11.19777 ? 144 TYR A CA  1 
ATOM   948  C  C   . TYR A 1 124 ? -8.12707  -1.97161  -0.08758  1.000 11.42843 ? 144 TYR A C   1 
ATOM   949  O  O   . TYR A 1 124 ? -9.14333  -1.34099  -0.39693  1.000 9.92917  ? 144 TYR A O   1 
ATOM   950  C  CB  . TYR A 1 124 ? -7.02007  -1.60595  2.12482   1.000 8.38177  ? 144 TYR A CB  1 
ATOM   951  C  CG  . TYR A 1 124 ? -8.29231  -1.12304  2.77532   1.000 10.11193 ? 144 TYR A CG  1 
ATOM   952  C  CD1 . TYR A 1 124 ? -8.42164  0.20143   3.18849   1.000 13.35589 ? 144 TYR A CD1 1 
ATOM   953  C  CD2 . TYR A 1 124 ? -9.37253  -1.98197  2.97369   1.000 9.85733  ? 144 TYR A CD2 1 
ATOM   954  C  CE1 . TYR A 1 124 ? -9.58538  0.66108   3.78126   1.000 10.80910 ? 144 TYR A CE1 1 
ATOM   955  C  CE2 . TYR A 1 124 ? -10.55510 -1.52434  3.57676   1.000 14.56559 ? 144 TYR A CE2 1 
ATOM   956  C  CZ  . TYR A 1 124 ? -10.64191 -0.20236  3.97765   1.000 15.76874 ? 144 TYR A CZ  1 
ATOM   957  O  OH  . TYR A 1 124 ? -11.78985 0.27357   4.56231   1.000 18.07748 ? 144 TYR A OH  1 
ATOM   958  N  N   . ASP A 1 125 ? -7.95031  -3.26724  -0.33865  1.000 10.13922 ? 145 ASP A N   1 
ATOM   959  C  CA  . ASP A 1 125 ? -9.02977  -4.14648  -0.76196  1.000 11.47273 ? 145 ASP A CA  1 
ATOM   960  C  C   . ASP A 1 125 ? -9.65676  -4.74372  0.48930   1.000 10.90013 ? 145 ASP A C   1 
ATOM   961  O  O   . ASP A 1 125 ? -8.99458  -5.48098  1.21831   1.000 9.75750  ? 145 ASP A O   1 
ATOM   962  C  CB  . ASP A 1 125 ? -8.50009  -5.24722  -1.67923  1.000 11.11246 ? 145 ASP A CB  1 
ATOM   963  C  CG  . ASP A 1 125 ? -9.60456  -6.16044  -2.19737  1.000 17.57732 ? 145 ASP A CG  1 
ATOM   964  O  OD1 . ASP A 1 125 ? -10.20401 -6.90894  -1.39738  1.000 13.83019 ? 145 ASP A OD1 1 
ATOM   965  O  OD2 . ASP A 1 125 ? -9.89327  -6.10576  -3.40813  1.000 17.78464 ? 145 ASP A OD2 1 
ATOM   966  N  N   . ASN A 1 126 ? -10.92896 -4.43005  0.73104   1.000 11.61864 ? 146 ASN A N   1 
ATOM   967  C  CA  . ASN A 1 126 ? -11.55598 -4.80410  1.99392   1.000 14.30995 ? 146 ASN A CA  1 
ATOM   968  C  C   . ASN A 1 126 ? -11.59386 -6.31428  2.18441   1.000 16.39771 ? 146 ASN A C   1 
ATOM   969  O  O   . ASN A 1 126 ? -11.34620 -6.81173  3.29164   1.000 13.14822 ? 146 ASN A O   1 
ATOM   970  C  CB  . ASN A 1 126 ? -12.96924 -4.23150  2.07782   1.000 17.25792 ? 146 ASN A CB  1 
ATOM   971  C  CG  . ASN A 1 126 ? -13.59659 -4.47056  3.42827   1.000 18.52843 ? 146 ASN A CG  1 
ATOM   972  O  OD1 . ASN A 1 126 ? -13.06538 -4.03683  4.43876   1.000 19.59851 ? 146 ASN A OD1 1 
ATOM   973  N  ND2 . ASN A 1 126 ? -14.72177 -5.17274  3.45305   1.000 20.32070 ? 146 ASN A ND2 1 
ATOM   974  N  N   . ASN A 1 127 ? -11.91022 -7.06009  1.12403   1.000 14.51837 ? 147 ASN A N   1 
ATOM   975  C  CA  . ASN A 1 127 ? -11.94146 -8.51723  1.23209   1.000 17.47314 ? 147 ASN A CA  1 
ATOM   976  C  C   . ASN A 1 127 ? -10.55678 -9.06919  1.53069   1.000 16.41312 ? 147 ASN A C   1 
ATOM   977  O  O   . ASN A 1 127 ? -10.38560 -9.88666  2.44270   1.000 14.37494 ? 147 ASN A O   1 
ATOM   978  C  CB  . ASN A 1 127 ? -12.49226 -9.14190  -0.04793  1.000 18.59215 ? 147 ASN A CB  1 
ATOM   979  C  CG  . ASN A 1 127 ? -13.97289 -8.85703  -0.25349  1.000 36.61213 ? 147 ASN A CG  1 
ATOM   980  O  OD1 . ASN A 1 127 ? -14.72341 -8.63487  0.70192   1.000 33.82579 ? 147 ASN A OD1 1 
ATOM   981  N  ND2 . ASN A 1 127 ? -14.39976 -8.86237  -1.51312  1.000 42.57664 ? 147 ASN A ND2 1 
ATOM   982  N  N   . LEU A 1 128 ? -9.55035  -8.63169  0.76959   1.000 13.24804 ? 148 LEU A N   1 
ATOM   983  C  CA  . LEU A 1 128 ? -8.19664  -9.12724  0.99357   1.000 15.35874 ? 148 LEU A CA  1 
ATOM   984  C  C   . LEU A 1 128 ? -7.70222  -8.76689  2.38472   1.000 16.02919 ? 148 LEU A C   1 
ATOM   985  O  O   . LEU A 1 128 ? -7.06161  -9.58528  3.05507   1.000 13.76996 ? 148 LEU A O   1 
ATOM   986  C  CB  . LEU A 1 128 ? -7.24145  -8.57344  -0.06003  1.000 12.16419 ? 148 LEU A CB  1 
ATOM   987  C  CG  . LEU A 1 128 ? -6.81106  -9.57614  -1.11769  1.000 24.30082 ? 148 LEU A CG  1 
ATOM   988  C  CD1 . LEU A 1 128 ? -5.84224  -8.92960  -2.09944  1.000 18.12800 ? 148 LEU A CD1 1 
ATOM   989  C  CD2 . LEU A 1 128 ? -6.20028  -10.80226 -0.44423  1.000 29.33838 ? 148 LEU A CD2 1 
ATOM   990  N  N   . LYS A 1 129 ? -7.98324  -7.54356  2.83428   1.000 14.19287 ? 149 LYS A N   1 
ATOM   991  C  CA  . LYS A 1 129 ? -7.51016  -7.12934  4.15037   1.000 16.56313 ? 149 LYS A CA  1 
ATOM   992  C  C   . LYS A 1 129 ? -8.16469  -7.95499  5.25053   1.000 15.53590 ? 149 LYS A C   1 
ATOM   993  O  O   . LYS A 1 129 ? -7.51039  -8.32081  6.23083   1.000 12.83306 ? 149 LYS A O   1 
ATOM   994  C  CB  . LYS A 1 129 ? -7.76926  -5.64068  4.35505   1.000 15.19080 ? 149 LYS A CB  1 
ATOM   995  C  CG  . LYS A 1 129 ? -6.93951  -5.01419  5.46374   1.000 22.39253 ? 149 LYS A CG  1 
ATOM   996  C  CD  . LYS A 1 129 ? -6.76940  -3.52555  5.21106   1.000 21.15442 ? 149 LYS A CD  1 
ATOM   997  C  CE  . LYS A 1 129 ? -5.99872  -2.85322  6.32320   1.000 32.85686 ? 149 LYS A CE  1 
ATOM   998  N  NZ  . LYS A 1 129 ? -6.68271  -3.05140  7.62467   1.000 39.97536 ? 149 LYS A NZ  1 
ATOM   999  N  N   . ASN A 1 130 ? -9.45058  -8.27837  5.09675   1.000 15.36592 ? 150 ASN A N   1 
ATOM   1000 C  CA  . ASN A 1 130 ? -10.10096 -9.15952  6.06523   1.000 17.56250 ? 150 ASN A CA  1 
ATOM   1001 C  C   . ASN A 1 130 ? -9.48372  -10.55523 6.05455   1.000 17.58019 ? 150 ASN A C   1 
ATOM   1002 O  O   . ASN A 1 130 ? -9.33174  -11.17834 7.11229   1.000 20.22884 ? 150 ASN A O   1 
ATOM   1003 C  CB  . ASN A 1 130 ? -11.59709 -9.23274  5.78652   1.000 19.04617 ? 150 ASN A CB  1 
ATOM   1004 C  CG  . ASN A 1 130 ? -12.33036 -7.98376  6.23452   1.000 22.93273 ? 150 ASN A CG  1 
ATOM   1005 O  OD1 . ASN A 1 130 ? -11.90131 -7.29633  7.16236   1.000 27.33053 ? 150 ASN A OD1 1 
ATOM   1006 N  ND2 . ASN A 1 130 ? -13.44183 -7.68300  5.57646   1.000 25.77437 ? 150 ASN A ND2 1 
ATOM   1007 N  N   . GLU A 1 131 ? -9.13066  -11.06306 4.86722   1.000 12.55384 ? 151 GLU A N   1 
ATOM   1008 C  CA  . GLU A 1 131 ? -8.42632  -12.33985 4.76600   1.000 20.49523 ? 151 GLU A CA  1 
ATOM   1009 C  C   . GLU A 1 131 ? -7.10010  -12.30940 5.51098   1.000 17.80517 ? 151 GLU A C   1 
ATOM   1010 O  O   . GLU A 1 131 ? -6.73277  -13.28513 6.17885   1.000 14.11812 ? 151 GLU A O   1 
ATOM   1011 C  CB  . GLU A 1 131 ? -8.16063  -12.69627 3.30349   1.000 19.95554 ? 151 GLU A CB  1 
ATOM   1012 C  CG  . GLU A 1 131 ? -9.34826  -13.17051 2.51662   1.000 31.73870 ? 151 GLU A CG  1 
ATOM   1013 C  CD  . GLU A 1 131 ? -8.92781  -13.71867 1.16954   1.000 38.36070 ? 151 GLU A CD  1 
ATOM   1014 O  OE1 . GLU A 1 131 ? -7.75192  -14.13241 1.04112   1.000 42.22786 ? 151 GLU A OE1 1 
ATOM   1015 O  OE2 . GLU A 1 131 ? -9.76525  -13.72928 0.24453   1.000 52.34970 ? 151 GLU A OE2 1 
ATOM   1016 N  N   . VAL A 1 132 ? -6.34434  -11.21828 5.36083   1.000 13.63412 ? 152 VAL A N   1 
ATOM   1017 C  CA  . VAL A 1 132 ? -5.07603  -11.08043 6.07353   1.000 14.75691 ? 152 VAL A CA  1 
ATOM   1018 C  C   . VAL A 1 132 ? -5.31084  -11.12590 7.57629   1.000 14.29231 ? 152 VAL A C   1 
ATOM   1019 O  O   . VAL A 1 132 ? -4.62385  -11.84801 8.30744   1.000 15.45798 ? 152 VAL A O   1 
ATOM   1020 C  CB  . VAL A 1 132 ? -4.35331  -9.78433  5.65538   1.000 14.74762 ? 152 VAL A CB  1 
ATOM   1021 C  CG1 . VAL A 1 132 ? -3.22073  -9.47109  6.63204   1.000 11.27755 ? 152 VAL A CG1 1 
ATOM   1022 C  CG2 . VAL A 1 132 ? -3.80071  -9.91500  4.23893   1.000 11.92702 ? 152 VAL A CG2 1 
ATOM   1023 N  N   . PHE A 1 133 ? -6.29638  -10.36395 8.05770   1.000 13.72170 ? 153 PHE A N   1 
ATOM   1024 C  CA  . PHE A 1 133 ? -6.60095  -10.36645 9.48461   1.000 14.51479 ? 153 PHE A CA  1 
ATOM   1025 C  C   . PHE A 1 133 ? -7.02907  -11.75287 9.95473   1.000 19.34035 ? 153 PHE A C   1 
ATOM   1026 O  O   . PHE A 1 133 ? -6.57420  -12.23725 10.99787  1.000 17.20567 ? 153 PHE A O   1 
ATOM   1027 C  CB  . PHE A 1 133 ? -7.68795  -9.33928  9.78553   1.000 16.26427 ? 153 PHE A CB  1 
ATOM   1028 C  CG  . PHE A 1 133 ? -7.20002  -7.92474  9.78351   1.000 24.76881 ? 153 PHE A CG  1 
ATOM   1029 C  CD1 . PHE A 1 133 ? -5.86326  -7.64203  9.98516   1.000 29.03323 ? 153 PHE A CD1 1 
ATOM   1030 C  CD2 . PHE A 1 133 ? -8.08266  -6.87277  9.57693   1.000 32.89805 ? 153 PHE A CD2 1 
ATOM   1031 C  CE1 . PHE A 1 133 ? -5.40797  -6.33225  9.98340   1.000 34.76982 ? 153 PHE A CE1 1 
ATOM   1032 C  CE2 . PHE A 1 133 ? -7.63626  -5.56337  9.57650   1.000 30.86933 ? 153 PHE A CE2 1 
ATOM   1033 C  CZ  . PHE A 1 133 ? -6.29476  -5.29522  9.78277   1.000 32.75190 ? 153 PHE A CZ  1 
ATOM   1034 N  N   . ASP A 1 134 ? -7.92007  -12.39915 9.20141   1.000 18.78496 ? 154 ASP A N   1 
ATOM   1035 C  CA  . ASP A 1 134 ? -8.33741  -13.75349 9.54466   1.000 20.01957 ? 154 ASP A CA  1 
ATOM   1036 C  C   . ASP A 1 134 ? -7.14298  -14.69601 9.59369   1.000 21.03432 ? 154 ASP A C   1 
ATOM   1037 O  O   . ASP A 1 134 ? -7.02557  -15.52501 10.50536  1.000 19.30800 ? 154 ASP A O   1 
ATOM   1038 C  CB  . ASP A 1 134 ? -9.35695  -14.25890 8.52447   1.000 19.63448 ? 154 ASP A CB  1 
ATOM   1039 C  CG  . ASP A 1 134 ? -10.69479 -13.57444 8.64083   1.000 21.85512 ? 154 ASP A CG  1 
ATOM   1040 O  OD1 . ASP A 1 134 ? -10.90854 -12.80686 9.60269   1.000 24.81852 ? 154 ASP A OD1 1 
ATOM   1041 O  OD2 . ASP A 1 134 ? -11.53656 -13.80600 7.75133   1.000 32.30211 ? 154 ASP A OD2 1 
ATOM   1042 N  N   . TRP A 1 135 ? -6.24898  -14.58184 8.61242   1.000 17.70577 ? 155 TRP A N   1 
ATOM   1043 C  CA  . TRP A 1 135 ? -5.09367  -15.46624 8.54549   1.000 17.31430 ? 155 TRP A CA  1 
ATOM   1044 C  C   . TRP A 1 135 ? -4.17841  -15.27448 9.74676   1.000 18.73896 ? 155 TRP A C   1 
ATOM   1045 O  O   . TRP A 1 135 ? -3.69872  -16.25445 10.32799  1.000 16.59492 ? 155 TRP A O   1 
ATOM   1046 C  CB  . TRP A 1 135 ? -4.34119  -15.22915 7.23953   1.000 18.71753 ? 155 TRP A CB  1 
ATOM   1047 C  CG  . TRP A 1 135 ? -3.28940  -16.23277 6.97346   1.000 18.24762 ? 155 TRP A CG  1 
ATOM   1048 C  CD1 . TRP A 1 135 ? -3.42578  -17.40217 6.28760   1.000 20.79969 ? 155 TRP A CD1 1 
ATOM   1049 C  CD2 . TRP A 1 135 ? -1.93288  -16.17354 7.40470   1.000 16.87396 ? 155 TRP A CD2 1 
ATOM   1050 N  NE1 . TRP A 1 135 ? -2.22940  -18.07106 6.25102   1.000 21.26396 ? 155 TRP A NE1 1 
ATOM   1051 C  CE2 . TRP A 1 135 ? -1.29521  -17.33803 6.93443   1.000 21.89583 ? 155 TRP A CE2 1 
ATOM   1052 C  CE3 . TRP A 1 135 ? -1.19313  -15.24934 8.14192   1.000 15.17245 ? 155 TRP A CE3 1 
ATOM   1053 C  CZ2 . TRP A 1 135 ? 0.04719   -17.60097 7.17665   1.000 25.88896 ? 155 TRP A CZ2 1 
ATOM   1054 C  CZ3 . TRP A 1 135 ? 0.14064   -15.50995 8.37992   1.000 26.12609 ? 155 TRP A CZ3 1 
ATOM   1055 C  CH2 . TRP A 1 135 ? 0.74849   -16.67883 7.90100   1.000 23.83025 ? 155 TRP A CH2 1 
ATOM   1056 N  N   . ILE A 1 136 ? -3.93903  -14.02139 10.14390  1.000 15.15411 ? 156 ILE A N   1 
ATOM   1057 C  CA  . ILE A 1 136 ? -3.08404  -13.74814 11.29709  1.000 19.13996 ? 156 ILE A CA  1 
ATOM   1058 C  C   . ILE A 1 136 ? -3.67723  -14.34794 12.56877  1.000 25.76415 ? 156 ILE A C   1 
ATOM   1059 O  O   . ILE A 1 136 ? -2.95741  -14.92124 13.39640  1.000 21.07545 ? 156 ILE A O   1 
ATOM   1060 C  CB  . ILE A 1 136 ? -2.85317  -12.23491 11.44983  1.000 24.08431 ? 156 ILE A CB  1 
ATOM   1061 C  CG1 . ILE A 1 136 ? -1.92708  -11.71889 10.35172  1.000 23.02848 ? 156 ILE A CG1 1 
ATOM   1062 C  CG2 . ILE A 1 136 ? -2.26249  -11.92347 12.81060  1.000 30.39128 ? 156 ILE A CG2 1 
ATOM   1063 C  CD1 . ILE A 1 136 ? -1.80883  -10.19940 10.34436  1.000 25.39952 ? 156 ILE A CD1 1 
ATOM   1064 N  N   . GLY A 1 137 ? -4.99109  -14.22101 12.75247  1.000 17.97019 ? 157 GLY A N   1 
ATOM   1065 C  CA  . GLY A 1 137 ? -5.60234  -14.76869 13.95051  1.000 23.83016 ? 157 GLY A CA  1 
ATOM   1066 C  C   . GLY A 1 137 ? -5.57145  -16.28251 13.98618  1.000 22.58040 ? 157 GLY A C   1 
ATOM   1067 O  O   . GLY A 1 137 ? -5.47545  -16.87946 15.06209  1.000 23.54705 ? 157 GLY A O   1 
ATOM   1068 N  N   . LYS A 1 138 ? -5.63832  -16.91807 12.81559  1.000 20.55343 ? 158 LYS A N   1 
ATOM   1069 C  CA  . LYS A 1 138 ? -5.64544  -18.37078 12.71639  1.000 22.46165 ? 158 LYS A CA  1 
ATOM   1070 C  C   . LYS A 1 138 ? -4.26381  -18.96437 12.95684  1.000 28.00585 ? 158 LYS A C   1 
ATOM   1071 O  O   . LYS A 1 138 ? -4.13633  -19.99643 13.62474  1.000 24.31516 ? 158 LYS A O   1 
ATOM   1072 C  CB  . LYS A 1 138 ? -6.16283  -18.78679 11.33749  1.000 18.69849 ? 158 LYS A CB  1 
ATOM   1073 C  CG  . LYS A 1 138 ? -6.11504  -20.27856 11.04855  1.000 23.21755 ? 158 LYS A CG  1 
ATOM   1074 C  CD  . LYS A 1 138 ? -6.69642  -20.57355 9.67361   1.000 31.45980 ? 158 LYS A CD  1 
ATOM   1075 C  CE  . LYS A 1 138 ? -6.81293  -22.07169 9.40738   1.000 34.88181 ? 158 LYS A CE  1 
ATOM   1076 N  NZ  . LYS A 1 138 ? -7.28207  -22.36229 8.01306   1.000 33.62066 ? 158 LYS A NZ  1 
ATOM   1077 N  N   . TRP A 1 139 ? -3.22086  -18.33312 12.42232  1.000 22.20779 ? 159 TRP A N   1 
ATOM   1078 C  CA  . TRP A 1 139 ? -1.89536  -18.93392 12.37731  1.000 21.98648 ? 159 TRP A CA  1 
ATOM   1079 C  C   . TRP A 1 139 ? -0.92403  -18.31354 13.36496  1.000 24.84988 ? 159 TRP A C   1 
ATOM   1080 O  O   . TRP A 1 139 ? 0.26035   -18.66502 13.35571  1.000 23.59301 ? 159 TRP A O   1 
ATOM   1081 C  CB  . TRP A 1 139 ? -1.33765  -18.85300 10.95834  1.000 20.34251 ? 159 TRP A CB  1 
ATOM   1082 C  CG  . TRP A 1 139 ? -2.12200  -19.70127 10.02954  1.000 20.74288 ? 159 TRP A CG  1 
ATOM   1083 C  CD1 . TRP A 1 139 ? -3.05832  -19.28575 9.13320   1.000 18.57986 ? 159 TRP A CD1 1 
ATOM   1084 C  CD2 . TRP A 1 139 ? -2.07298  -21.13011 9.93133   1.000 20.85836 ? 159 TRP A CD2 1 
ATOM   1085 N  NE1 . TRP A 1 139 ? -3.58317  -20.36797 8.46127   1.000 21.66793 ? 159 TRP A NE1 1 
ATOM   1086 C  CE2 . TRP A 1 139 ? -2.99472  -21.51164 8.93624   1.000 19.07528 ? 159 TRP A CE2 1 
ATOM   1087 C  CE3 . TRP A 1 139 ? -1.32396  -22.12347 10.57697  1.000 23.18477 ? 159 TRP A CE3 1 
ATOM   1088 C  CZ2 . TRP A 1 139 ? -3.19227  -22.84347 8.57273   1.000 23.44642 ? 159 TRP A CZ2 1 
ATOM   1089 C  CZ3 . TRP A 1 139 ? -1.52080  -23.44882 10.21389  1.000 19.10432 ? 159 TRP A CZ3 1 
ATOM   1090 C  CH2 . TRP A 1 139 ? -2.44832  -23.79518 9.22236   1.000 19.87825 ? 159 TRP A CH2 1 
ATOM   1091 N  N   . SER A 1 140 ? -1.38992  -17.40273 14.20943  1.000 31.48377 ? 160 SER A N   1 
ATOM   1092 C  CA  . SER A 1 140 ? -0.57284  -16.88832 15.29606  1.000 34.43527 ? 160 SER A CA  1 
ATOM   1093 C  C   . SER A 1 140 ? -1.30407  -17.10006 16.61789  1.000 38.02594 ? 160 SER A C   1 
ATOM   1094 O  O   . SER A 1 140 ? -2.53563  -17.13026 16.65855  1.000 42.41085 ? 160 SER A O   1 
ATOM   1095 C  CB  . SER A 1 140 ? -0.25080  -15.41076 15.08359  1.000 32.27898 ? 160 SER A CB  1 
ATOM   1096 O  OG  . SER A 1 140 ? -1.38162  -14.60553 15.36564  1.000 40.54905 ? 160 SER A OG  1 
ATOM   1097 O  OXT . SER A 1 140 ? -0.69058  -17.26188 17.67072  1.000 42.78317 ? 160 SER A OXT 1 
HETATM 1098 CL CL  . CL  B 2 .   ? 15.73743  -3.92494  0.35259   1.000 19.42229 ? 201 CL  A CL  1 
HETATM 1099 N  N1  . EPE C 3 .   ? 2.70214   -4.18772  7.15990   1.000 26.95594 ? 202 EPE A N1  1 
HETATM 1100 C  C2  . EPE C 3 .   ? 4.13199   -4.17982  7.49678   1.000 32.99504 ? 202 EPE A C2  1 
HETATM 1101 C  C3  . EPE C 3 .   ? 4.87951   -5.36805  6.90064   1.000 35.08406 ? 202 EPE A C3  1 
HETATM 1102 N  N4  . EPE C 3 .   ? 4.18794   -6.63577  7.01251   1.000 37.34838 ? 202 EPE A N4  1 
HETATM 1103 C  C5  . EPE C 3 .   ? 2.73260   -6.62411  6.95581   1.000 38.84246 ? 202 EPE A C5  1 
HETATM 1104 C  C6  . EPE C 3 .   ? 2.10945   -5.42885  7.67803   1.000 40.87195 ? 202 EPE A C6  1 
HETATM 1105 C  C7  . EPE C 3 .   ? 4.86379   -7.80838  6.47643   1.000 28.33674 ? 202 EPE A C7  1 
HETATM 1106 C  C8  . EPE C 3 .   ? 6.37112   -7.85130  6.69961   1.000 23.94120 ? 202 EPE A C8  1 
HETATM 1107 O  O8  . EPE C 3 .   ? 6.65588   -8.38264  7.97878   1.000 29.53453 ? 202 EPE A O8  1 
HETATM 1108 C  C9  . EPE C 3 .   ? 2.10505   -3.01440  7.83232   1.000 32.15860 ? 202 EPE A C9  1 
HETATM 1109 C  C10 . EPE C 3 .   ? 1.14755   -2.33473  6.87744   1.000 13.72491 ? 202 EPE A C10 1 
HETATM 1110 S  S   . EPE C 3 .   ? 1.02356   -0.53186  6.94367   1.000 16.19730 ? 202 EPE A S   1 
HETATM 1111 O  O1S . EPE C 3 .   ? 1.71740   0.03253   8.10146   1.000 20.46672 ? 202 EPE A O1S 1 
HETATM 1112 O  O2S . EPE C 3 .   ? -0.39019  -0.20998  6.96100   1.000 16.78968 ? 202 EPE A O2S 1 
HETATM 1113 O  O3S . EPE C 3 .   ? 1.61243   -0.04287  5.71482   1.000 10.84497 ? 202 EPE A O3S 1 
HETATM 1114 O  O   . HOH D 4 .   ? 7.41305   -6.83998  9.54760   0.500 23.89340 ? 301 HOH A O   1 
HETATM 1115 O  O   . HOH D 4 .   ? 4.30117   6.78819   -10.29600 1.000 26.94010 ? 302 HOH A O   1 
HETATM 1116 O  O   . HOH D 4 .   ? -13.19436 11.97976  6.12383   1.000 38.40800 ? 303 HOH A O   1 
HETATM 1117 O  O   . HOH D 4 .   ? 12.96491  -12.20970 6.04688   1.000 19.63830 ? 304 HOH A O   1 
HETATM 1118 O  O   . HOH D 4 .   ? -1.40070  18.39425  -2.14133  1.000 32.86754 ? 305 HOH A O   1 
HETATM 1119 O  O   . HOH D 4 .   ? -15.78561 -6.37057  1.05370   1.000 34.10208 ? 306 HOH A O   1 
HETATM 1120 O  O   . HOH D 4 .   ? -14.89239 -0.02974  -3.73147  1.000 27.88463 ? 307 HOH A O   1 
HETATM 1121 O  O   . HOH D 4 .   ? -8.30961  -6.31928  -13.09175 1.000 29.77387 ? 308 HOH A O   1 
HETATM 1122 O  O   . HOH D 4 .   ? -6.88060  18.88565  6.98294   1.000 18.81327 ? 309 HOH A O   1 
HETATM 1123 O  O   . HOH D 4 .   ? 12.44360  5.91198   -1.91568  1.000 16.23388 ? 310 HOH A O   1 
HETATM 1124 O  O   . HOH D 4 .   ? -2.06488  10.91622  -14.70299 1.000 30.56819 ? 311 HOH A O   1 
HETATM 1125 O  O   . HOH D 4 .   ? 8.29922   12.31642  2.28477   1.000 22.56717 ? 312 HOH A O   1 
HETATM 1126 O  O   . HOH D 4 .   ? 2.68329   2.29453   8.77020   1.000 13.86892 ? 313 HOH A O   1 
HETATM 1127 O  O   . HOH D 4 .   ? -4.27453  -6.29326  -5.76173  1.000 13.26940 ? 314 HOH A O   1 
HETATM 1128 O  O   . HOH D 4 .   ? 13.07613  -10.93522 -12.26809 1.000 16.00003 ? 315 HOH A O   1 
HETATM 1129 O  O   . HOH D 4 .   ? 16.94733  -2.71319  -9.90603  1.000 8.48404  ? 316 HOH A O   1 
HETATM 1130 O  O   . HOH D 4 .   ? 1.05943   18.46840  9.57621   1.000 28.66309 ? 317 HOH A O   1 
HETATM 1131 O  O   . HOH D 4 .   ? 14.52112  -5.53672  -6.28416  1.000 14.02676 ? 318 HOH A O   1 
HETATM 1132 O  O   . HOH D 4 .   ? 1.40776   2.25476   -14.99774 1.000 28.80755 ? 319 HOH A O   1 
HETATM 1133 O  O   . HOH D 4 .   ? -10.92888 0.31132   9.46434   1.000 38.53283 ? 320 HOH A O   1 
HETATM 1134 O  O   . HOH D 4 .   ? 15.83881  -0.89160  -13.56475 1.000 17.83933 ? 321 HOH A O   1 
HETATM 1135 O  O   . HOH D 4 .   ? -8.67678  17.31474  7.85047   1.000 33.06753 ? 322 HOH A O   1 
HETATM 1136 O  O   . HOH D 4 .   ? -12.49298 -2.76441  -1.06977  1.000 13.65153 ? 323 HOH A O   1 
HETATM 1137 O  O   . HOH D 4 .   ? 2.84904   5.24310   -14.33148 1.000 20.07705 ? 324 HOH A O   1 
HETATM 1138 O  O   . HOH D 4 .   ? -2.39131  -1.78794  5.66317   1.000 19.23568 ? 325 HOH A O   1 
HETATM 1139 O  O   . HOH D 4 .   ? 4.71069   -10.51074 -11.62013 1.000 24.11068 ? 326 HOH A O   1 
HETATM 1140 O  O   . HOH D 4 .   ? -9.13511  -16.04858 12.04299  1.000 29.74535 ? 327 HOH A O   1 
HETATM 1141 O  O   . HOH D 4 .   ? -10.66587 -10.25317 -8.48390  1.000 31.06957 ? 328 HOH A O   1 
HETATM 1142 O  O   . HOH D 4 .   ? 3.39195   5.49025   11.30527  1.000 31.42317 ? 329 HOH A O   1 
HETATM 1143 O  O   . HOH D 4 .   ? 10.70607  8.11555   -4.24086  1.000 27.04036 ? 330 HOH A O   1 
HETATM 1144 O  O   . HOH D 4 .   ? -2.02125  -15.34299 -4.41607  1.000 35.45972 ? 331 HOH A O   1 
HETATM 1145 O  O   . HOH D 4 .   ? 15.33510  0.97550   -7.73258  1.000 20.87523 ? 332 HOH A O   1 
HETATM 1146 O  O   . HOH D 4 .   ? -14.77537 -7.14593  -15.85948 1.000 16.07045 ? 333 HOH A O   1 
HETATM 1147 O  O   . HOH D 4 .   ? 14.66836  2.99518   -16.77292 1.000 34.84059 ? 334 HOH A O   1 
HETATM 1148 O  O   . HOH D 4 .   ? 6.34260   -3.81396  -13.98813 1.000 16.57945 ? 335 HOH A O   1 
HETATM 1149 O  O   . HOH D 4 .   ? -5.01163  -15.42509 17.30745  1.000 35.86524 ? 336 HOH A O   1 
HETATM 1150 O  O   . HOH D 4 .   ? 3.43532   0.47498   -15.85565 1.000 25.72638 ? 337 HOH A O   1 
HETATM 1151 O  O   . HOH D 4 .   ? 3.59194   15.83915  2.35991   1.000 33.33177 ? 338 HOH A O   1 
HETATM 1152 O  O   . HOH D 4 .   ? -10.76887 -15.32785 5.58140   1.000 34.22569 ? 339 HOH A O   1 
HETATM 1153 O  O   . HOH D 4 .   ? -13.18662 -6.04603  -1.10644  1.000 28.01400 ? 340 HOH A O   1 
HETATM 1154 O  O   . HOH D 4 .   ? 2.99720   8.04320   9.23206   1.000 19.35182 ? 341 HOH A O   1 
HETATM 1155 O  O   . HOH D 4 .   ? 0.84585   10.47443  -8.45030  1.000 21.88025 ? 342 HOH A O   1 
HETATM 1156 O  O   . HOH D 4 .   ? -12.29040 2.90365   5.38964   1.000 32.46700 ? 343 HOH A O   1 
HETATM 1157 O  O   . HOH D 4 .   ? 3.28212   -11.74400 -0.43082  1.000 13.20291 ? 344 HOH A O   1 
HETATM 1158 O  O   . HOH D 4 .   ? -11.60657 7.51540   6.50589   1.000 17.58514 ? 345 HOH A O   1 
HETATM 1159 O  O   . HOH D 4 .   ? -7.81418  8.25561   12.74538  1.000 34.42930 ? 346 HOH A O   1 
HETATM 1160 O  O   . HOH D 4 .   ? 11.04755  -12.11761 8.50119   1.000 9.67488  ? 347 HOH A O   1 
HETATM 1161 O  O   . HOH D 4 .   ? -10.41596 -9.26747  -2.95946  1.000 27.22721 ? 348 HOH A O   1 
HETATM 1162 O  O   . HOH D 4 .   ? -16.95523 -1.36695  -9.53858  1.000 13.99031 ? 349 HOH A O   1 
HETATM 1163 O  O   . HOH D 4 .   ? -15.52861 9.36407   -9.14885  1.000 21.27922 ? 350 HOH A O   1 
HETATM 1164 O  O   . HOH D 4 .   ? 12.55106  -16.26231 -1.67397  1.000 34.37182 ? 351 HOH A O   1 
HETATM 1165 O  O   . HOH D 4 .   ? -13.59699 8.22217   -5.78358  1.000 22.02517 ? 352 HOH A O   1 
HETATM 1166 O  O   . HOH D 4 .   ? -7.21836  -15.98003 5.30553   1.000 28.26986 ? 353 HOH A O   1 
HETATM 1167 O  O   . HOH D 4 .   ? 5.92050   13.50436  3.74279   0.500 18.35156 ? 354 HOH A O   1 
HETATM 1168 O  O   . HOH D 4 .   ? -9.54982  6.19608   10.93032  1.000 32.52426 ? 355 HOH A O   1 
HETATM 1169 O  O   . HOH D 4 .   ? -5.80704  -20.57029 6.28819   1.000 25.06963 ? 356 HOH A O   1 
HETATM 1170 O  O   . HOH D 4 .   ? 4.21416   17.82286  -0.39088  1.000 23.84057 ? 357 HOH A O   1 
HETATM 1171 O  O   . HOH D 4 .   ? 13.56183  -7.70213  -5.95892  1.000 16.87759 ? 358 HOH A O   1 
HETATM 1172 O  O   . HOH D 4 .   ? 8.55589   2.06450   -14.69882 1.000 16.63054 ? 359 HOH A O   1 
HETATM 1173 O  O   . HOH D 4 .   ? 0.77796   -13.05506 -7.67246  1.000 28.05367 ? 360 HOH A O   1 
HETATM 1174 O  O   . HOH D 4 .   ? 0.58058   -7.08857  -11.80416 1.000 14.04044 ? 361 HOH A O   1 
HETATM 1175 O  O   . HOH D 4 .   ? -10.63320 -4.56872  6.00888   1.000 27.18698 ? 362 HOH A O   1 
HETATM 1176 O  O   . HOH D 4 .   ? 14.58793  -14.65846 -0.56767  1.000 22.31974 ? 363 HOH A O   1 
HETATM 1177 O  O   . HOH D 4 .   ? 14.91881  7.81386   1.86346   1.000 32.82471 ? 364 HOH A O   1 
HETATM 1178 O  O   . HOH D 4 .   ? 1.21032   16.51283  2.36230   1.000 21.46531 ? 365 HOH A O   1 
HETATM 1179 O  O   . HOH D 4 .   ? -11.68661 16.00249  4.22875   1.000 26.07391 ? 366 HOH A O   1 
HETATM 1180 O  O   . HOH D 4 .   ? -16.04449 0.82705   -7.98301  1.000 11.64505 ? 367 HOH A O   1 
HETATM 1181 O  O   . HOH D 4 .   ? 2.52423   -7.21939  3.63878   1.000 15.97199 ? 368 HOH A O   1 
HETATM 1182 O  O   . HOH D 4 .   ? 14.39029  8.92673   -13.25740 1.000 31.95592 ? 369 HOH A O   1 
HETATM 1183 O  O   . HOH D 4 .   ? -9.67339  17.62596  5.28190   1.000 24.04057 ? 370 HOH A O   1 
HETATM 1184 O  O   . HOH D 4 .   ? -13.64380 3.64079   1.05263   1.000 18.47617 ? 371 HOH A O   1 
HETATM 1185 O  O   . HOH D 4 .   ? -8.91211  -1.02814  7.08062   1.000 32.09081 ? 372 HOH A O   1 
HETATM 1186 O  O   . HOH D 4 .   ? 7.97917   10.71615  -7.18860  1.000 16.93716 ? 373 HOH A O   1 
HETATM 1187 O  O   . HOH D 4 .   ? -12.89016 -6.39704  -4.03102  1.000 27.54358 ? 374 HOH A O   1 
HETATM 1188 O  O   . HOH D 4 .   ? -13.40913 19.47429  -1.27575  1.000 32.23446 ? 375 HOH A O   1 
HETATM 1189 O  O   . HOH D 4 .   ? -5.79881  -7.91497  -12.32781 1.000 35.69040 ? 376 HOH A O   1 
HETATM 1190 O  O   . HOH D 4 .   ? 12.68026  -8.58278  5.99594   1.000 16.45183 ? 377 HOH A O   1 
HETATM 1191 O  O   . HOH D 4 .   ? 13.91406  7.40883   -4.58583  1.000 19.74765 ? 378 HOH A O   1 
HETATM 1192 O  O   . HOH D 4 .   ? 10.41007  -12.91480 -9.50213  1.000 14.37110 ? 379 HOH A O   1 
HETATM 1193 O  O   . HOH D 4 .   ? 1.75870   -6.14112  -13.66129 1.000 18.08679 ? 380 HOH A O   1 
HETATM 1194 O  O   . HOH D 4 .   ? -14.83323 1.47408   -1.38968  1.000 30.72552 ? 381 HOH A O   1 
HETATM 1195 O  O   . HOH D 4 .   ? 5.81300   -11.28738 -7.89950  1.000 5.37070  ? 382 HOH A O   1 
HETATM 1196 O  O   . HOH D 4 .   ? 4.29257   -19.95532 2.05313   1.000 32.39013 ? 383 HOH A O   1 
HETATM 1197 O  O   . HOH D 4 .   ? 12.24045  -19.16607 1.36938   1.000 33.40037 ? 384 HOH A O   1 
HETATM 1198 O  O   . HOH D 4 .   ? -16.40479 -6.31969  5.92153   1.000 35.90513 ? 385 HOH A O   1 
HETATM 1199 O  O   . HOH D 4 .   ? -15.06101 -3.61748  -1.05883  1.000 23.68609 ? 386 HOH A O   1 
HETATM 1200 O  O   . HOH D 4 .   ? 1.44607   -21.14532 6.78385   1.000 32.23836 ? 387 HOH A O   1 
HETATM 1201 O  O   . HOH D 4 .   ? 3.40000   -19.46979 8.97383   1.000 31.82484 ? 388 HOH A O   1 
HETATM 1202 O  O   . HOH D 4 .   ? 3.45306   -16.14253 -0.69830  1.000 30.94285 ? 389 HOH A O   1 
HETATM 1203 O  O   . HOH D 4 .   ? 5.07052   -13.85285 -0.01252  1.000 21.15902 ? 390 HOH A O   1 
HETATM 1204 O  O   . HOH D 4 .   ? 17.05514  1.37128   -9.60872  1.000 24.64496 ? 391 HOH A O   1 
HETATM 1205 O  O   . HOH D 4 .   ? -11.10083 20.19667  3.80207   0.500 21.44953 ? 392 HOH A O   1 
HETATM 1206 O  O   . HOH D 4 .   ? 7.75590   12.42931  4.87122   1.000 31.73291 ? 393 HOH A O   1 
HETATM 1207 O  O   . HOH D 4 .   ? 0.83534   13.20760  -8.33488  1.000 32.12775 ? 394 HOH A O   1 
HETATM 1208 O  O   . HOH D 4 .   ? 14.95044  -9.51920  3.71401   1.000 21.34485 ? 395 HOH A O   1 
HETATM 1209 O  O   . HOH D 4 .   ? 1.38553   19.02205  0.66297   1.000 34.99085 ? 396 HOH A O   1 
HETATM 1210 O  O   . HOH D 4 .   ? 17.01464  -3.86183  -6.84240  1.000 15.30503 ? 397 HOH A O   1 
HETATM 1211 O  O   . HOH D 4 .   ? 6.78995   -9.22058  -13.18272 1.000 26.95592 ? 398 HOH A O   1 
HETATM 1212 O  O   . HOH D 4 .   ? -6.01296  -10.78003 -7.90556  1.000 31.66357 ? 399 HOH A O   1 
HETATM 1213 O  O   . HOH D 4 .   ? 3.49702   8.96300   -10.72570 1.000 37.98648 ? 400 HOH A O   1 
HETATM 1214 O  O   . HOH D 4 .   ? -11.93637 14.00692  6.03567   1.000 40.57144 ? 401 HOH A O   1 
HETATM 1215 O  O   . HOH D 4 .   ? -10.13831 14.36371  7.51731   1.000 36.93915 ? 402 HOH A O   1 
HETATM 1216 O  O   . HOH D 4 .   ? -6.91855  -17.99580 7.06679   1.000 25.24952 ? 403 HOH A O   1 
HETATM 1217 O  O   . HOH D 4 .   ? -16.69515 0.49600   -5.49037  1.000 29.33539 ? 404 HOH A O   1 
HETATM 1218 O  O   . HOH D 4 .   ? -6.10531  -16.87808 3.24327   1.000 30.84613 ? 405 HOH A O   1 
HETATM 1219 O  O   . HOH D 4 .   ? 1.71345   -9.01819  8.91866   0.500 19.54662 ? 406 HOH A O   1 
HETATM 1220 O  O   . HOH D 4 .   ? 6.95893   -1.43849  -15.61514 0.500 12.49708 ? 407 HOH A O   1 
HETATM 1221 O  O   . HOH D 4 .   ? 14.75053  -17.35225 5.12428   1.000 28.68180 ? 408 HOH A O   1 
HETATM 1222 O  O   . HOH D 4 .   ? -1.75968  3.97655   -13.56468 1.000 12.79762 ? 409 HOH A O   1 
HETATM 1223 O  O   . HOH D 4 .   ? -12.56039 9.88144   7.70774   1.000 34.97901 ? 410 HOH A O   1 
HETATM 1224 O  O   . HOH D 4 .   ? 7.36521   9.71497   -9.15802  1.000 30.64228 ? 411 HOH A O   1 
HETATM 1225 O  O   . HOH D 4 .   ? 8.47523   -0.03824  -16.08390 0.500 14.54023 ? 412 HOH A O   1 
HETATM 1226 O  O   . HOH D 4 .   ? 14.71551  7.51808   -0.33373  0.500 21.85136 ? 413 HOH A O   1 
HETATM 1227 O  O   . HOH D 4 .   ? 13.82608  -10.58313 8.36828   1.000 10.06712 ? 414 HOH A O   1 
HETATM 1228 O  O   . HOH D 4 .   ? -2.16306  2.48926   -15.90805 1.000 30.52432 ? 415 HOH A O   1 
HETATM 1229 O  O   . HOH D 4 .   ? 6.43975   -6.38438  -14.93566 1.000 29.32004 ? 416 HOH A O   1 
HETATM 1230 O  O   . HOH D 4 .   ? 3.78087   -7.60847  -15.23914 1.000 36.02595 ? 417 HOH A O   1 
HETATM 1231 O  O   . HOH D 4 .   ? 3.01090   -10.53452 9.80947   1.000 32.75156 ? 418 HOH A O   1 
HETATM 1232 O  O   . HOH D 4 .   ? -1.16056  8.40718   -16.22081 1.000 37.84052 ? 419 HOH A O   1 
HETATM 1233 O  O   . HOH D 4 .   ? -0.56851  6.23078   -14.54692 1.000 22.22026 ? 420 HOH A O   1 
# 
